data_1SVY
# 
_entry.id   1SVY 
# 
_audit_conform.dict_name       mmcif_pdbx.dic 
_audit_conform.dict_version    5.398 
_audit_conform.dict_location   http://mmcif.pdb.org/dictionaries/ascii/mmcif_pdbx.dic 
# 
loop_
_database_2.database_id 
_database_2.database_code 
_database_2.pdbx_database_accession 
_database_2.pdbx_DOI 
PDB   1SVY         pdb_00001svy 10.2210/pdb1svy/pdb 
WWPDB D_1000176536 ?            ?                   
# 
loop_
_pdbx_audit_revision_history.ordinal 
_pdbx_audit_revision_history.data_content_type 
_pdbx_audit_revision_history.major_revision 
_pdbx_audit_revision_history.minor_revision 
_pdbx_audit_revision_history.revision_date 
1 'Structure model' 1 0 1999-08-10 
2 'Structure model' 1 1 2008-03-24 
3 'Structure model' 1 2 2011-07-13 
4 'Structure model' 1 3 2024-06-05 
5 'Structure model' 1 4 2024-11-13 
# 
_pdbx_audit_revision_details.ordinal             1 
_pdbx_audit_revision_details.revision_ordinal    1 
_pdbx_audit_revision_details.data_content_type   'Structure model' 
_pdbx_audit_revision_details.provider            repository 
_pdbx_audit_revision_details.type                'Initial release' 
_pdbx_audit_revision_details.description         ? 
_pdbx_audit_revision_details.details             ? 
# 
loop_
_pdbx_audit_revision_group.ordinal 
_pdbx_audit_revision_group.revision_ordinal 
_pdbx_audit_revision_group.data_content_type 
_pdbx_audit_revision_group.group 
1 2 'Structure model' 'Version format compliance' 
2 3 'Structure model' 'Version format compliance' 
3 4 'Structure model' 'Data collection'           
4 4 'Structure model' 'Database references'       
5 4 'Structure model' 'Derived calculations'      
6 4 'Structure model' Other                       
7 5 'Structure model' 'Structure summary'         
# 
loop_
_pdbx_audit_revision_category.ordinal 
_pdbx_audit_revision_category.revision_ordinal 
_pdbx_audit_revision_category.data_content_type 
_pdbx_audit_revision_category.category 
1  4 'Structure model' chem_comp_atom            
2  4 'Structure model' chem_comp_bond            
3  4 'Structure model' database_2                
4  4 'Structure model' pdbx_database_status      
5  4 'Structure model' pdbx_struct_conn_angle    
6  4 'Structure model' struct_conn               
7  4 'Structure model' struct_ref_seq_dif        
8  4 'Structure model' struct_site               
9  5 'Structure model' pdbx_entry_details        
10 5 'Structure model' pdbx_modification_feature 
# 
loop_
_pdbx_audit_revision_item.ordinal 
_pdbx_audit_revision_item.revision_ordinal 
_pdbx_audit_revision_item.data_content_type 
_pdbx_audit_revision_item.item 
1  4 'Structure model' '_database_2.pdbx_DOI'                        
2  4 'Structure model' '_database_2.pdbx_database_accession'         
3  4 'Structure model' '_pdbx_database_status.process_site'          
4  4 'Structure model' '_pdbx_struct_conn_angle.ptnr1_auth_comp_id'  
5  4 'Structure model' '_pdbx_struct_conn_angle.ptnr1_auth_seq_id'   
6  4 'Structure model' '_pdbx_struct_conn_angle.ptnr1_label_asym_id' 
7  4 'Structure model' '_pdbx_struct_conn_angle.ptnr1_label_atom_id' 
8  4 'Structure model' '_pdbx_struct_conn_angle.ptnr1_label_comp_id' 
9  4 'Structure model' '_pdbx_struct_conn_angle.ptnr1_label_seq_id'  
10 4 'Structure model' '_pdbx_struct_conn_angle.ptnr3_auth_comp_id'  
11 4 'Structure model' '_pdbx_struct_conn_angle.ptnr3_auth_seq_id'   
12 4 'Structure model' '_pdbx_struct_conn_angle.ptnr3_label_asym_id' 
13 4 'Structure model' '_pdbx_struct_conn_angle.ptnr3_label_atom_id' 
14 4 'Structure model' '_pdbx_struct_conn_angle.ptnr3_label_comp_id' 
15 4 'Structure model' '_pdbx_struct_conn_angle.ptnr3_label_seq_id'  
16 4 'Structure model' '_pdbx_struct_conn_angle.value'               
17 4 'Structure model' '_struct_conn.pdbx_dist_value'                
18 4 'Structure model' '_struct_conn.pdbx_leaving_atom_flag'         
19 4 'Structure model' '_struct_conn.ptnr1_auth_comp_id'             
20 4 'Structure model' '_struct_conn.ptnr1_auth_seq_id'              
21 4 'Structure model' '_struct_conn.ptnr1_label_asym_id'            
22 4 'Structure model' '_struct_conn.ptnr1_label_atom_id'            
23 4 'Structure model' '_struct_conn.ptnr1_label_comp_id'            
24 4 'Structure model' '_struct_conn.ptnr1_label_seq_id'             
25 4 'Structure model' '_struct_conn.ptnr2_auth_comp_id'             
26 4 'Structure model' '_struct_conn.ptnr2_auth_seq_id'              
27 4 'Structure model' '_struct_conn.ptnr2_label_asym_id'            
28 4 'Structure model' '_struct_conn.ptnr2_label_atom_id'            
29 4 'Structure model' '_struct_conn.ptnr2_label_comp_id'            
30 4 'Structure model' '_struct_conn.ptnr2_label_seq_id'             
31 4 'Structure model' '_struct_ref_seq_dif.details'                 
32 4 'Structure model' '_struct_site.pdbx_auth_asym_id'              
33 4 'Structure model' '_struct_site.pdbx_auth_comp_id'              
34 4 'Structure model' '_struct_site.pdbx_auth_seq_id'               
# 
_pdbx_database_status.status_code                     REL 
_pdbx_database_status.entry_id                        1SVY 
_pdbx_database_status.recvd_initial_deposition_date   1998-08-10 
_pdbx_database_status.deposit_site                    ? 
_pdbx_database_status.process_site                    BNL 
_pdbx_database_status.SG_entry                        . 
_pdbx_database_status.pdb_format_compatible           Y 
_pdbx_database_status.status_code_mr                  ? 
_pdbx_database_status.status_code_sf                  ? 
_pdbx_database_status.status_code_cs                  ? 
_pdbx_database_status.status_code_nmr_data            ? 
_pdbx_database_status.methods_development_category    ? 
# 
loop_
_audit_author.name 
_audit_author.pdbx_ordinal 
'Puius, Y.A.'    1 
'Fedorov, E.V.'  2 
'Eichinger, L.'  3 
'Sullivan, M.'   4 
'Schleicher, M.' 5 
'Almo, S.C.'     6 
# 
loop_
_citation.id 
_citation.title 
_citation.journal_abbrev 
_citation.journal_volume 
_citation.page_first 
_citation.page_last 
_citation.year 
_citation.journal_id_ASTM 
_citation.country 
_citation.journal_id_ISSN 
_citation.journal_id_CSD 
_citation.book_publisher 
_citation.pdbx_database_id_PubMed 
_citation.pdbx_database_id_DOI 
primary 'Mapping the functional surface of domain 2 in the gelsolin superfamily.'                                           
Biochemistry 39  5322 5331 2000 BICHAW US 0006-2960 0033 ? 10820002 10.1021/bi992364d 
1       'Structure of Severin Domain 2 in Solution'                                                                         
J.Mol.Biol.  247 21   ?    1995 JMOBAK UK 0022-2836 0070 ? ?        ?                 
2       'Characterization of Actin-and Lipid-Binding Domains in Severin, a Ca(2+)-Dependent F-Actin Fragmenting Protein'    
Biochemistry 31  4779 ?    1992 BICHAW US 0006-2960 0033 ? ?        ?                 
3       'Severin, Gelsolin, and Villin Share a Homologous Sequence in Regions Presumed to Contain F-Actin Severing Domains' 
J.Biol.Chem. 263 722  ?    1988 JBCHA3 US 0021-9258 0071 ? ?        ?                 
# 
loop_
_citation_author.citation_id 
_citation_author.name 
_citation_author.ordinal 
_citation_author.identifier_ORCID 
primary 'Puius, Y.A.'    1  ? 
primary 'Fedorov, E.V.'  2  ? 
primary 'Eichinger, L.'  3  ? 
primary 'Schleicher, M.' 4  ? 
primary 'Almo, S.C.'     5  ? 
1       'Schnuchel, A.'  6  ? 
1       'Wiltscheck, R.' 7  ? 
1       'Eichinger, L.'  8  ? 
1       'Schleicher, M.' 9  ? 
1       'Holak, T.A.'    10 ? 
2       'Eichinger, L.'  11 ? 
2       'Schleicher, M.' 12 ? 
3       'Andre, E.'      13 ? 
3       'Lottspeich, F.' 14 ? 
3       'Schleicher, M.' 15 ? 
3       'Noegel, A.'     16 ? 
# 
loop_
_entity.id 
_entity.type 
_entity.src_method 
_entity.pdbx_description 
_entity.formula_weight 
_entity.pdbx_number_of_molecules 
_entity.pdbx_ec 
_entity.pdbx_mutation 
_entity.pdbx_fragment 
_entity.details 
1 polymer     man SEVERIN       12276.842 1   ? ? 'DOMAIN 2' ? 
2 non-polymer syn 'CALCIUM ION' 40.078    1   ? ? ?          ? 
3 non-polymer syn 'SODIUM ION'  22.990    1   ? ? ?          ? 
4 water       nat water         18.015    114 ? ? ?          ? 
# 
_entity_poly.entity_id                      1 
_entity_poly.type                           'polypeptide(L)' 
_entity_poly.nstd_linkage                   no 
_entity_poly.nstd_monomer                   yes 
_entity_poly.pdbx_seq_one_letter_code       
;SGFNHVKPTEYKPRLLHISGDKNAKVAEVPLATSSLNSGDCFLLDAGLTIYQFNGSKSSPQEKNKAAEVARAIDAERKGL
PKVEVF(CSO)ETDSDIPAEFWKLLGGKGAIAAKHETA
;
_entity_poly.pdbx_seq_one_letter_code_can   
;SGFNHVKPTEYKPRLLHISGDKNAKVAEVPLATSSLNSGDCFLLDAGLTIYQFNGSKSSPQEKNKAAEVARAIDAERKGL
PKVEVFCETDSDIPAEFWKLLGGKGAIAAKHETA
;
_entity_poly.pdbx_strand_id                 A 
_entity_poly.pdbx_target_identifier         ? 
# 
loop_
_pdbx_entity_nonpoly.entity_id 
_pdbx_entity_nonpoly.name 
_pdbx_entity_nonpoly.comp_id 
2 'CALCIUM ION' CA  
3 'SODIUM ION'  NA  
4 water         HOH 
# 
loop_
_entity_poly_seq.entity_id 
_entity_poly_seq.num 
_entity_poly_seq.mon_id 
_entity_poly_seq.hetero 
1 1   SER n 
1 2   GLY n 
1 3   PHE n 
1 4   ASN n 
1 5   HIS n 
1 6   VAL n 
1 7   LYS n 
1 8   PRO n 
1 9   THR n 
1 10  GLU n 
1 11  TYR n 
1 12  LYS n 
1 13  PRO n 
1 14  ARG n 
1 15  LEU n 
1 16  LEU n 
1 17  HIS n 
1 18  ILE n 
1 19  SER n 
1 20  GLY n 
1 21  ASP n 
1 22  LYS n 
1 23  ASN n 
1 24  ALA n 
1 25  LYS n 
1 26  VAL n 
1 27  ALA n 
1 28  GLU n 
1 29  VAL n 
1 30  PRO n 
1 31  LEU n 
1 32  ALA n 
1 33  THR n 
1 34  SER n 
1 35  SER n 
1 36  LEU n 
1 37  ASN n 
1 38  SER n 
1 39  GLY n 
1 40  ASP n 
1 41  CYS n 
1 42  PHE n 
1 43  LEU n 
1 44  LEU n 
1 45  ASP n 
1 46  ALA n 
1 47  GLY n 
1 48  LEU n 
1 49  THR n 
1 50  ILE n 
1 51  TYR n 
1 52  GLN n 
1 53  PHE n 
1 54  ASN n 
1 55  GLY n 
1 56  SER n 
1 57  LYS n 
1 58  SER n 
1 59  SER n 
1 60  PRO n 
1 61  GLN n 
1 62  GLU n 
1 63  LYS n 
1 64  ASN n 
1 65  LYS n 
1 66  ALA n 
1 67  ALA n 
1 68  GLU n 
1 69  VAL n 
1 70  ALA n 
1 71  ARG n 
1 72  ALA n 
1 73  ILE n 
1 74  ASP n 
1 75  ALA n 
1 76  GLU n 
1 77  ARG n 
1 78  LYS n 
1 79  GLY n 
1 80  LEU n 
1 81  PRO n 
1 82  LYS n 
1 83  VAL n 
1 84  GLU n 
1 85  VAL n 
1 86  PHE n 
1 87  CSO n 
1 88  GLU n 
1 89  THR n 
1 90  ASP n 
1 91  SER n 
1 92  ASP n 
1 93  ILE n 
1 94  PRO n 
1 95  ALA n 
1 96  GLU n 
1 97  PHE n 
1 98  TRP n 
1 99  LYS n 
1 100 LEU n 
1 101 LEU n 
1 102 GLY n 
1 103 GLY n 
1 104 LYS n 
1 105 GLY n 
1 106 ALA n 
1 107 ILE n 
1 108 ALA n 
1 109 ALA n 
1 110 LYS n 
1 111 HIS n 
1 112 GLU n 
1 113 THR n 
1 114 ALA n 
# 
_entity_src_gen.entity_id                          1 
_entity_src_gen.pdbx_src_id                        1 
_entity_src_gen.pdbx_alt_source_flag               sample 
_entity_src_gen.pdbx_seq_type                      ? 
_entity_src_gen.pdbx_beg_seq_num                   ? 
_entity_src_gen.pdbx_end_seq_num                   ? 
_entity_src_gen.gene_src_common_name               ? 
_entity_src_gen.gene_src_genus                     Dictyostelium 
_entity_src_gen.pdbx_gene_src_gene                 ? 
_entity_src_gen.gene_src_species                   ? 
_entity_src_gen.gene_src_strain                    ? 
_entity_src_gen.gene_src_tissue                    ? 
_entity_src_gen.gene_src_tissue_fraction           ? 
_entity_src_gen.gene_src_details                   ? 
_entity_src_gen.pdbx_gene_src_fragment             ? 
_entity_src_gen.pdbx_gene_src_scientific_name      'Dictyostelium discoideum' 
_entity_src_gen.pdbx_gene_src_ncbi_taxonomy_id     44689 
_entity_src_gen.pdbx_gene_src_variant              ? 
_entity_src_gen.pdbx_gene_src_cell_line            ? 
_entity_src_gen.pdbx_gene_src_atcc                 ? 
_entity_src_gen.pdbx_gene_src_organ                ? 
_entity_src_gen.pdbx_gene_src_organelle            ? 
_entity_src_gen.pdbx_gene_src_cell                 ? 
_entity_src_gen.pdbx_gene_src_cellular_location    ? 
_entity_src_gen.host_org_common_name               ? 
_entity_src_gen.pdbx_host_org_scientific_name      'Escherichia coli' 
_entity_src_gen.pdbx_host_org_ncbi_taxonomy_id     562 
_entity_src_gen.host_org_genus                     Escherichia 
_entity_src_gen.pdbx_host_org_gene                 ? 
_entity_src_gen.pdbx_host_org_organ                ? 
_entity_src_gen.host_org_species                   ? 
_entity_src_gen.pdbx_host_org_tissue               ? 
_entity_src_gen.pdbx_host_org_tissue_fraction      ? 
_entity_src_gen.pdbx_host_org_strain               ? 
_entity_src_gen.pdbx_host_org_variant              ? 
_entity_src_gen.pdbx_host_org_cell_line            ? 
_entity_src_gen.pdbx_host_org_atcc                 ? 
_entity_src_gen.pdbx_host_org_culture_collection   ? 
_entity_src_gen.pdbx_host_org_cell                 ? 
_entity_src_gen.pdbx_host_org_organelle            ? 
_entity_src_gen.pdbx_host_org_cellular_location    ? 
_entity_src_gen.pdbx_host_org_vector_type          ? 
_entity_src_gen.pdbx_host_org_vector               ? 
_entity_src_gen.host_org_details                   ? 
_entity_src_gen.expression_system_id               ? 
_entity_src_gen.plasmid_name                       ? 
_entity_src_gen.plasmid_details                    ? 
_entity_src_gen.pdbx_description                   ? 
# 
loop_
_chem_comp.id 
_chem_comp.type 
_chem_comp.mon_nstd_flag 
_chem_comp.name 
_chem_comp.pdbx_synonyms 
_chem_comp.formula 
_chem_comp.formula_weight 
ALA 'L-peptide linking' y ALANINE           ? 'C3 H7 N O2'     89.093  
ARG 'L-peptide linking' y ARGININE          ? 'C6 H15 N4 O2 1' 175.209 
ASN 'L-peptide linking' y ASPARAGINE        ? 'C4 H8 N2 O3'    132.118 
ASP 'L-peptide linking' y 'ASPARTIC ACID'   ? 'C4 H7 N O4'     133.103 
CA  non-polymer         . 'CALCIUM ION'     ? 'Ca 2'           40.078  
CSO 'L-peptide linking' n S-HYDROXYCYSTEINE ? 'C3 H7 N O3 S'   137.158 
CYS 'L-peptide linking' y CYSTEINE          ? 'C3 H7 N O2 S'   121.158 
GLN 'L-peptide linking' y GLUTAMINE         ? 'C5 H10 N2 O3'   146.144 
GLU 'L-peptide linking' y 'GLUTAMIC ACID'   ? 'C5 H9 N O4'     147.129 
GLY 'peptide linking'   y GLYCINE           ? 'C2 H5 N O2'     75.067  
HIS 'L-peptide linking' y HISTIDINE         ? 'C6 H10 N3 O2 1' 156.162 
HOH non-polymer         . WATER             ? 'H2 O'           18.015  
ILE 'L-peptide linking' y ISOLEUCINE        ? 'C6 H13 N O2'    131.173 
LEU 'L-peptide linking' y LEUCINE           ? 'C6 H13 N O2'    131.173 
LYS 'L-peptide linking' y LYSINE            ? 'C6 H15 N2 O2 1' 147.195 
NA  non-polymer         . 'SODIUM ION'      ? 'Na 1'           22.990  
PHE 'L-peptide linking' y PHENYLALANINE     ? 'C9 H11 N O2'    165.189 
PRO 'L-peptide linking' y PROLINE           ? 'C5 H9 N O2'     115.130 
SER 'L-peptide linking' y SERINE            ? 'C3 H7 N O3'     105.093 
THR 'L-peptide linking' y THREONINE         ? 'C4 H9 N O3'     119.119 
TRP 'L-peptide linking' y TRYPTOPHAN        ? 'C11 H12 N2 O2'  204.225 
TYR 'L-peptide linking' y TYROSINE          ? 'C9 H11 N O3'    181.189 
VAL 'L-peptide linking' y VALINE            ? 'C5 H11 N O2'    117.146 
# 
loop_
_pdbx_poly_seq_scheme.asym_id 
_pdbx_poly_seq_scheme.entity_id 
_pdbx_poly_seq_scheme.seq_id 
_pdbx_poly_seq_scheme.mon_id 
_pdbx_poly_seq_scheme.ndb_seq_num 
_pdbx_poly_seq_scheme.pdb_seq_num 
_pdbx_poly_seq_scheme.auth_seq_num 
_pdbx_poly_seq_scheme.pdb_mon_id 
_pdbx_poly_seq_scheme.auth_mon_id 
_pdbx_poly_seq_scheme.pdb_strand_id 
_pdbx_poly_seq_scheme.pdb_ins_code 
_pdbx_poly_seq_scheme.hetero 
A 1 1   SER 1   149 ?   ?   ?   A . n 
A 1 2   GLY 2   150 ?   ?   ?   A . n 
A 1 3   PHE 3   151 ?   ?   ?   A . n 
A 1 4   ASN 4   152 ?   ?   ?   A . n 
A 1 5   HIS 5   153 ?   ?   ?   A . n 
A 1 6   VAL 6   154 ?   ?   ?   A . n 
A 1 7   LYS 7   155 ?   ?   ?   A . n 
A 1 8   PRO 8   156 ?   ?   ?   A . n 
A 1 9   THR 9   157 ?   ?   ?   A . n 
A 1 10  GLU 10  158 158 GLU GLU A . n 
A 1 11  TYR 11  159 159 TYR TYR A . n 
A 1 12  LYS 12  160 160 LYS LYS A . n 
A 1 13  PRO 13  161 161 PRO PRO A . n 
A 1 14  ARG 14  162 162 ARG ARG A . n 
A 1 15  LEU 15  163 163 LEU LEU A . n 
A 1 16  LEU 16  164 164 LEU LEU A . n 
A 1 17  HIS 17  165 165 HIS HIS A . n 
A 1 18  ILE 18  166 166 ILE ILE A . n 
A 1 19  SER 19  167 167 SER SER A . n 
A 1 20  GLY 20  168 168 GLY GLY A . n 
A 1 21  ASP 21  169 169 ASP ASP A . n 
A 1 22  LYS 22  170 170 LYS LYS A . n 
A 1 23  ASN 23  171 171 ASN ASN A . n 
A 1 24  ALA 24  172 172 ALA ALA A . n 
A 1 25  LYS 25  173 173 LYS LYS A . n 
A 1 26  VAL 26  174 174 VAL VAL A . n 
A 1 27  ALA 27  175 175 ALA ALA A . n 
A 1 28  GLU 28  176 176 GLU GLU A . n 
A 1 29  VAL 29  177 177 VAL VAL A . n 
A 1 30  PRO 30  178 178 PRO PRO A . n 
A 1 31  LEU 31  179 179 LEU LEU A . n 
A 1 32  ALA 32  180 180 ALA ALA A . n 
A 1 33  THR 33  181 181 THR THR A . n 
A 1 34  SER 34  182 182 SER SER A . n 
A 1 35  SER 35  183 183 SER SER A . n 
A 1 36  LEU 36  184 184 LEU LEU A . n 
A 1 37  ASN 37  185 185 ASN ASN A . n 
A 1 38  SER 38  186 186 SER SER A . n 
A 1 39  GLY 39  187 187 GLY GLY A . n 
A 1 40  ASP 40  188 188 ASP ASP A . n 
A 1 41  CYS 41  189 189 CYS CYS A . n 
A 1 42  PHE 42  190 190 PHE PHE A . n 
A 1 43  LEU 43  191 191 LEU LEU A . n 
A 1 44  LEU 44  192 192 LEU LEU A . n 
A 1 45  ASP 45  193 193 ASP ASP A . n 
A 1 46  ALA 46  194 194 ALA ALA A . n 
A 1 47  GLY 47  195 195 GLY GLY A . n 
A 1 48  LEU 48  196 196 LEU LEU A . n 
A 1 49  THR 49  197 197 THR THR A . n 
A 1 50  ILE 50  198 198 ILE ILE A . n 
A 1 51  TYR 51  199 199 TYR TYR A . n 
A 1 52  GLN 52  200 200 GLN GLN A . n 
A 1 53  PHE 53  201 201 PHE PHE A . n 
A 1 54  ASN 54  202 202 ASN ASN A . n 
A 1 55  GLY 55  203 203 GLY GLY A . n 
A 1 56  SER 56  204 204 SER SER A . n 
A 1 57  LYS 57  205 205 LYS LYS A . n 
A 1 58  SER 58  206 206 SER SER A . n 
A 1 59  SER 59  207 207 SER SER A . n 
A 1 60  PRO 60  208 208 PRO PRO A . n 
A 1 61  GLN 61  209 209 GLN GLN A . n 
A 1 62  GLU 62  210 210 GLU GLU A . n 
A 1 63  LYS 63  211 211 LYS LYS A . n 
A 1 64  ASN 64  212 212 ASN ASN A . n 
A 1 65  LYS 65  213 213 LYS LYS A . n 
A 1 66  ALA 66  214 214 ALA ALA A . n 
A 1 67  ALA 67  215 215 ALA ALA A . n 
A 1 68  GLU 68  216 216 GLU GLU A . n 
A 1 69  VAL 69  217 217 VAL VAL A . n 
A 1 70  ALA 70  218 218 ALA ALA A . n 
A 1 71  ARG 71  219 219 ARG ARG A . n 
A 1 72  ALA 72  220 220 ALA ALA A . n 
A 1 73  ILE 73  221 221 ILE ILE A . n 
A 1 74  ASP 74  222 222 ASP ASP A . n 
A 1 75  ALA 75  223 223 ALA ALA A . n 
A 1 76  GLU 76  224 224 GLU GLU A . n 
A 1 77  ARG 77  225 225 ARG ARG A . n 
A 1 78  LYS 78  226 226 LYS LYS A . n 
A 1 79  GLY 79  227 227 GLY GLY A . n 
A 1 80  LEU 80  228 228 LEU LEU A . n 
A 1 81  PRO 81  229 229 PRO PRO A . n 
A 1 82  LYS 82  230 230 LYS LYS A . n 
A 1 83  VAL 83  231 231 VAL VAL A . n 
A 1 84  GLU 84  232 232 GLU GLU A . n 
A 1 85  VAL 85  233 233 VAL VAL A . n 
A 1 86  PHE 86  234 234 PHE PHE A . n 
A 1 87  CSO 87  235 235 CSO CSO A . n 
A 1 88  GLU 88  236 236 GLU GLU A . n 
A 1 89  THR 89  237 237 THR THR A . n 
A 1 90  ASP 90  238 238 ASP ASP A . n 
A 1 91  SER 91  239 239 SER SER A . n 
A 1 92  ASP 92  240 240 ASP ASP A . n 
A 1 93  ILE 93  241 241 ILE ILE A . n 
A 1 94  PRO 94  242 242 PRO PRO A . n 
A 1 95  ALA 95  243 243 ALA ALA A . n 
A 1 96  GLU 96  244 244 GLU GLU A . n 
A 1 97  PHE 97  245 245 PHE PHE A . n 
A 1 98  TRP 98  246 246 TRP TRP A . n 
A 1 99  LYS 99  247 247 LYS LYS A . n 
A 1 100 LEU 100 248 248 LEU LEU A . n 
A 1 101 LEU 101 249 249 LEU LEU A . n 
A 1 102 GLY 102 250 250 GLY GLY A . n 
A 1 103 GLY 103 251 251 GLY GLY A . n 
A 1 104 LYS 104 252 252 LYS LYS A . n 
A 1 105 GLY 105 253 253 GLY GLY A . n 
A 1 106 ALA 106 254 254 ALA ALA A . n 
A 1 107 ILE 107 255 255 ILE ILE A . n 
A 1 108 ALA 108 256 256 ALA ALA A . n 
A 1 109 ALA 109 257 257 ALA ALA A . n 
A 1 110 LYS 110 258 258 LYS LYS A . n 
A 1 111 HIS 111 259 259 HIS HIS A . n 
A 1 112 GLU 112 260 ?   ?   ?   A . n 
A 1 113 THR 113 261 ?   ?   ?   A . n 
A 1 114 ALA 114 262 ?   ?   ?   A . n 
# 
loop_
_pdbx_nonpoly_scheme.asym_id 
_pdbx_nonpoly_scheme.entity_id 
_pdbx_nonpoly_scheme.mon_id 
_pdbx_nonpoly_scheme.ndb_seq_num 
_pdbx_nonpoly_scheme.pdb_seq_num 
_pdbx_nonpoly_scheme.auth_seq_num 
_pdbx_nonpoly_scheme.pdb_mon_id 
_pdbx_nonpoly_scheme.auth_mon_id 
_pdbx_nonpoly_scheme.pdb_strand_id 
_pdbx_nonpoly_scheme.pdb_ins_code 
B 2 CA  1   1   1   CA  CA  A . 
C 3 NA  1   2   2   NA  NA  A . 
D 4 HOH 1   3   3   HOH HOH A . 
D 4 HOH 2   4   4   HOH HOH A . 
D 4 HOH 3   5   5   HOH HOH A . 
D 4 HOH 4   6   6   HOH HOH A . 
D 4 HOH 5   7   7   HOH HOH A . 
D 4 HOH 6   8   8   HOH HOH A . 
D 4 HOH 7   9   9   HOH HOH A . 
D 4 HOH 8   10  10  HOH HOH A . 
D 4 HOH 9   11  11  HOH HOH A . 
D 4 HOH 10  12  12  HOH HOH A . 
D 4 HOH 11  13  13  HOH HOH A . 
D 4 HOH 12  14  14  HOH HOH A . 
D 4 HOH 13  15  15  HOH HOH A . 
D 4 HOH 14  16  16  HOH HOH A . 
D 4 HOH 15  17  17  HOH HOH A . 
D 4 HOH 16  18  18  HOH HOH A . 
D 4 HOH 17  19  19  HOH HOH A . 
D 4 HOH 18  20  20  HOH HOH A . 
D 4 HOH 19  21  21  HOH HOH A . 
D 4 HOH 20  22  22  HOH HOH A . 
D 4 HOH 21  23  23  HOH HOH A . 
D 4 HOH 22  24  24  HOH HOH A . 
D 4 HOH 23  25  25  HOH HOH A . 
D 4 HOH 24  26  26  HOH HOH A . 
D 4 HOH 25  27  27  HOH HOH A . 
D 4 HOH 26  28  28  HOH HOH A . 
D 4 HOH 27  29  29  HOH HOH A . 
D 4 HOH 28  30  30  HOH HOH A . 
D 4 HOH 29  31  31  HOH HOH A . 
D 4 HOH 30  32  32  HOH HOH A . 
D 4 HOH 31  33  33  HOH HOH A . 
D 4 HOH 32  34  34  HOH HOH A . 
D 4 HOH 33  35  35  HOH HOH A . 
D 4 HOH 34  36  36  HOH HOH A . 
D 4 HOH 35  37  37  HOH HOH A . 
D 4 HOH 36  38  38  HOH HOH A . 
D 4 HOH 37  39  39  HOH HOH A . 
D 4 HOH 38  40  40  HOH HOH A . 
D 4 HOH 39  41  41  HOH HOH A . 
D 4 HOH 40  42  42  HOH HOH A . 
D 4 HOH 41  43  43  HOH HOH A . 
D 4 HOH 42  44  44  HOH HOH A . 
D 4 HOH 43  45  45  HOH HOH A . 
D 4 HOH 44  46  46  HOH HOH A . 
D 4 HOH 45  47  47  HOH HOH A . 
D 4 HOH 46  48  48  HOH HOH A . 
D 4 HOH 47  49  49  HOH HOH A . 
D 4 HOH 48  50  50  HOH HOH A . 
D 4 HOH 49  51  51  HOH HOH A . 
D 4 HOH 50  52  52  HOH HOH A . 
D 4 HOH 51  53  53  HOH HOH A . 
D 4 HOH 52  54  54  HOH HOH A . 
D 4 HOH 53  55  55  HOH HOH A . 
D 4 HOH 54  56  56  HOH HOH A . 
D 4 HOH 55  57  57  HOH HOH A . 
D 4 HOH 56  58  58  HOH HOH A . 
D 4 HOH 57  59  59  HOH HOH A . 
D 4 HOH 58  60  60  HOH HOH A . 
D 4 HOH 59  61  61  HOH HOH A . 
D 4 HOH 60  62  62  HOH HOH A . 
D 4 HOH 61  63  63  HOH HOH A . 
D 4 HOH 62  64  64  HOH HOH A . 
D 4 HOH 63  65  65  HOH HOH A . 
D 4 HOH 64  66  66  HOH HOH A . 
D 4 HOH 65  67  67  HOH HOH A . 
D 4 HOH 66  68  68  HOH HOH A . 
D 4 HOH 67  69  69  HOH HOH A . 
D 4 HOH 68  70  70  HOH HOH A . 
D 4 HOH 69  71  71  HOH HOH A . 
D 4 HOH 70  72  72  HOH HOH A . 
D 4 HOH 71  73  73  HOH HOH A . 
D 4 HOH 72  74  74  HOH HOH A . 
D 4 HOH 73  75  75  HOH HOH A . 
D 4 HOH 74  76  76  HOH HOH A . 
D 4 HOH 75  77  77  HOH HOH A . 
D 4 HOH 76  78  78  HOH HOH A . 
D 4 HOH 77  79  79  HOH HOH A . 
D 4 HOH 78  80  80  HOH HOH A . 
D 4 HOH 79  81  81  HOH HOH A . 
D 4 HOH 80  82  82  HOH HOH A . 
D 4 HOH 81  83  83  HOH HOH A . 
D 4 HOH 82  84  84  HOH HOH A . 
D 4 HOH 83  85  85  HOH HOH A . 
D 4 HOH 84  86  86  HOH HOH A . 
D 4 HOH 85  87  87  HOH HOH A . 
D 4 HOH 86  88  88  HOH HOH A . 
D 4 HOH 87  89  89  HOH HOH A . 
D 4 HOH 88  90  90  HOH HOH A . 
D 4 HOH 89  91  91  HOH HOH A . 
D 4 HOH 90  92  92  HOH HOH A . 
D 4 HOH 91  93  93  HOH HOH A . 
D 4 HOH 92  94  94  HOH HOH A . 
D 4 HOH 93  95  95  HOH HOH A . 
D 4 HOH 94  96  96  HOH HOH A . 
D 4 HOH 95  97  97  HOH HOH A . 
D 4 HOH 96  98  98  HOH HOH A . 
D 4 HOH 97  99  99  HOH HOH A . 
D 4 HOH 98  100 100 HOH HOH A . 
D 4 HOH 99  101 101 HOH HOH A . 
D 4 HOH 100 102 102 HOH HOH A . 
D 4 HOH 101 103 103 HOH HOH A . 
D 4 HOH 102 104 104 HOH HOH A . 
D 4 HOH 103 105 105 HOH HOH A . 
D 4 HOH 104 106 106 HOH HOH A . 
D 4 HOH 105 107 107 HOH HOH A . 
D 4 HOH 106 108 108 HOH HOH A . 
D 4 HOH 107 109 109 HOH HOH A . 
D 4 HOH 108 110 110 HOH HOH A . 
D 4 HOH 109 111 111 HOH HOH A . 
D 4 HOH 110 112 112 HOH HOH A . 
D 4 HOH 111 113 113 HOH HOH A . 
D 4 HOH 112 114 114 HOH HOH A . 
D 4 HOH 113 115 115 HOH HOH A . 
D 4 HOH 114 116 116 HOH HOH A . 
# 
loop_
_software.name 
_software.classification 
_software.version 
_software.citation_id 
_software.pdbx_ordinal 
PHASES-95 'model building' .       ? 1 
X-PLOR    'model building' 3.851   ? 2 
X-PLOR    refinement       3.851   ? 3 
DENZO     'data reduction' .       ? 4 
SCALEPACK 'data scaling'   .       ? 5 
PHASES    phasing          'V. 95' ? 6 
X-PLOR    phasing          3.851   ? 7 
# 
_cell.entry_id           1SVY 
_cell.length_a           33.352 
_cell.length_b           49.218 
_cell.length_c           62.790 
_cell.angle_alpha        90.00 
_cell.angle_beta         90.00 
_cell.angle_gamma        90.00 
_cell.Z_PDB              4 
_cell.pdbx_unique_axis   ? 
# 
_symmetry.entry_id                         1SVY 
_symmetry.space_group_name_H-M             'P 21 21 21' 
_symmetry.pdbx_full_space_group_name_H-M   ? 
_symmetry.cell_setting                     ? 
_symmetry.Int_Tables_number                19 
# 
_exptl.entry_id          1SVY 
_exptl.method            'X-RAY DIFFRACTION' 
_exptl.crystals_number   1 
# 
_exptl_crystal.id                    1 
_exptl_crystal.density_meas          ? 
_exptl_crystal.density_Matthews      2.11 
_exptl_crystal.density_percent_sol   42.0 
_exptl_crystal.description           ? 
# 
_exptl_crystal_grow.crystal_id      1 
_exptl_crystal_grow.method          ? 
_exptl_crystal_grow.temp            ? 
_exptl_crystal_grow.temp_details    ? 
_exptl_crystal_grow.pH              8.0 
_exptl_crystal_grow.pdbx_pH_range   ? 
_exptl_crystal_grow.pdbx_details    'pH 8.0' 
# 
_diffrn.id                     1 
_diffrn.ambient_temp           140 
_diffrn.ambient_temp_details   ? 
_diffrn.crystal_id             1 
# 
_diffrn_detector.diffrn_id              1 
_diffrn_detector.detector               'IMAGE PLATE' 
_diffrn_detector.type                   FUJI 
_diffrn_detector.pdbx_collection_date   1996-02 
_diffrn_detector.details                ? 
# 
_diffrn_radiation.diffrn_id                        1 
_diffrn_radiation.wavelength_id                    1 
_diffrn_radiation.pdbx_monochromatic_or_laue_m_l   M 
_diffrn_radiation.monochromator                    ? 
_diffrn_radiation.pdbx_diffrn_protocol             ? 
_diffrn_radiation.pdbx_scattering_type             x-ray 
# 
_diffrn_radiation_wavelength.id           1 
_diffrn_radiation_wavelength.wavelength   1.20 
_diffrn_radiation_wavelength.wt           1.0 
# 
_diffrn_source.diffrn_id                   1 
_diffrn_source.source                      SYNCHROTRON 
_diffrn_source.type                        'NSLS BEAMLINE X9B' 
_diffrn_source.pdbx_synchrotron_site       NSLS 
_diffrn_source.pdbx_synchrotron_beamline   X9B 
_diffrn_source.pdbx_wavelength             1.20 
_diffrn_source.pdbx_wavelength_list        ? 
# 
_reflns.entry_id                     1SVY 
_reflns.observed_criterion_sigma_I   0. 
_reflns.observed_criterion_sigma_F   ? 
_reflns.d_resolution_low             20.0 
_reflns.d_resolution_high            1.75 
_reflns.number_obs                   10235 
_reflns.number_all                   ? 
_reflns.percent_possible_obs         93.1 
_reflns.pdbx_Rmerge_I_obs            0.0350000 
_reflns.pdbx_Rsym_value              ? 
_reflns.pdbx_netI_over_sigmaI        30.9 
_reflns.B_iso_Wilson_estimate        ? 
_reflns.pdbx_redundancy              ? 
_reflns.pdbx_diffrn_id               1 
_reflns.pdbx_ordinal                 1 
# 
_reflns_shell.d_res_high             1.75 
_reflns_shell.d_res_low              1.81 
_reflns_shell.percent_possible_all   77.1 
_reflns_shell.Rmerge_I_obs           0.1160000 
_reflns_shell.pdbx_Rsym_value        ? 
_reflns_shell.meanI_over_sigI_obs    9.9 
_reflns_shell.pdbx_redundancy        ? 
_reflns_shell.pdbx_diffrn_id         ? 
_reflns_shell.pdbx_ordinal           1 
# 
_refine.entry_id                                 1SVY 
_refine.ls_number_reflns_obs                     10177 
_refine.ls_number_reflns_all                     ? 
_refine.pdbx_ls_sigma_I                          ? 
_refine.pdbx_ls_sigma_F                          0.0 
_refine.pdbx_data_cutoff_high_absF               ? 
_refine.pdbx_data_cutoff_low_absF                ? 
_refine.pdbx_data_cutoff_high_rms_absF           ? 
_refine.ls_d_res_low                             20.0 
_refine.ls_d_res_high                            1.75 
_refine.ls_percent_reflns_obs                    93.1 
_refine.ls_R_factor_obs                          0.1838000 
_refine.ls_R_factor_all                          ? 
_refine.ls_R_factor_R_work                       0.1838000 
_refine.ls_R_factor_R_free                       0.2460000 
_refine.ls_R_factor_R_free_error                 ? 
_refine.ls_R_factor_R_free_error_details         ? 
_refine.ls_percent_reflns_R_free                 10.4 
_refine.ls_number_reflns_R_free                  1062 
_refine.ls_number_parameters                     ? 
_refine.ls_number_restraints                     ? 
_refine.occupancy_min                            ? 
_refine.occupancy_max                            ? 
_refine.B_iso_mean                               20.1 
_refine.aniso_B[1][1]                            ? 
_refine.aniso_B[2][2]                            ? 
_refine.aniso_B[3][3]                            ? 
_refine.aniso_B[1][2]                            ? 
_refine.aniso_B[1][3]                            ? 
_refine.aniso_B[2][3]                            ? 
_refine.solvent_model_details                    ? 
_refine.solvent_model_param_ksol                 ? 
_refine.solvent_model_param_bsol                 ? 
_refine.pdbx_ls_cross_valid_method               THROUGHOUT 
_refine.details                                  'ISOTROPIC SOLVENT MASK' 
_refine.pdbx_starting_model                      ? 
_refine.pdbx_method_to_determine_struct          MIRAS 
_refine.pdbx_isotropic_thermal_model             ? 
_refine.pdbx_stereochemistry_target_values       ? 
_refine.pdbx_stereochem_target_val_spec_case     ? 
_refine.pdbx_R_Free_selection_details            RANDOM 
_refine.pdbx_overall_ESU_R                       ? 
_refine.pdbx_overall_ESU_R_Free                  ? 
_refine.overall_SU_ML                            ? 
_refine.overall_SU_B                             ? 
_refine.pdbx_refine_id                           'X-RAY DIFFRACTION' 
_refine.pdbx_diffrn_id                           1 
_refine.pdbx_TLS_residual_ADP_flag               ? 
_refine.correlation_coeff_Fo_to_Fc               ? 
_refine.correlation_coeff_Fo_to_Fc_free          ? 
_refine.pdbx_solvent_vdw_probe_radii             ? 
_refine.pdbx_solvent_ion_probe_radii             ? 
_refine.pdbx_solvent_shrinkage_radii             ? 
_refine.pdbx_overall_phase_error                 ? 
_refine.overall_SU_R_Cruickshank_DPI             ? 
_refine.pdbx_overall_SU_R_free_Cruickshank_DPI   ? 
_refine.pdbx_overall_SU_R_Blow_DPI               ? 
_refine.pdbx_overall_SU_R_free_Blow_DPI          ? 
# 
_refine_hist.pdbx_refine_id                   'X-RAY DIFFRACTION' 
_refine_hist.cycle_id                         LAST 
_refine_hist.pdbx_number_atoms_protein        773 
_refine_hist.pdbx_number_atoms_nucleic_acid   0 
_refine_hist.pdbx_number_atoms_ligand         2 
_refine_hist.number_atoms_solvent             114 
_refine_hist.number_atoms_total               889 
_refine_hist.d_res_high                       1.75 
_refine_hist.d_res_low                        20.0 
# 
loop_
_refine_ls_restr.type 
_refine_ls_restr.dev_ideal 
_refine_ls_restr.dev_ideal_target 
_refine_ls_restr.weight 
_refine_ls_restr.number 
_refine_ls_restr.pdbx_refine_id 
_refine_ls_restr.pdbx_restraint_function 
x_bond_d                0.008 ? ? ? 'X-RAY DIFFRACTION' ? 
x_bond_d_na             ?     ? ? ? 'X-RAY DIFFRACTION' ? 
x_bond_d_prot           ?     ? ? ? 'X-RAY DIFFRACTION' ? 
x_angle_d               ?     ? ? ? 'X-RAY DIFFRACTION' ? 
x_angle_d_na            ?     ? ? ? 'X-RAY DIFFRACTION' ? 
x_angle_d_prot          ?     ? ? ? 'X-RAY DIFFRACTION' ? 
x_angle_deg             1.36  ? ? ? 'X-RAY DIFFRACTION' ? 
x_angle_deg_na          ?     ? ? ? 'X-RAY DIFFRACTION' ? 
x_angle_deg_prot        ?     ? ? ? 'X-RAY DIFFRACTION' ? 
x_dihedral_angle_d      ?     ? ? ? 'X-RAY DIFFRACTION' ? 
x_dihedral_angle_d_na   ?     ? ? ? 'X-RAY DIFFRACTION' ? 
x_dihedral_angle_d_prot ?     ? ? ? 'X-RAY DIFFRACTION' ? 
x_improper_angle_d      ?     ? ? ? 'X-RAY DIFFRACTION' ? 
x_improper_angle_d_na   ?     ? ? ? 'X-RAY DIFFRACTION' ? 
x_improper_angle_d_prot ?     ? ? ? 'X-RAY DIFFRACTION' ? 
x_mcbond_it             ?     ? ? ? 'X-RAY DIFFRACTION' ? 
x_mcangle_it            ?     ? ? ? 'X-RAY DIFFRACTION' ? 
x_scbond_it             ?     ? ? ? 'X-RAY DIFFRACTION' ? 
x_scangle_it            ?     ? ? ? 'X-RAY DIFFRACTION' ? 
# 
_refine_ls_shell.pdbx_total_number_of_bins_used   10 
_refine_ls_shell.d_res_high                       1.75 
_refine_ls_shell.d_res_low                        1.81 
_refine_ls_shell.number_reflns_R_work             939 
_refine_ls_shell.R_factor_R_work                  0.2736000 
_refine_ls_shell.percent_reflns_obs               77.1 
_refine_ls_shell.R_factor_R_free                  0.3197000 
_refine_ls_shell.R_factor_R_free_error            ? 
_refine_ls_shell.percent_reflns_R_free            10.2 
_refine_ls_shell.number_reflns_R_free             107 
_refine_ls_shell.pdbx_refine_id                   'X-RAY DIFFRACTION' 
_refine_ls_shell.number_reflns_all                ? 
_refine_ls_shell.R_factor_all                     ? 
# 
_struct.entry_id                  1SVY 
_struct.title                     'SEVERIN DOMAIN 2, 1.75 ANGSTROM CRYSTAL STRUCTURE' 
_struct.pdbx_model_details        ? 
_struct.pdbx_CASP_flag            ? 
_struct.pdbx_model_type_details   ? 
# 
_struct_keywords.entry_id        1SVY 
_struct_keywords.pdbx_keywords   'ACTIN-BINDING PROTEIN' 
_struct_keywords.text            'ACTIN-BINDING PROTEIN, CALCIUM-BINDING, CYTOSKELETON, GELSOLIN, SEVERIN, VILLIN, CALCIUM, PIP2' 
# 
loop_
_struct_asym.id 
_struct_asym.pdbx_blank_PDB_chainid_flag 
_struct_asym.pdbx_modified 
_struct_asym.entity_id 
_struct_asym.details 
A N N 1 ? 
B N N 2 ? 
C N N 3 ? 
D N N 4 ? 
# 
_struct_ref.id                         1 
_struct_ref.db_name                    UNP 
_struct_ref.db_code                    SEVE_DICDI 
_struct_ref.entity_id                  1 
_struct_ref.pdbx_db_accession          P10733 
_struct_ref.pdbx_align_begin           1 
_struct_ref.pdbx_seq_one_letter_code   
;MIKNRKLDITSTNVAGIGTDLDKKCRLDAASTEAQWKGVGQAPGLKIWRIENFKVVPVPESSYGKFYDGDSYIILHTFKE
GNSLKHDIHFFLGTFTTQDEAGTAAYKTVELDDFLGGAPIQYRQCQSYESPSFLSLFPKYFILSGGVESGFNHVKPTEYK
PRLLHISGDKNAKVAEVPLATSSLNSGDCFLLDAGLTIYQFNGSKSSPQEKNKAAEVARAIDAERKGLPKVEVFCETDSD
IPAEFWKLLGGKGAIAAKHETAPTKSEKVLYKLSDASGSLKFSEVSRGKINKSSLKSEDVFIIDLGNEIYTWIGSKSSPN
EKKTAFSHATQYLVNNKRCEYTPIVRVLENGTNQSFETLLSA
;
_struct_ref.pdbx_db_isoform            ? 
# 
_struct_ref_seq.align_id                      1 
_struct_ref_seq.ref_id                        1 
_struct_ref_seq.pdbx_PDB_id_code              1SVY 
_struct_ref_seq.pdbx_strand_id                A 
_struct_ref_seq.seq_align_beg                 1 
_struct_ref_seq.pdbx_seq_align_beg_ins_code   ? 
_struct_ref_seq.seq_align_end                 114 
_struct_ref_seq.pdbx_seq_align_end_ins_code   ? 
_struct_ref_seq.pdbx_db_accession             P10733 
_struct_ref_seq.db_align_beg                  149 
_struct_ref_seq.pdbx_db_align_beg_ins_code    ? 
_struct_ref_seq.db_align_end                  262 
_struct_ref_seq.pdbx_db_align_end_ins_code    ? 
_struct_ref_seq.pdbx_auth_seq_align_beg       149 
_struct_ref_seq.pdbx_auth_seq_align_end       262 
# 
_struct_ref_seq_dif.align_id                     1 
_struct_ref_seq_dif.pdbx_pdb_id_code             1SVY 
_struct_ref_seq_dif.mon_id                       CSO 
_struct_ref_seq_dif.pdbx_pdb_strand_id           A 
_struct_ref_seq_dif.seq_num                      87 
_struct_ref_seq_dif.pdbx_pdb_ins_code            ? 
_struct_ref_seq_dif.pdbx_seq_db_name             UNP 
_struct_ref_seq_dif.pdbx_seq_db_accession_code   P10733 
_struct_ref_seq_dif.db_mon_id                    CYS 
_struct_ref_seq_dif.pdbx_seq_db_seq_num          235 
_struct_ref_seq_dif.details                      conflict 
_struct_ref_seq_dif.pdbx_auth_seq_num            235 
_struct_ref_seq_dif.pdbx_ordinal                 1 
# 
_pdbx_struct_assembly.id                   1 
_pdbx_struct_assembly.details              author_defined_assembly 
_pdbx_struct_assembly.method_details       ? 
_pdbx_struct_assembly.oligomeric_details   monomeric 
_pdbx_struct_assembly.oligomeric_count     1 
# 
_pdbx_struct_assembly_gen.assembly_id       1 
_pdbx_struct_assembly_gen.oper_expression   1 
_pdbx_struct_assembly_gen.asym_id_list      A,B,C,D 
# 
_pdbx_struct_oper_list.id                   1 
_pdbx_struct_oper_list.type                 'identity operation' 
_pdbx_struct_oper_list.name                 1_555 
_pdbx_struct_oper_list.symmetry_operation   x,y,z 
_pdbx_struct_oper_list.matrix[1][1]         1.0000000000 
_pdbx_struct_oper_list.matrix[1][2]         0.0000000000 
_pdbx_struct_oper_list.matrix[1][3]         0.0000000000 
_pdbx_struct_oper_list.vector[1]            0.0000000000 
_pdbx_struct_oper_list.matrix[2][1]         0.0000000000 
_pdbx_struct_oper_list.matrix[2][2]         1.0000000000 
_pdbx_struct_oper_list.matrix[2][3]         0.0000000000 
_pdbx_struct_oper_list.vector[2]            0.0000000000 
_pdbx_struct_oper_list.matrix[3][1]         0.0000000000 
_pdbx_struct_oper_list.matrix[3][2]         0.0000000000 
_pdbx_struct_oper_list.matrix[3][3]         1.0000000000 
_pdbx_struct_oper_list.vector[3]            0.0000000000 
# 
_struct_biol.id   1 
# 
loop_
_struct_conf.conf_type_id 
_struct_conf.id 
_struct_conf.pdbx_PDB_helix_id 
_struct_conf.beg_label_comp_id 
_struct_conf.beg_label_asym_id 
_struct_conf.beg_label_seq_id 
_struct_conf.pdbx_beg_PDB_ins_code 
_struct_conf.end_label_comp_id 
_struct_conf.end_label_asym_id 
_struct_conf.end_label_seq_id 
_struct_conf.pdbx_end_PDB_ins_code 
_struct_conf.beg_auth_comp_id 
_struct_conf.beg_auth_asym_id 
_struct_conf.beg_auth_seq_id 
_struct_conf.end_auth_comp_id 
_struct_conf.end_auth_asym_id 
_struct_conf.end_auth_seq_id 
_struct_conf.pdbx_PDB_helix_class 
_struct_conf.details 
_struct_conf.pdbx_PDB_helix_length 
HELX_P HELX_P1 1 THR A 33 ? SER A 35  ? THR A 181 SER A 183 5 ? 3  
HELX_P HELX_P2 2 PRO A 60 ? GLU A 76  ? PRO A 208 GLU A 224 1 ? 17 
HELX_P HELX_P3 3 ALA A 95 ? LEU A 100 ? ALA A 243 LEU A 248 1 ? 6  
# 
_struct_conf_type.id          HELX_P 
_struct_conf_type.criteria    ? 
_struct_conf_type.reference   ? 
# 
loop_
_struct_conn.id 
_struct_conn.conn_type_id 
_struct_conn.pdbx_leaving_atom_flag 
_struct_conn.pdbx_PDB_id 
_struct_conn.ptnr1_label_asym_id 
_struct_conn.ptnr1_label_comp_id 
_struct_conn.ptnr1_label_seq_id 
_struct_conn.ptnr1_label_atom_id 
_struct_conn.pdbx_ptnr1_label_alt_id 
_struct_conn.pdbx_ptnr1_PDB_ins_code 
_struct_conn.pdbx_ptnr1_standard_comp_id 
_struct_conn.ptnr1_symmetry 
_struct_conn.ptnr2_label_asym_id 
_struct_conn.ptnr2_label_comp_id 
_struct_conn.ptnr2_label_seq_id 
_struct_conn.ptnr2_label_atom_id 
_struct_conn.pdbx_ptnr2_label_alt_id 
_struct_conn.pdbx_ptnr2_PDB_ins_code 
_struct_conn.ptnr1_auth_asym_id 
_struct_conn.ptnr1_auth_comp_id 
_struct_conn.ptnr1_auth_seq_id 
_struct_conn.ptnr2_auth_asym_id 
_struct_conn.ptnr2_auth_comp_id 
_struct_conn.ptnr2_auth_seq_id 
_struct_conn.ptnr2_symmetry 
_struct_conn.pdbx_ptnr3_label_atom_id 
_struct_conn.pdbx_ptnr3_label_seq_id 
_struct_conn.pdbx_ptnr3_label_comp_id 
_struct_conn.pdbx_ptnr3_label_asym_id 
_struct_conn.pdbx_ptnr3_label_alt_id 
_struct_conn.pdbx_ptnr3_PDB_ins_code 
_struct_conn.details 
_struct_conn.pdbx_dist_value 
_struct_conn.pdbx_value_order 
_struct_conn.pdbx_role 
covale1  covale both ? A PHE 86 C  ? ? ? 1_555 A CSO 87 N   ? ? A PHE 234 A CSO 235 1_555 ? ? ? ? ? ? ? 1.326 ? ? 
covale2  covale both ? A CSO 87 C  ? ? ? 1_555 A GLU 88 N   ? ? A CSO 235 A GLU 236 1_555 ? ? ? ? ? ? ? 1.323 ? ? 
metalc1  metalc ?    ? B CA  .  CA ? ? ? 1_555 D HOH .  O   ? ? A CA  1   A HOH 15  1_555 ? ? ? ? ? ? ? 2.836 ? ? 
metalc2  metalc ?    ? B CA  .  CA ? ? ? 1_555 D HOH .  O   ? ? A CA  1   A HOH 24  1_555 ? ? ? ? ? ? ? 2.751 ? ? 
metalc3  metalc ?    ? B CA  .  CA ? ? ? 1_555 D HOH .  O   ? ? A CA  1   A HOH 39  1_555 ? ? ? ? ? ? ? 2.689 ? ? 
metalc4  metalc ?    ? B CA  .  CA ? ? ? 1_555 A ASP 74 OD1 ? ? A CA  1   A ASP 222 1_555 ? ? ? ? ? ? ? 2.424 ? ? 
metalc5  metalc ?    ? B CA  .  CA ? ? ? 1_555 A GLY 79 O   ? ? A CA  1   A GLY 227 1_555 ? ? ? ? ? ? ? 2.556 ? ? 
metalc6  metalc ?    ? B CA  .  CA ? ? ? 1_555 A PRO 81 O   ? ? A CA  1   A PRO 229 1_555 ? ? ? ? ? ? ? 2.245 ? ? 
metalc7  metalc ?    ? C NA  .  NA ? ? ? 1_555 D HOH .  O   ? ? A NA  2   A HOH 34  1_555 ? ? ? ? ? ? ? 2.637 ? ? 
metalc8  metalc ?    ? C NA  .  NA ? ? ? 1_555 A GLY 39 O   ? ? A NA  2   A GLY 187 1_555 ? ? ? ? ? ? ? 2.390 ? ? 
metalc9  metalc ?    ? C NA  .  NA ? ? ? 1_555 A ASP 40 OD1 ? ? A NA  2   A ASP 188 1_555 ? ? ? ? ? ? ? 2.398 ? ? 
metalc10 metalc ?    ? C NA  .  NA ? ? ? 1_555 A GLU 62 OE2 ? ? A NA  2   A GLU 210 1_555 ? ? ? ? ? ? ? 2.435 ? ? 
metalc11 metalc ?    ? C NA  .  NA ? ? ? 1_555 A GLU 62 OE1 ? ? A NA  2   A GLU 210 1_555 ? ? ? ? ? ? ? 2.761 ? ? 
# 
loop_
_struct_conn_type.id 
_struct_conn_type.criteria 
_struct_conn_type.reference 
covale ? ? 
metalc ? ? 
# 
loop_
_pdbx_struct_conn_angle.id 
_pdbx_struct_conn_angle.ptnr1_label_atom_id 
_pdbx_struct_conn_angle.ptnr1_label_alt_id 
_pdbx_struct_conn_angle.ptnr1_label_asym_id 
_pdbx_struct_conn_angle.ptnr1_label_comp_id 
_pdbx_struct_conn_angle.ptnr1_label_seq_id 
_pdbx_struct_conn_angle.ptnr1_auth_atom_id 
_pdbx_struct_conn_angle.ptnr1_auth_asym_id 
_pdbx_struct_conn_angle.ptnr1_auth_comp_id 
_pdbx_struct_conn_angle.ptnr1_auth_seq_id 
_pdbx_struct_conn_angle.ptnr1_PDB_ins_code 
_pdbx_struct_conn_angle.ptnr1_symmetry 
_pdbx_struct_conn_angle.ptnr2_label_atom_id 
_pdbx_struct_conn_angle.ptnr2_label_alt_id 
_pdbx_struct_conn_angle.ptnr2_label_asym_id 
_pdbx_struct_conn_angle.ptnr2_label_comp_id 
_pdbx_struct_conn_angle.ptnr2_label_seq_id 
_pdbx_struct_conn_angle.ptnr2_auth_atom_id 
_pdbx_struct_conn_angle.ptnr2_auth_asym_id 
_pdbx_struct_conn_angle.ptnr2_auth_comp_id 
_pdbx_struct_conn_angle.ptnr2_auth_seq_id 
_pdbx_struct_conn_angle.ptnr2_PDB_ins_code 
_pdbx_struct_conn_angle.ptnr2_symmetry 
_pdbx_struct_conn_angle.ptnr3_label_atom_id 
_pdbx_struct_conn_angle.ptnr3_label_alt_id 
_pdbx_struct_conn_angle.ptnr3_label_asym_id 
_pdbx_struct_conn_angle.ptnr3_label_comp_id 
_pdbx_struct_conn_angle.ptnr3_label_seq_id 
_pdbx_struct_conn_angle.ptnr3_auth_atom_id 
_pdbx_struct_conn_angle.ptnr3_auth_asym_id 
_pdbx_struct_conn_angle.ptnr3_auth_comp_id 
_pdbx_struct_conn_angle.ptnr3_auth_seq_id 
_pdbx_struct_conn_angle.ptnr3_PDB_ins_code 
_pdbx_struct_conn_angle.ptnr3_symmetry 
_pdbx_struct_conn_angle.value 
_pdbx_struct_conn_angle.value_esd 
1  O   ? D HOH .  ? A HOH 15  ? 1_555 CA ? B CA . ? A CA 1 ? 1_555 O   ? D HOH .  ? A HOH 24  ? 1_555 83.0  ? 
2  O   ? D HOH .  ? A HOH 15  ? 1_555 CA ? B CA . ? A CA 1 ? 1_555 O   ? D HOH .  ? A HOH 39  ? 1_555 80.9  ? 
3  O   ? D HOH .  ? A HOH 24  ? 1_555 CA ? B CA . ? A CA 1 ? 1_555 O   ? D HOH .  ? A HOH 39  ? 1_555 89.4  ? 
4  O   ? D HOH .  ? A HOH 15  ? 1_555 CA ? B CA . ? A CA 1 ? 1_555 OD1 ? A ASP 74 ? A ASP 222 ? 1_555 84.1  ? 
5  O   ? D HOH .  ? A HOH 24  ? 1_555 CA ? B CA . ? A CA 1 ? 1_555 OD1 ? A ASP 74 ? A ASP 222 ? 1_555 97.1  ? 
6  O   ? D HOH .  ? A HOH 39  ? 1_555 CA ? B CA . ? A CA 1 ? 1_555 OD1 ? A ASP 74 ? A ASP 222 ? 1_555 162.8 ? 
7  O   ? D HOH .  ? A HOH 15  ? 1_555 CA ? B CA . ? A CA 1 ? 1_555 O   ? A GLY 79 ? A GLY 227 ? 1_555 82.8  ? 
8  O   ? D HOH .  ? A HOH 24  ? 1_555 CA ? B CA . ? A CA 1 ? 1_555 O   ? A GLY 79 ? A GLY 227 ? 1_555 162.1 ? 
9  O   ? D HOH .  ? A HOH 39  ? 1_555 CA ? B CA . ? A CA 1 ? 1_555 O   ? A GLY 79 ? A GLY 227 ? 1_555 77.6  ? 
10 OD1 ? A ASP 74 ? A ASP 222 ? 1_555 CA ? B CA . ? A CA 1 ? 1_555 O   ? A GLY 79 ? A GLY 227 ? 1_555 92.3  ? 
11 O   ? D HOH .  ? A HOH 15  ? 1_555 CA ? B CA . ? A CA 1 ? 1_555 O   ? A PRO 81 ? A PRO 229 ? 1_555 177.0 ? 
12 O   ? D HOH .  ? A HOH 24  ? 1_555 CA ? B CA . ? A CA 1 ? 1_555 O   ? A PRO 81 ? A PRO 229 ? 1_555 94.2  ? 
13 O   ? D HOH .  ? A HOH 39  ? 1_555 CA ? B CA . ? A CA 1 ? 1_555 O   ? A PRO 81 ? A PRO 229 ? 1_555 100.3 ? 
14 OD1 ? A ASP 74 ? A ASP 222 ? 1_555 CA ? B CA . ? A CA 1 ? 1_555 O   ? A PRO 81 ? A PRO 229 ? 1_555 95.2  ? 
15 O   ? A GLY 79 ? A GLY 227 ? 1_555 CA ? B CA . ? A CA 1 ? 1_555 O   ? A PRO 81 ? A PRO 229 ? 1_555 100.2 ? 
16 O   ? D HOH .  ? A HOH 34  ? 1_555 NA ? C NA . ? A NA 2 ? 1_555 O   ? A GLY 39 ? A GLY 187 ? 1_555 82.8  ? 
17 O   ? D HOH .  ? A HOH 34  ? 1_555 NA ? C NA . ? A NA 2 ? 1_555 OD1 ? A ASP 40 ? A ASP 188 ? 1_555 157.8 ? 
18 O   ? A GLY 39 ? A GLY 187 ? 1_555 NA ? C NA . ? A NA 2 ? 1_555 OD1 ? A ASP 40 ? A ASP 188 ? 1_555 78.9  ? 
19 O   ? D HOH .  ? A HOH 34  ? 1_555 NA ? C NA . ? A NA 2 ? 1_555 OE2 ? A GLU 62 ? A GLU 210 ? 1_555 99.3  ? 
20 O   ? A GLY 39 ? A GLY 187 ? 1_555 NA ? C NA . ? A NA 2 ? 1_555 OE2 ? A GLU 62 ? A GLU 210 ? 1_555 125.5 ? 
21 OD1 ? A ASP 40 ? A ASP 188 ? 1_555 NA ? C NA . ? A NA 2 ? 1_555 OE2 ? A GLU 62 ? A GLU 210 ? 1_555 101.5 ? 
22 O   ? D HOH .  ? A HOH 34  ? 1_555 NA ? C NA . ? A NA 2 ? 1_555 OE1 ? A GLU 62 ? A GLU 210 ? 1_555 77.7  ? 
23 O   ? A GLY 39 ? A GLY 187 ? 1_555 NA ? C NA . ? A NA 2 ? 1_555 OE1 ? A GLU 62 ? A GLU 210 ? 1_555 78.9  ? 
24 OD1 ? A ASP 40 ? A ASP 188 ? 1_555 NA ? C NA . ? A NA 2 ? 1_555 OE1 ? A GLU 62 ? A GLU 210 ? 1_555 110.6 ? 
25 OE2 ? A GLU 62 ? A GLU 210 ? 1_555 NA ? C NA . ? A NA 2 ? 1_555 OE1 ? A GLU 62 ? A GLU 210 ? 1_555 49.5  ? 
# 
_pdbx_modification_feature.ordinal                            1 
_pdbx_modification_feature.label_comp_id                      CSO 
_pdbx_modification_feature.label_asym_id                      A 
_pdbx_modification_feature.label_seq_id                       87 
_pdbx_modification_feature.label_alt_id                       ? 
_pdbx_modification_feature.modified_residue_label_comp_id     . 
_pdbx_modification_feature.modified_residue_label_asym_id     . 
_pdbx_modification_feature.modified_residue_label_seq_id      . 
_pdbx_modification_feature.modified_residue_label_alt_id      . 
_pdbx_modification_feature.auth_comp_id                       CSO 
_pdbx_modification_feature.auth_asym_id                       A 
_pdbx_modification_feature.auth_seq_id                        235 
_pdbx_modification_feature.PDB_ins_code                       ? 
_pdbx_modification_feature.symmetry                           1_555 
_pdbx_modification_feature.modified_residue_auth_comp_id      . 
_pdbx_modification_feature.modified_residue_auth_asym_id      . 
_pdbx_modification_feature.modified_residue_auth_seq_id       . 
_pdbx_modification_feature.modified_residue_PDB_ins_code      . 
_pdbx_modification_feature.modified_residue_symmetry          . 
_pdbx_modification_feature.comp_id_linking_atom               . 
_pdbx_modification_feature.modified_residue_id_linking_atom   . 
_pdbx_modification_feature.modified_residue_id                CYS 
_pdbx_modification_feature.ref_pcm_id                         1 
_pdbx_modification_feature.ref_comp_id                        CSO 
_pdbx_modification_feature.type                               Hydroxylation 
_pdbx_modification_feature.category                           'Named protein modification' 
# 
_struct_sheet.id               A 
_struct_sheet.type             ? 
_struct_sheet.number_strands   5 
_struct_sheet.details          ? 
# 
loop_
_struct_sheet_order.sheet_id 
_struct_sheet_order.range_id_1 
_struct_sheet_order.range_id_2 
_struct_sheet_order.offset 
_struct_sheet_order.sense 
A 1 2 ? anti-parallel 
A 2 3 ? anti-parallel 
A 3 4 ? anti-parallel 
A 4 5 ? parallel      
# 
loop_
_struct_sheet_range.sheet_id 
_struct_sheet_range.id 
_struct_sheet_range.beg_label_comp_id 
_struct_sheet_range.beg_label_asym_id 
_struct_sheet_range.beg_label_seq_id 
_struct_sheet_range.pdbx_beg_PDB_ins_code 
_struct_sheet_range.end_label_comp_id 
_struct_sheet_range.end_label_asym_id 
_struct_sheet_range.end_label_seq_id 
_struct_sheet_range.pdbx_end_PDB_ins_code 
_struct_sheet_range.beg_auth_comp_id 
_struct_sheet_range.beg_auth_asym_id 
_struct_sheet_range.beg_auth_seq_id 
_struct_sheet_range.end_auth_comp_id 
_struct_sheet_range.end_auth_asym_id 
_struct_sheet_range.end_auth_seq_id 
A 1 LYS A 25 ? VAL A 29 ? LYS A 173 VAL A 177 
A 2 ARG A 14 ? SER A 19 ? ARG A 162 SER A 167 
A 3 CYS A 41 ? ASP A 45 ? CYS A 189 ASP A 193 
A 4 THR A 49 ? ASN A 54 ? THR A 197 ASN A 202 
A 5 LYS A 82 ? CSO A 87 ? LYS A 230 CSO A 235 
# 
loop_
_pdbx_struct_sheet_hbond.sheet_id 
_pdbx_struct_sheet_hbond.range_id_1 
_pdbx_struct_sheet_hbond.range_id_2 
_pdbx_struct_sheet_hbond.range_1_label_atom_id 
_pdbx_struct_sheet_hbond.range_1_label_comp_id 
_pdbx_struct_sheet_hbond.range_1_label_asym_id 
_pdbx_struct_sheet_hbond.range_1_label_seq_id 
_pdbx_struct_sheet_hbond.range_1_PDB_ins_code 
_pdbx_struct_sheet_hbond.range_1_auth_atom_id 
_pdbx_struct_sheet_hbond.range_1_auth_comp_id 
_pdbx_struct_sheet_hbond.range_1_auth_asym_id 
_pdbx_struct_sheet_hbond.range_1_auth_seq_id 
_pdbx_struct_sheet_hbond.range_2_label_atom_id 
_pdbx_struct_sheet_hbond.range_2_label_comp_id 
_pdbx_struct_sheet_hbond.range_2_label_asym_id 
_pdbx_struct_sheet_hbond.range_2_label_seq_id 
_pdbx_struct_sheet_hbond.range_2_PDB_ins_code 
_pdbx_struct_sheet_hbond.range_2_auth_atom_id 
_pdbx_struct_sheet_hbond.range_2_auth_comp_id 
_pdbx_struct_sheet_hbond.range_2_auth_asym_id 
_pdbx_struct_sheet_hbond.range_2_auth_seq_id 
A 1 2 O LYS A 25 ? O LYS A 173 N SER A 19 ? N SER A 167 
A 2 3 O ARG A 14 ? O ARG A 162 N ASP A 45 ? N ASP A 193 
A 3 4 O PHE A 42 ? O PHE A 190 N PHE A 53 ? N PHE A 201 
A 4 5 O ILE A 50 ? O ILE A 198 N LYS A 82 ? N LYS A 230 
# 
loop_
_struct_site.id 
_struct_site.pdbx_evidence_code 
_struct_site.pdbx_auth_asym_id 
_struct_site.pdbx_auth_comp_id 
_struct_site.pdbx_auth_seq_id 
_struct_site.pdbx_auth_ins_code 
_struct_site.pdbx_num_residues 
_struct_site.details 
AC1 Software A CA 1 ? 6 'BINDING SITE FOR RESIDUE CA A 1' 
AC2 Software A NA 2 ? 4 'BINDING SITE FOR RESIDUE NA A 2' 
# 
loop_
_struct_site_gen.id 
_struct_site_gen.site_id 
_struct_site_gen.pdbx_num_res 
_struct_site_gen.label_comp_id 
_struct_site_gen.label_asym_id 
_struct_site_gen.label_seq_id 
_struct_site_gen.pdbx_auth_ins_code 
_struct_site_gen.auth_comp_id 
_struct_site_gen.auth_asym_id 
_struct_site_gen.auth_seq_id 
_struct_site_gen.label_atom_id 
_struct_site_gen.label_alt_id 
_struct_site_gen.symmetry 
_struct_site_gen.details 
1  AC1 6 HOH D .  ? HOH A 15  . ? 1_555 ? 
2  AC1 6 HOH D .  ? HOH A 24  . ? 1_555 ? 
3  AC1 6 HOH D .  ? HOH A 39  . ? 1_555 ? 
4  AC1 6 ASP A 74 ? ASP A 222 . ? 1_555 ? 
5  AC1 6 GLY A 79 ? GLY A 227 . ? 1_555 ? 
6  AC1 6 PRO A 81 ? PRO A 229 . ? 1_555 ? 
7  AC2 4 HOH D .  ? HOH A 34  . ? 1_555 ? 
8  AC2 4 GLY A 39 ? GLY A 187 . ? 1_555 ? 
9  AC2 4 ASP A 40 ? ASP A 188 . ? 1_555 ? 
10 AC2 4 GLU A 62 ? GLU A 210 . ? 1_555 ? 
# 
_pdbx_entry_details.entry_id                   1SVY 
_pdbx_entry_details.compound_details           ? 
_pdbx_entry_details.source_details             ? 
_pdbx_entry_details.nonpolymer_details         ? 
_pdbx_entry_details.sequence_details           ? 
_pdbx_entry_details.has_ligand_of_interest     ? 
_pdbx_entry_details.has_protein_modification   Y 
# 
loop_
_pdbx_validate_close_contact.id 
_pdbx_validate_close_contact.PDB_model_num 
_pdbx_validate_close_contact.auth_atom_id_1 
_pdbx_validate_close_contact.auth_asym_id_1 
_pdbx_validate_close_contact.auth_comp_id_1 
_pdbx_validate_close_contact.auth_seq_id_1 
_pdbx_validate_close_contact.PDB_ins_code_1 
_pdbx_validate_close_contact.label_alt_id_1 
_pdbx_validate_close_contact.auth_atom_id_2 
_pdbx_validate_close_contact.auth_asym_id_2 
_pdbx_validate_close_contact.auth_comp_id_2 
_pdbx_validate_close_contact.auth_seq_id_2 
_pdbx_validate_close_contact.PDB_ins_code_2 
_pdbx_validate_close_contact.label_alt_id_2 
_pdbx_validate_close_contact.dist 
1 1 O A HOH 17 ? ? O A HOH 49 ? ? 2.09 
2 1 O A HOH 26 ? ? O A HOH 76 ? ? 2.16 
3 1 O A HOH 28 ? ? O A HOH 70 ? ? 2.17 
4 1 O A HOH 88 ? ? O A HOH 90 ? ? 2.19 
# 
loop_
_pdbx_validate_torsion.id 
_pdbx_validate_torsion.PDB_model_num 
_pdbx_validate_torsion.auth_comp_id 
_pdbx_validate_torsion.auth_asym_id 
_pdbx_validate_torsion.auth_seq_id 
_pdbx_validate_torsion.PDB_ins_code 
_pdbx_validate_torsion.label_alt_id 
_pdbx_validate_torsion.phi 
_pdbx_validate_torsion.psi 
1 1 ASP A 169 ? ? 58.63   -105.09 
2 1 ASN A 171 ? ? -118.22 72.49   
3 1 ASP A 188 ? ? -119.29 -169.66 
# 
_pdbx_struct_mod_residue.id               1 
_pdbx_struct_mod_residue.label_asym_id    A 
_pdbx_struct_mod_residue.label_comp_id    CSO 
_pdbx_struct_mod_residue.label_seq_id     87 
_pdbx_struct_mod_residue.auth_asym_id     A 
_pdbx_struct_mod_residue.auth_comp_id     CSO 
_pdbx_struct_mod_residue.auth_seq_id      235 
_pdbx_struct_mod_residue.PDB_ins_code     ? 
_pdbx_struct_mod_residue.parent_comp_id   CYS 
_pdbx_struct_mod_residue.details          S-HYDROXYCYSTEINE 
# 
loop_
_pdbx_unobs_or_zero_occ_residues.id 
_pdbx_unobs_or_zero_occ_residues.PDB_model_num 
_pdbx_unobs_or_zero_occ_residues.polymer_flag 
_pdbx_unobs_or_zero_occ_residues.occupancy_flag 
_pdbx_unobs_or_zero_occ_residues.auth_asym_id 
_pdbx_unobs_or_zero_occ_residues.auth_comp_id 
_pdbx_unobs_or_zero_occ_residues.auth_seq_id 
_pdbx_unobs_or_zero_occ_residues.PDB_ins_code 
_pdbx_unobs_or_zero_occ_residues.label_asym_id 
_pdbx_unobs_or_zero_occ_residues.label_comp_id 
_pdbx_unobs_or_zero_occ_residues.label_seq_id 
1  1 Y 1 A SER 149 ? A SER 1   
2  1 Y 1 A GLY 150 ? A GLY 2   
3  1 Y 1 A PHE 151 ? A PHE 3   
4  1 Y 1 A ASN 152 ? A ASN 4   
5  1 Y 1 A HIS 153 ? A HIS 5   
6  1 Y 1 A VAL 154 ? A VAL 6   
7  1 Y 1 A LYS 155 ? A LYS 7   
8  1 Y 1 A PRO 156 ? A PRO 8   
9  1 Y 1 A THR 157 ? A THR 9   
10 1 Y 1 A GLU 260 ? A GLU 112 
11 1 Y 1 A THR 261 ? A THR 113 
12 1 Y 1 A ALA 262 ? A ALA 114 
# 
loop_
_chem_comp_atom.comp_id 
_chem_comp_atom.atom_id 
_chem_comp_atom.type_symbol 
_chem_comp_atom.pdbx_aromatic_flag 
_chem_comp_atom.pdbx_stereo_config 
_chem_comp_atom.pdbx_ordinal 
ALA N    N  N N 1   
ALA CA   C  N S 2   
ALA C    C  N N 3   
ALA O    O  N N 4   
ALA CB   C  N N 5   
ALA OXT  O  N N 6   
ALA H    H  N N 7   
ALA H2   H  N N 8   
ALA HA   H  N N 9   
ALA HB1  H  N N 10  
ALA HB2  H  N N 11  
ALA HB3  H  N N 12  
ALA HXT  H  N N 13  
ARG N    N  N N 14  
ARG CA   C  N S 15  
ARG C    C  N N 16  
ARG O    O  N N 17  
ARG CB   C  N N 18  
ARG CG   C  N N 19  
ARG CD   C  N N 20  
ARG NE   N  N N 21  
ARG CZ   C  N N 22  
ARG NH1  N  N N 23  
ARG NH2  N  N N 24  
ARG OXT  O  N N 25  
ARG H    H  N N 26  
ARG H2   H  N N 27  
ARG HA   H  N N 28  
ARG HB2  H  N N 29  
ARG HB3  H  N N 30  
ARG HG2  H  N N 31  
ARG HG3  H  N N 32  
ARG HD2  H  N N 33  
ARG HD3  H  N N 34  
ARG HE   H  N N 35  
ARG HH11 H  N N 36  
ARG HH12 H  N N 37  
ARG HH21 H  N N 38  
ARG HH22 H  N N 39  
ARG HXT  H  N N 40  
ASN N    N  N N 41  
ASN CA   C  N S 42  
ASN C    C  N N 43  
ASN O    O  N N 44  
ASN CB   C  N N 45  
ASN CG   C  N N 46  
ASN OD1  O  N N 47  
ASN ND2  N  N N 48  
ASN OXT  O  N N 49  
ASN H    H  N N 50  
ASN H2   H  N N 51  
ASN HA   H  N N 52  
ASN HB2  H  N N 53  
ASN HB3  H  N N 54  
ASN HD21 H  N N 55  
ASN HD22 H  N N 56  
ASN HXT  H  N N 57  
ASP N    N  N N 58  
ASP CA   C  N S 59  
ASP C    C  N N 60  
ASP O    O  N N 61  
ASP CB   C  N N 62  
ASP CG   C  N N 63  
ASP OD1  O  N N 64  
ASP OD2  O  N N 65  
ASP OXT  O  N N 66  
ASP H    H  N N 67  
ASP H2   H  N N 68  
ASP HA   H  N N 69  
ASP HB2  H  N N 70  
ASP HB3  H  N N 71  
ASP HD2  H  N N 72  
ASP HXT  H  N N 73  
CA  CA   CA N N 74  
CSO N    N  N N 75  
CSO CA   C  N R 76  
CSO CB   C  N N 77  
CSO SG   S  N N 78  
CSO C    C  N N 79  
CSO O    O  N N 80  
CSO OXT  O  N N 81  
CSO OD   O  N N 82  
CSO H    H  N N 83  
CSO H2   H  N N 84  
CSO HA   H  N N 85  
CSO HB2  H  N N 86  
CSO HB3  H  N N 87  
CSO HXT  H  N N 88  
CSO HD   H  N N 89  
CYS N    N  N N 90  
CYS CA   C  N R 91  
CYS C    C  N N 92  
CYS O    O  N N 93  
CYS CB   C  N N 94  
CYS SG   S  N N 95  
CYS OXT  O  N N 96  
CYS H    H  N N 97  
CYS H2   H  N N 98  
CYS HA   H  N N 99  
CYS HB2  H  N N 100 
CYS HB3  H  N N 101 
CYS HG   H  N N 102 
CYS HXT  H  N N 103 
GLN N    N  N N 104 
GLN CA   C  N S 105 
GLN C    C  N N 106 
GLN O    O  N N 107 
GLN CB   C  N N 108 
GLN CG   C  N N 109 
GLN CD   C  N N 110 
GLN OE1  O  N N 111 
GLN NE2  N  N N 112 
GLN OXT  O  N N 113 
GLN H    H  N N 114 
GLN H2   H  N N 115 
GLN HA   H  N N 116 
GLN HB2  H  N N 117 
GLN HB3  H  N N 118 
GLN HG2  H  N N 119 
GLN HG3  H  N N 120 
GLN HE21 H  N N 121 
GLN HE22 H  N N 122 
GLN HXT  H  N N 123 
GLU N    N  N N 124 
GLU CA   C  N S 125 
GLU C    C  N N 126 
GLU O    O  N N 127 
GLU CB   C  N N 128 
GLU CG   C  N N 129 
GLU CD   C  N N 130 
GLU OE1  O  N N 131 
GLU OE2  O  N N 132 
GLU OXT  O  N N 133 
GLU H    H  N N 134 
GLU H2   H  N N 135 
GLU HA   H  N N 136 
GLU HB2  H  N N 137 
GLU HB3  H  N N 138 
GLU HG2  H  N N 139 
GLU HG3  H  N N 140 
GLU HE2  H  N N 141 
GLU HXT  H  N N 142 
GLY N    N  N N 143 
GLY CA   C  N N 144 
GLY C    C  N N 145 
GLY O    O  N N 146 
GLY OXT  O  N N 147 
GLY H    H  N N 148 
GLY H2   H  N N 149 
GLY HA2  H  N N 150 
GLY HA3  H  N N 151 
GLY HXT  H  N N 152 
HIS N    N  N N 153 
HIS CA   C  N S 154 
HIS C    C  N N 155 
HIS O    O  N N 156 
HIS CB   C  N N 157 
HIS CG   C  Y N 158 
HIS ND1  N  Y N 159 
HIS CD2  C  Y N 160 
HIS CE1  C  Y N 161 
HIS NE2  N  Y N 162 
HIS OXT  O  N N 163 
HIS H    H  N N 164 
HIS H2   H  N N 165 
HIS HA   H  N N 166 
HIS HB2  H  N N 167 
HIS HB3  H  N N 168 
HIS HD1  H  N N 169 
HIS HD2  H  N N 170 
HIS HE1  H  N N 171 
HIS HE2  H  N N 172 
HIS HXT  H  N N 173 
HOH O    O  N N 174 
HOH H1   H  N N 175 
HOH H2   H  N N 176 
ILE N    N  N N 177 
ILE CA   C  N S 178 
ILE C    C  N N 179 
ILE O    O  N N 180 
ILE CB   C  N S 181 
ILE CG1  C  N N 182 
ILE CG2  C  N N 183 
ILE CD1  C  N N 184 
ILE OXT  O  N N 185 
ILE H    H  N N 186 
ILE H2   H  N N 187 
ILE HA   H  N N 188 
ILE HB   H  N N 189 
ILE HG12 H  N N 190 
ILE HG13 H  N N 191 
ILE HG21 H  N N 192 
ILE HG22 H  N N 193 
ILE HG23 H  N N 194 
ILE HD11 H  N N 195 
ILE HD12 H  N N 196 
ILE HD13 H  N N 197 
ILE HXT  H  N N 198 
LEU N    N  N N 199 
LEU CA   C  N S 200 
LEU C    C  N N 201 
LEU O    O  N N 202 
LEU CB   C  N N 203 
LEU CG   C  N N 204 
LEU CD1  C  N N 205 
LEU CD2  C  N N 206 
LEU OXT  O  N N 207 
LEU H    H  N N 208 
LEU H2   H  N N 209 
LEU HA   H  N N 210 
LEU HB2  H  N N 211 
LEU HB3  H  N N 212 
LEU HG   H  N N 213 
LEU HD11 H  N N 214 
LEU HD12 H  N N 215 
LEU HD13 H  N N 216 
LEU HD21 H  N N 217 
LEU HD22 H  N N 218 
LEU HD23 H  N N 219 
LEU HXT  H  N N 220 
LYS N    N  N N 221 
LYS CA   C  N S 222 
LYS C    C  N N 223 
LYS O    O  N N 224 
LYS CB   C  N N 225 
LYS CG   C  N N 226 
LYS CD   C  N N 227 
LYS CE   C  N N 228 
LYS NZ   N  N N 229 
LYS OXT  O  N N 230 
LYS H    H  N N 231 
LYS H2   H  N N 232 
LYS HA   H  N N 233 
LYS HB2  H  N N 234 
LYS HB3  H  N N 235 
LYS HG2  H  N N 236 
LYS HG3  H  N N 237 
LYS HD2  H  N N 238 
LYS HD3  H  N N 239 
LYS HE2  H  N N 240 
LYS HE3  H  N N 241 
LYS HZ1  H  N N 242 
LYS HZ2  H  N N 243 
LYS HZ3  H  N N 244 
LYS HXT  H  N N 245 
NA  NA   NA N N 246 
PHE N    N  N N 247 
PHE CA   C  N S 248 
PHE C    C  N N 249 
PHE O    O  N N 250 
PHE CB   C  N N 251 
PHE CG   C  Y N 252 
PHE CD1  C  Y N 253 
PHE CD2  C  Y N 254 
PHE CE1  C  Y N 255 
PHE CE2  C  Y N 256 
PHE CZ   C  Y N 257 
PHE OXT  O  N N 258 
PHE H    H  N N 259 
PHE H2   H  N N 260 
PHE HA   H  N N 261 
PHE HB2  H  N N 262 
PHE HB3  H  N N 263 
PHE HD1  H  N N 264 
PHE HD2  H  N N 265 
PHE HE1  H  N N 266 
PHE HE2  H  N N 267 
PHE HZ   H  N N 268 
PHE HXT  H  N N 269 
PRO N    N  N N 270 
PRO CA   C  N S 271 
PRO C    C  N N 272 
PRO O    O  N N 273 
PRO CB   C  N N 274 
PRO CG   C  N N 275 
PRO CD   C  N N 276 
PRO OXT  O  N N 277 
PRO H    H  N N 278 
PRO HA   H  N N 279 
PRO HB2  H  N N 280 
PRO HB3  H  N N 281 
PRO HG2  H  N N 282 
PRO HG3  H  N N 283 
PRO HD2  H  N N 284 
PRO HD3  H  N N 285 
PRO HXT  H  N N 286 
SER N    N  N N 287 
SER CA   C  N S 288 
SER C    C  N N 289 
SER O    O  N N 290 
SER CB   C  N N 291 
SER OG   O  N N 292 
SER OXT  O  N N 293 
SER H    H  N N 294 
SER H2   H  N N 295 
SER HA   H  N N 296 
SER HB2  H  N N 297 
SER HB3  H  N N 298 
SER HG   H  N N 299 
SER HXT  H  N N 300 
THR N    N  N N 301 
THR CA   C  N S 302 
THR C    C  N N 303 
THR O    O  N N 304 
THR CB   C  N R 305 
THR OG1  O  N N 306 
THR CG2  C  N N 307 
THR OXT  O  N N 308 
THR H    H  N N 309 
THR H2   H  N N 310 
THR HA   H  N N 311 
THR HB   H  N N 312 
THR HG1  H  N N 313 
THR HG21 H  N N 314 
THR HG22 H  N N 315 
THR HG23 H  N N 316 
THR HXT  H  N N 317 
TRP N    N  N N 318 
TRP CA   C  N S 319 
TRP C    C  N N 320 
TRP O    O  N N 321 
TRP CB   C  N N 322 
TRP CG   C  Y N 323 
TRP CD1  C  Y N 324 
TRP CD2  C  Y N 325 
TRP NE1  N  Y N 326 
TRP CE2  C  Y N 327 
TRP CE3  C  Y N 328 
TRP CZ2  C  Y N 329 
TRP CZ3  C  Y N 330 
TRP CH2  C  Y N 331 
TRP OXT  O  N N 332 
TRP H    H  N N 333 
TRP H2   H  N N 334 
TRP HA   H  N N 335 
TRP HB2  H  N N 336 
TRP HB3  H  N N 337 
TRP HD1  H  N N 338 
TRP HE1  H  N N 339 
TRP HE3  H  N N 340 
TRP HZ2  H  N N 341 
TRP HZ3  H  N N 342 
TRP HH2  H  N N 343 
TRP HXT  H  N N 344 
TYR N    N  N N 345 
TYR CA   C  N S 346 
TYR C    C  N N 347 
TYR O    O  N N 348 
TYR CB   C  N N 349 
TYR CG   C  Y N 350 
TYR CD1  C  Y N 351 
TYR CD2  C  Y N 352 
TYR CE1  C  Y N 353 
TYR CE2  C  Y N 354 
TYR CZ   C  Y N 355 
TYR OH   O  N N 356 
TYR OXT  O  N N 357 
TYR H    H  N N 358 
TYR H2   H  N N 359 
TYR HA   H  N N 360 
TYR HB2  H  N N 361 
TYR HB3  H  N N 362 
TYR HD1  H  N N 363 
TYR HD2  H  N N 364 
TYR HE1  H  N N 365 
TYR HE2  H  N N 366 
TYR HH   H  N N 367 
TYR HXT  H  N N 368 
VAL N    N  N N 369 
VAL CA   C  N S 370 
VAL C    C  N N 371 
VAL O    O  N N 372 
VAL CB   C  N N 373 
VAL CG1  C  N N 374 
VAL CG2  C  N N 375 
VAL OXT  O  N N 376 
VAL H    H  N N 377 
VAL H2   H  N N 378 
VAL HA   H  N N 379 
VAL HB   H  N N 380 
VAL HG11 H  N N 381 
VAL HG12 H  N N 382 
VAL HG13 H  N N 383 
VAL HG21 H  N N 384 
VAL HG22 H  N N 385 
VAL HG23 H  N N 386 
VAL HXT  H  N N 387 
# 
loop_
_chem_comp_bond.comp_id 
_chem_comp_bond.atom_id_1 
_chem_comp_bond.atom_id_2 
_chem_comp_bond.value_order 
_chem_comp_bond.pdbx_aromatic_flag 
_chem_comp_bond.pdbx_stereo_config 
_chem_comp_bond.pdbx_ordinal 
ALA N   CA   sing N N 1   
ALA N   H    sing N N 2   
ALA N   H2   sing N N 3   
ALA CA  C    sing N N 4   
ALA CA  CB   sing N N 5   
ALA CA  HA   sing N N 6   
ALA C   O    doub N N 7   
ALA C   OXT  sing N N 8   
ALA CB  HB1  sing N N 9   
ALA CB  HB2  sing N N 10  
ALA CB  HB3  sing N N 11  
ALA OXT HXT  sing N N 12  
ARG N   CA   sing N N 13  
ARG N   H    sing N N 14  
ARG N   H2   sing N N 15  
ARG CA  C    sing N N 16  
ARG CA  CB   sing N N 17  
ARG CA  HA   sing N N 18  
ARG C   O    doub N N 19  
ARG C   OXT  sing N N 20  
ARG CB  CG   sing N N 21  
ARG CB  HB2  sing N N 22  
ARG CB  HB3  sing N N 23  
ARG CG  CD   sing N N 24  
ARG CG  HG2  sing N N 25  
ARG CG  HG3  sing N N 26  
ARG CD  NE   sing N N 27  
ARG CD  HD2  sing N N 28  
ARG CD  HD3  sing N N 29  
ARG NE  CZ   sing N N 30  
ARG NE  HE   sing N N 31  
ARG CZ  NH1  sing N N 32  
ARG CZ  NH2  doub N N 33  
ARG NH1 HH11 sing N N 34  
ARG NH1 HH12 sing N N 35  
ARG NH2 HH21 sing N N 36  
ARG NH2 HH22 sing N N 37  
ARG OXT HXT  sing N N 38  
ASN N   CA   sing N N 39  
ASN N   H    sing N N 40  
ASN N   H2   sing N N 41  
ASN CA  C    sing N N 42  
ASN CA  CB   sing N N 43  
ASN CA  HA   sing N N 44  
ASN C   O    doub N N 45  
ASN C   OXT  sing N N 46  
ASN CB  CG   sing N N 47  
ASN CB  HB2  sing N N 48  
ASN CB  HB3  sing N N 49  
ASN CG  OD1  doub N N 50  
ASN CG  ND2  sing N N 51  
ASN ND2 HD21 sing N N 52  
ASN ND2 HD22 sing N N 53  
ASN OXT HXT  sing N N 54  
ASP N   CA   sing N N 55  
ASP N   H    sing N N 56  
ASP N   H2   sing N N 57  
ASP CA  C    sing N N 58  
ASP CA  CB   sing N N 59  
ASP CA  HA   sing N N 60  
ASP C   O    doub N N 61  
ASP C   OXT  sing N N 62  
ASP CB  CG   sing N N 63  
ASP CB  HB2  sing N N 64  
ASP CB  HB3  sing N N 65  
ASP CG  OD1  doub N N 66  
ASP CG  OD2  sing N N 67  
ASP OD2 HD2  sing N N 68  
ASP OXT HXT  sing N N 69  
CSO N   CA   sing N N 70  
CSO N   H    sing N N 71  
CSO N   H2   sing N N 72  
CSO CA  CB   sing N N 73  
CSO CA  C    sing N N 74  
CSO CA  HA   sing N N 75  
CSO CB  SG   sing N N 76  
CSO CB  HB2  sing N N 77  
CSO CB  HB3  sing N N 78  
CSO SG  OD   sing N N 79  
CSO C   O    doub N N 80  
CSO C   OXT  sing N N 81  
CSO OXT HXT  sing N N 82  
CSO OD  HD   sing N N 83  
CYS N   CA   sing N N 84  
CYS N   H    sing N N 85  
CYS N   H2   sing N N 86  
CYS CA  C    sing N N 87  
CYS CA  CB   sing N N 88  
CYS CA  HA   sing N N 89  
CYS C   O    doub N N 90  
CYS C   OXT  sing N N 91  
CYS CB  SG   sing N N 92  
CYS CB  HB2  sing N N 93  
CYS CB  HB3  sing N N 94  
CYS SG  HG   sing N N 95  
CYS OXT HXT  sing N N 96  
GLN N   CA   sing N N 97  
GLN N   H    sing N N 98  
GLN N   H2   sing N N 99  
GLN CA  C    sing N N 100 
GLN CA  CB   sing N N 101 
GLN CA  HA   sing N N 102 
GLN C   O    doub N N 103 
GLN C   OXT  sing N N 104 
GLN CB  CG   sing N N 105 
GLN CB  HB2  sing N N 106 
GLN CB  HB3  sing N N 107 
GLN CG  CD   sing N N 108 
GLN CG  HG2  sing N N 109 
GLN CG  HG3  sing N N 110 
GLN CD  OE1  doub N N 111 
GLN CD  NE2  sing N N 112 
GLN NE2 HE21 sing N N 113 
GLN NE2 HE22 sing N N 114 
GLN OXT HXT  sing N N 115 
GLU N   CA   sing N N 116 
GLU N   H    sing N N 117 
GLU N   H2   sing N N 118 
GLU CA  C    sing N N 119 
GLU CA  CB   sing N N 120 
GLU CA  HA   sing N N 121 
GLU C   O    doub N N 122 
GLU C   OXT  sing N N 123 
GLU CB  CG   sing N N 124 
GLU CB  HB2  sing N N 125 
GLU CB  HB3  sing N N 126 
GLU CG  CD   sing N N 127 
GLU CG  HG2  sing N N 128 
GLU CG  HG3  sing N N 129 
GLU CD  OE1  doub N N 130 
GLU CD  OE2  sing N N 131 
GLU OE2 HE2  sing N N 132 
GLU OXT HXT  sing N N 133 
GLY N   CA   sing N N 134 
GLY N   H    sing N N 135 
GLY N   H2   sing N N 136 
GLY CA  C    sing N N 137 
GLY CA  HA2  sing N N 138 
GLY CA  HA3  sing N N 139 
GLY C   O    doub N N 140 
GLY C   OXT  sing N N 141 
GLY OXT HXT  sing N N 142 
HIS N   CA   sing N N 143 
HIS N   H    sing N N 144 
HIS N   H2   sing N N 145 
HIS CA  C    sing N N 146 
HIS CA  CB   sing N N 147 
HIS CA  HA   sing N N 148 
HIS C   O    doub N N 149 
HIS C   OXT  sing N N 150 
HIS CB  CG   sing N N 151 
HIS CB  HB2  sing N N 152 
HIS CB  HB3  sing N N 153 
HIS CG  ND1  sing Y N 154 
HIS CG  CD2  doub Y N 155 
HIS ND1 CE1  doub Y N 156 
HIS ND1 HD1  sing N N 157 
HIS CD2 NE2  sing Y N 158 
HIS CD2 HD2  sing N N 159 
HIS CE1 NE2  sing Y N 160 
HIS CE1 HE1  sing N N 161 
HIS NE2 HE2  sing N N 162 
HIS OXT HXT  sing N N 163 
HOH O   H1   sing N N 164 
HOH O   H2   sing N N 165 
ILE N   CA   sing N N 166 
ILE N   H    sing N N 167 
ILE N   H2   sing N N 168 
ILE CA  C    sing N N 169 
ILE CA  CB   sing N N 170 
ILE CA  HA   sing N N 171 
ILE C   O    doub N N 172 
ILE C   OXT  sing N N 173 
ILE CB  CG1  sing N N 174 
ILE CB  CG2  sing N N 175 
ILE CB  HB   sing N N 176 
ILE CG1 CD1  sing N N 177 
ILE CG1 HG12 sing N N 178 
ILE CG1 HG13 sing N N 179 
ILE CG2 HG21 sing N N 180 
ILE CG2 HG22 sing N N 181 
ILE CG2 HG23 sing N N 182 
ILE CD1 HD11 sing N N 183 
ILE CD1 HD12 sing N N 184 
ILE CD1 HD13 sing N N 185 
ILE OXT HXT  sing N N 186 
LEU N   CA   sing N N 187 
LEU N   H    sing N N 188 
LEU N   H2   sing N N 189 
LEU CA  C    sing N N 190 
LEU CA  CB   sing N N 191 
LEU CA  HA   sing N N 192 
LEU C   O    doub N N 193 
LEU C   OXT  sing N N 194 
LEU CB  CG   sing N N 195 
LEU CB  HB2  sing N N 196 
LEU CB  HB3  sing N N 197 
LEU CG  CD1  sing N N 198 
LEU CG  CD2  sing N N 199 
LEU CG  HG   sing N N 200 
LEU CD1 HD11 sing N N 201 
LEU CD1 HD12 sing N N 202 
LEU CD1 HD13 sing N N 203 
LEU CD2 HD21 sing N N 204 
LEU CD2 HD22 sing N N 205 
LEU CD2 HD23 sing N N 206 
LEU OXT HXT  sing N N 207 
LYS N   CA   sing N N 208 
LYS N   H    sing N N 209 
LYS N   H2   sing N N 210 
LYS CA  C    sing N N 211 
LYS CA  CB   sing N N 212 
LYS CA  HA   sing N N 213 
LYS C   O    doub N N 214 
LYS C   OXT  sing N N 215 
LYS CB  CG   sing N N 216 
LYS CB  HB2  sing N N 217 
LYS CB  HB3  sing N N 218 
LYS CG  CD   sing N N 219 
LYS CG  HG2  sing N N 220 
LYS CG  HG3  sing N N 221 
LYS CD  CE   sing N N 222 
LYS CD  HD2  sing N N 223 
LYS CD  HD3  sing N N 224 
LYS CE  NZ   sing N N 225 
LYS CE  HE2  sing N N 226 
LYS CE  HE3  sing N N 227 
LYS NZ  HZ1  sing N N 228 
LYS NZ  HZ2  sing N N 229 
LYS NZ  HZ3  sing N N 230 
LYS OXT HXT  sing N N 231 
PHE N   CA   sing N N 232 
PHE N   H    sing N N 233 
PHE N   H2   sing N N 234 
PHE CA  C    sing N N 235 
PHE CA  CB   sing N N 236 
PHE CA  HA   sing N N 237 
PHE C   O    doub N N 238 
PHE C   OXT  sing N N 239 
PHE CB  CG   sing N N 240 
PHE CB  HB2  sing N N 241 
PHE CB  HB3  sing N N 242 
PHE CG  CD1  doub Y N 243 
PHE CG  CD2  sing Y N 244 
PHE CD1 CE1  sing Y N 245 
PHE CD1 HD1  sing N N 246 
PHE CD2 CE2  doub Y N 247 
PHE CD2 HD2  sing N N 248 
PHE CE1 CZ   doub Y N 249 
PHE CE1 HE1  sing N N 250 
PHE CE2 CZ   sing Y N 251 
PHE CE2 HE2  sing N N 252 
PHE CZ  HZ   sing N N 253 
PHE OXT HXT  sing N N 254 
PRO N   CA   sing N N 255 
PRO N   CD   sing N N 256 
PRO N   H    sing N N 257 
PRO CA  C    sing N N 258 
PRO CA  CB   sing N N 259 
PRO CA  HA   sing N N 260 
PRO C   O    doub N N 261 
PRO C   OXT  sing N N 262 
PRO CB  CG   sing N N 263 
PRO CB  HB2  sing N N 264 
PRO CB  HB3  sing N N 265 
PRO CG  CD   sing N N 266 
PRO CG  HG2  sing N N 267 
PRO CG  HG3  sing N N 268 
PRO CD  HD2  sing N N 269 
PRO CD  HD3  sing N N 270 
PRO OXT HXT  sing N N 271 
SER N   CA   sing N N 272 
SER N   H    sing N N 273 
SER N   H2   sing N N 274 
SER CA  C    sing N N 275 
SER CA  CB   sing N N 276 
SER CA  HA   sing N N 277 
SER C   O    doub N N 278 
SER C   OXT  sing N N 279 
SER CB  OG   sing N N 280 
SER CB  HB2  sing N N 281 
SER CB  HB3  sing N N 282 
SER OG  HG   sing N N 283 
SER OXT HXT  sing N N 284 
THR N   CA   sing N N 285 
THR N   H    sing N N 286 
THR N   H2   sing N N 287 
THR CA  C    sing N N 288 
THR CA  CB   sing N N 289 
THR CA  HA   sing N N 290 
THR C   O    doub N N 291 
THR C   OXT  sing N N 292 
THR CB  OG1  sing N N 293 
THR CB  CG2  sing N N 294 
THR CB  HB   sing N N 295 
THR OG1 HG1  sing N N 296 
THR CG2 HG21 sing N N 297 
THR CG2 HG22 sing N N 298 
THR CG2 HG23 sing N N 299 
THR OXT HXT  sing N N 300 
TRP N   CA   sing N N 301 
TRP N   H    sing N N 302 
TRP N   H2   sing N N 303 
TRP CA  C    sing N N 304 
TRP CA  CB   sing N N 305 
TRP CA  HA   sing N N 306 
TRP C   O    doub N N 307 
TRP C   OXT  sing N N 308 
TRP CB  CG   sing N N 309 
TRP CB  HB2  sing N N 310 
TRP CB  HB3  sing N N 311 
TRP CG  CD1  doub Y N 312 
TRP CG  CD2  sing Y N 313 
TRP CD1 NE1  sing Y N 314 
TRP CD1 HD1  sing N N 315 
TRP CD2 CE2  doub Y N 316 
TRP CD2 CE3  sing Y N 317 
TRP NE1 CE2  sing Y N 318 
TRP NE1 HE1  sing N N 319 
TRP CE2 CZ2  sing Y N 320 
TRP CE3 CZ3  doub Y N 321 
TRP CE3 HE3  sing N N 322 
TRP CZ2 CH2  doub Y N 323 
TRP CZ2 HZ2  sing N N 324 
TRP CZ3 CH2  sing Y N 325 
TRP CZ3 HZ3  sing N N 326 
TRP CH2 HH2  sing N N 327 
TRP OXT HXT  sing N N 328 
TYR N   CA   sing N N 329 
TYR N   H    sing N N 330 
TYR N   H2   sing N N 331 
TYR CA  C    sing N N 332 
TYR CA  CB   sing N N 333 
TYR CA  HA   sing N N 334 
TYR C   O    doub N N 335 
TYR C   OXT  sing N N 336 
TYR CB  CG   sing N N 337 
TYR CB  HB2  sing N N 338 
TYR CB  HB3  sing N N 339 
TYR CG  CD1  doub Y N 340 
TYR CG  CD2  sing Y N 341 
TYR CD1 CE1  sing Y N 342 
TYR CD1 HD1  sing N N 343 
TYR CD2 CE2  doub Y N 344 
TYR CD2 HD2  sing N N 345 
TYR CE1 CZ   doub Y N 346 
TYR CE1 HE1  sing N N 347 
TYR CE2 CZ   sing Y N 348 
TYR CE2 HE2  sing N N 349 
TYR CZ  OH   sing N N 350 
TYR OH  HH   sing N N 351 
TYR OXT HXT  sing N N 352 
VAL N   CA   sing N N 353 
VAL N   H    sing N N 354 
VAL N   H2   sing N N 355 
VAL CA  C    sing N N 356 
VAL CA  CB   sing N N 357 
VAL CA  HA   sing N N 358 
VAL C   O    doub N N 359 
VAL C   OXT  sing N N 360 
VAL CB  CG1  sing N N 361 
VAL CB  CG2  sing N N 362 
VAL CB  HB   sing N N 363 
VAL CG1 HG11 sing N N 364 
VAL CG1 HG12 sing N N 365 
VAL CG1 HG13 sing N N 366 
VAL CG2 HG21 sing N N 367 
VAL CG2 HG22 sing N N 368 
VAL CG2 HG23 sing N N 369 
VAL OXT HXT  sing N N 370 
# 
_atom_sites.entry_id                    1SVY 
_atom_sites.fract_transf_matrix[1][1]   0.02530280 
_atom_sites.fract_transf_matrix[1][2]   0.01188406 
_atom_sites.fract_transf_matrix[1][3]   -0.01084054 
_atom_sites.fract_transf_matrix[2][1]   0.00649581 
_atom_sites.fract_transf_matrix[2][2]   -0.01854493 
_atom_sites.fract_transf_matrix[2][3]   -0.00516828 
_atom_sites.fract_transf_matrix[3][1]   -0.00686135 
_atom_sites.fract_transf_matrix[3][2]   0.00157781 
_atom_sites.fract_transf_matrix[3][3]   -0.01428530 
_atom_sites.fract_transf_vector[1]      0.450234 
_atom_sites.fract_transf_vector[2]      0.250753 
_atom_sites.fract_transf_vector[3]      0.704036 
# 
loop_
_atom_type.symbol 
C  
CA 
N  
NA 
O  
S  
# 
loop_
_atom_site.group_PDB 
_atom_site.id 
_atom_site.type_symbol 
_atom_site.label_atom_id 
_atom_site.label_alt_id 
_atom_site.label_comp_id 
_atom_site.label_asym_id 
_atom_site.label_entity_id 
_atom_site.label_seq_id 
_atom_site.pdbx_PDB_ins_code 
_atom_site.Cartn_x 
_atom_site.Cartn_y 
_atom_site.Cartn_z 
_atom_site.occupancy 
_atom_site.B_iso_or_equiv 
_atom_site.pdbx_formal_charge 
_atom_site.auth_seq_id 
_atom_site.auth_comp_id 
_atom_site.auth_asym_id 
_atom_site.auth_atom_id 
_atom_site.pdbx_PDB_model_num 
ATOM   1   N  N   . GLU A 1 10  ? 2.927   2.003   16.177  1.00 44.13 ? 158 GLU A N   1 
ATOM   2   C  CA  . GLU A 1 10  ? 1.709   2.849   16.326  1.00 43.16 ? 158 GLU A CA  1 
ATOM   3   C  C   . GLU A 1 10  ? 0.604   2.338   15.418  1.00 41.61 ? 158 GLU A C   1 
ATOM   4   O  O   . GLU A 1 10  ? 0.845   1.997   14.261  1.00 40.88 ? 158 GLU A O   1 
ATOM   5   C  CB  . GLU A 1 10  ? 2.020   4.306   15.980  1.00 45.19 ? 158 GLU A CB  1 
ATOM   6   C  CG  . GLU A 1 10  ? 0.925   5.277   16.384  1.00 48.03 ? 158 GLU A CG  1 
ATOM   7   C  CD  . GLU A 1 10  ? 0.658   5.246   17.872  1.00 51.33 ? 158 GLU A CD  1 
ATOM   8   O  OE1 . GLU A 1 10  ? 1.445   4.599   18.601  1.00 53.88 ? 158 GLU A OE1 1 
ATOM   9   O  OE2 . GLU A 1 10  ? -0.336  5.866   18.314  1.00 52.49 ? 158 GLU A OE2 1 
ATOM   10  N  N   . TYR A 1 11  ? -0.613  2.296   15.944  1.00 40.44 ? 159 TYR A N   1 
ATOM   11  C  CA  . TYR A 1 11  ? -1.750  1.802   15.179  1.00 39.67 ? 159 TYR A CA  1 
ATOM   12  C  C   . TYR A 1 11  ? -2.598  2.890   14.528  1.00 39.32 ? 159 TYR A C   1 
ATOM   13  O  O   . TYR A 1 11  ? -3.767  2.667   14.189  1.00 40.77 ? 159 TYR A O   1 
ATOM   14  C  CB  . TYR A 1 11  ? -2.602  0.899   16.068  1.00 38.20 ? 159 TYR A CB  1 
ATOM   15  C  CG  . TYR A 1 11  ? -1.747  -0.012  16.907  1.00 37.08 ? 159 TYR A CG  1 
ATOM   16  C  CD1 . TYR A 1 11  ? -1.198  -1.178  16.372  1.00 38.13 ? 159 TYR A CD1 1 
ATOM   17  C  CD2 . TYR A 1 11  ? -1.420  0.327   18.212  1.00 37.93 ? 159 TYR A CD2 1 
ATOM   18  C  CE1 . TYR A 1 11  ? -0.348  -1.984  17.122  1.00 37.34 ? 159 TYR A CE1 1 
ATOM   19  C  CE2 . TYR A 1 11  ? -0.573  -0.470  18.969  1.00 38.95 ? 159 TYR A CE2 1 
ATOM   20  C  CZ  . TYR A 1 11  ? -0.037  -1.617  18.418  1.00 37.96 ? 159 TYR A CZ  1 
ATOM   21  O  OH  . TYR A 1 11  ? 0.802   -2.385  19.185  1.00 40.23 ? 159 TYR A OH  1 
ATOM   22  N  N   . LYS A 1 12  ? -2.006  4.070   14.359  1.00 36.33 ? 160 LYS A N   1 
ATOM   23  C  CA  . LYS A 1 12  ? -2.698  5.168   13.697  1.00 33.81 ? 160 LYS A CA  1 
ATOM   24  C  C   . LYS A 1 12  ? -2.404  4.901   12.223  1.00 29.60 ? 160 LYS A C   1 
ATOM   25  O  O   . LYS A 1 12  ? -1.253  4.889   11.803  1.00 29.48 ? 160 LYS A O   1 
ATOM   26  C  CB  . LYS A 1 12  ? -2.116  6.511   14.126  1.00 36.03 ? 160 LYS A CB  1 
ATOM   27  C  CG  . LYS A 1 12  ? -2.934  7.696   13.675  1.00 39.23 ? 160 LYS A CG  1 
ATOM   28  C  CD  . LYS A 1 12  ? -2.039  8.891   13.396  1.00 44.03 ? 160 LYS A CD  1 
ATOM   29  C  CE  . LYS A 1 12  ? -2.733  9.905   12.503  1.00 45.15 ? 160 LYS A CE  1 
ATOM   30  N  NZ  . LYS A 1 12  ? -1.805  11.009  12.125  1.00 47.24 ? 160 LYS A NZ  1 
ATOM   31  N  N   . PRO A 1 13  ? -3.442  4.682   11.419  1.00 26.57 ? 161 PRO A N   1 
ATOM   32  C  CA  . PRO A 1 13  ? -3.180  4.409   10.007  1.00 22.81 ? 161 PRO A CA  1 
ATOM   33  C  C   . PRO A 1 13  ? -2.363  5.463   9.267   1.00 19.75 ? 161 PRO A C   1 
ATOM   34  O  O   . PRO A 1 13  ? -2.514  6.665   9.477   1.00 19.31 ? 161 PRO A O   1 
ATOM   35  C  CB  . PRO A 1 13  ? -4.578  4.233   9.409   1.00 23.18 ? 161 PRO A CB  1 
ATOM   36  C  CG  . PRO A 1 13  ? -5.487  4.944   10.361  1.00 23.90 ? 161 PRO A CG  1 
ATOM   37  C  CD  . PRO A 1 13  ? -4.882  4.706   11.714  1.00 26.39 ? 161 PRO A CD  1 
ATOM   38  N  N   . ARG A 1 14  ? -1.479  4.983   8.404   1.00 16.81 ? 162 ARG A N   1 
ATOM   39  C  CA  . ARG A 1 14  ? -0.648  5.845   7.583   1.00 14.39 ? 162 ARG A CA  1 
ATOM   40  C  C   . ARG A 1 14  ? -0.539  5.141   6.240   1.00 13.08 ? 162 ARG A C   1 
ATOM   41  O  O   . ARG A 1 14  ? -0.725  3.919   6.148   1.00 11.91 ? 162 ARG A O   1 
ATOM   42  C  CB  . ARG A 1 14  ? 0.737   6.042   8.214   1.00 14.64 ? 162 ARG A CB  1 
ATOM   43  C  CG  . ARG A 1 14  ? 1.594   4.801   8.229   1.00 13.64 ? 162 ARG A CG  1 
ATOM   44  C  CD  . ARG A 1 14  ? 2.890   5.012   8.986   1.00 14.91 ? 162 ARG A CD  1 
ATOM   45  N  NE  . ARG A 1 14  ? 3.546   3.729   9.207   1.00 14.89 ? 162 ARG A NE  1 
ATOM   46  C  CZ  . ARG A 1 14  ? 4.845   3.568   9.441   1.00 16.00 ? 162 ARG A CZ  1 
ATOM   47  N  NH1 . ARG A 1 14  ? 5.659   4.619   9.480   1.00 17.25 ? 162 ARG A NH1 1 
ATOM   48  N  NH2 . ARG A 1 14  ? 5.337   2.349   9.607   1.00 12.51 ? 162 ARG A NH2 1 
ATOM   49  N  N   . LEU A 1 15  ? -0.262  5.919   5.200   1.00 12.35 ? 163 LEU A N   1 
ATOM   50  C  CA  . LEU A 1 15  ? -0.128  5.401   3.845   1.00 11.34 ? 163 LEU A CA  1 
ATOM   51  C  C   . LEU A 1 15  ? 1.299   5.618   3.328   1.00 12.35 ? 163 LEU A C   1 
ATOM   52  O  O   . LEU A 1 15  ? 1.824   6.744   3.366   1.00 11.59 ? 163 LEU A O   1 
ATOM   53  C  CB  . LEU A 1 15  ? -1.129  6.110   2.921   1.00 11.12 ? 163 LEU A CB  1 
ATOM   54  C  CG  . LEU A 1 15  ? -1.213  5.611   1.483   1.00 8.50  ? 163 LEU A CG  1 
ATOM   55  C  CD1 . LEU A 1 15  ? -1.613  4.136   1.501   1.00 11.46 ? 163 LEU A CD1 1 
ATOM   56  C  CD2 . LEU A 1 15  ? -2.217  6.429   0.690   1.00 9.25  ? 163 LEU A CD2 1 
ATOM   57  N  N   . LEU A 1 16  ? 1.934   4.549   2.859   1.00 9.86  ? 164 LEU A N   1 
ATOM   58  C  CA  . LEU A 1 16  ? 3.288   4.677   2.322   1.00 10.02 ? 164 LEU A CA  1 
ATOM   59  C  C   . LEU A 1 16  ? 3.210   4.506   0.813   1.00 10.83 ? 164 LEU A C   1 
ATOM   60  O  O   . LEU A 1 16  ? 2.461   3.663   0.304   1.00 10.34 ? 164 LEU A O   1 
ATOM   61  C  CB  . LEU A 1 16  ? 4.223   3.642   2.949   1.00 9.00  ? 164 LEU A CB  1 
ATOM   62  C  CG  . LEU A 1 16  ? 4.175   3.608   4.480   1.00 9.13  ? 164 LEU A CG  1 
ATOM   63  C  CD1 . LEU A 1 16  ? 5.180   2.591   5.000   1.00 10.11 ? 164 LEU A CD1 1 
ATOM   64  C  CD2 . LEU A 1 16  ? 4.467   4.992   5.046   1.00 8.99  ? 164 LEU A CD2 1 
ATOM   65  N  N   . HIS A 1 17  ? 3.984   5.313   0.098   1.00 8.55  ? 165 HIS A N   1 
ATOM   66  C  CA  . HIS A 1 17  ? 3.973   5.298   -1.352  1.00 9.22  ? 165 HIS A CA  1 
ATOM   67  C  C   . HIS A 1 17  ? 5.298   4.786   -1.888  1.00 9.28  ? 165 HIS A C   1 
ATOM   68  O  O   . HIS A 1 17  ? 6.344   5.352   -1.607  1.00 8.55  ? 165 HIS A O   1 
ATOM   69  C  CB  . HIS A 1 17  ? 3.704   6.728   -1.857  1.00 11.38 ? 165 HIS A CB  1 
ATOM   70  C  CG  . HIS A 1 17  ? 3.591   6.849   -3.342  1.00 12.85 ? 165 HIS A CG  1 
ATOM   71  N  ND1 . HIS A 1 17  ? 3.312   8.051   -3.967  1.00 15.29 ? 165 HIS A ND1 1 
ATOM   72  C  CD2 . HIS A 1 17  ? 3.713   5.934   -4.336  1.00 12.72 ? 165 HIS A CD2 1 
ATOM   73  C  CE1 . HIS A 1 17  ? 3.268   7.866   -5.272  1.00 16.15 ? 165 HIS A CE1 1 
ATOM   74  N  NE2 . HIS A 1 17  ? 3.508   6.588   -5.525  1.00 13.53 ? 165 HIS A NE2 1 
ATOM   75  N  N   . ILE A 1 18  ? 5.236   3.703   -2.650  1.00 9.61  ? 166 ILE A N   1 
ATOM   76  C  CA  . ILE A 1 18  ? 6.426   3.106   -3.248  1.00 9.80  ? 166 ILE A CA  1 
ATOM   77  C  C   . ILE A 1 18  ? 6.409   3.442   -4.732  1.00 10.36 ? 166 ILE A C   1 
ATOM   78  O  O   . ILE A 1 18  ? 5.535   2.996   -5.477  1.00 9.18  ? 166 ILE A O   1 
ATOM   79  C  CB  . ILE A 1 18  ? 6.452   1.554   -3.058  1.00 9.40  ? 166 ILE A CB  1 
ATOM   80  C  CG1 . ILE A 1 18  ? 6.549   1.204   -1.567  1.00 9.20  ? 166 ILE A CG1 1 
ATOM   81  C  CG2 . ILE A 1 18  ? 7.654   0.950   -3.794  1.00 9.75  ? 166 ILE A CG2 1 
ATOM   82  C  CD1 . ILE A 1 18  ? 5.210   1.115   -0.855  1.00 9.08  ? 166 ILE A CD1 1 
ATOM   83  N  N   . SER A 1 19  ? 7.379   4.245   -5.158  1.00 12.94 ? 167 SER A N   1 
ATOM   84  C  CA  . SER A 1 19  ? 7.477   4.657   -6.553  1.00 13.10 ? 167 SER A CA  1 
ATOM   85  C  C   . SER A 1 19  ? 8.921   4.556   -7.036  1.00 13.35 ? 167 SER A C   1 
ATOM   86  O  O   . SER A 1 19  ? 9.815   4.184   -6.282  1.00 14.14 ? 167 SER A O   1 
ATOM   87  C  CB  . SER A 1 19  ? 7.007   6.102   -6.701  1.00 12.30 ? 167 SER A CB  1 
ATOM   88  O  OG  . SER A 1 19  ? 7.821   6.960   -5.924  1.00 11.51 ? 167 SER A OG  1 
ATOM   89  N  N   . GLY A 1 20  ? 9.144   4.893   -8.300  1.00 14.69 ? 168 GLY A N   1 
ATOM   90  C  CA  . GLY A 1 20  ? 10.490  4.838   -8.829  1.00 15.03 ? 168 GLY A CA  1 
ATOM   91  C  C   . GLY A 1 20  ? 10.685  3.879   -9.976  1.00 18.72 ? 168 GLY A C   1 
ATOM   92  O  O   . GLY A 1 20  ? 11.764  3.852   -10.584 1.00 19.46 ? 168 GLY A O   1 
ATOM   93  N  N   . ASP A 1 21  ? 9.659   3.090   -10.283 1.00 19.53 ? 169 ASP A N   1 
ATOM   94  C  CA  . ASP A 1 21  ? 9.751   2.112   -11.356 1.00 21.48 ? 169 ASP A CA  1 
ATOM   95  C  C   . ASP A 1 21  ? 10.887  1.140   -11.080 1.00 19.83 ? 169 ASP A C   1 
ATOM   96  O  O   . ASP A 1 21  ? 10.767  0.290   -10.201 1.00 17.26 ? 169 ASP A O   1 
ATOM   97  C  CB  . ASP A 1 21  ? 9.952   2.804   -12.691 1.00 26.45 ? 169 ASP A CB  1 
ATOM   98  C  CG  . ASP A 1 21  ? 9.539   1.946   -13.859 1.00 32.00 ? 169 ASP A CG  1 
ATOM   99  O  OD1 . ASP A 1 21  ? 8.710   1.015   -13.649 1.00 33.59 ? 169 ASP A OD1 1 
ATOM   100 O  OD2 . ASP A 1 21  ? 10.061  2.158   -14.962 1.00 36.44 ? 169 ASP A OD2 1 
ATOM   101 N  N   . LYS A 1 22  ? 12.015  1.265   -11.782 1.00 20.29 ? 170 LYS A N   1 
ATOM   102 C  CA  . LYS A 1 22  ? 13.127  0.352   -11.537 1.00 19.45 ? 170 LYS A CA  1 
ATOM   103 C  C   . LYS A 1 22  ? 13.991  0.721   -10.323 1.00 17.71 ? 170 LYS A C   1 
ATOM   104 O  O   . LYS A 1 22  ? 14.783  -0.094  -9.848  1.00 18.95 ? 170 LYS A O   1 
ATOM   105 C  CB  . LYS A 1 22  ? 14.014  0.236   -12.770 1.00 21.88 ? 170 LYS A CB  1 
ATOM   106 C  CG  . LYS A 1 22  ? 13.269  -0.281  -13.998 1.00 25.09 ? 170 LYS A CG  1 
ATOM   107 C  CD  . LYS A 1 22  ? 14.173  -1.170  -14.830 1.00 27.92 ? 170 LYS A CD  1 
ATOM   108 C  CE  . LYS A 1 22  ? 13.404  -1.824  -15.967 1.00 31.88 ? 170 LYS A CE  1 
ATOM   109 N  NZ  . LYS A 1 22  ? 13.544  -3.327  -15.919 1.00 36.32 ? 170 LYS A NZ  1 
ATOM   110 N  N   . ASN A 1 23  ? 13.832  1.943   -9.818  1.00 17.24 ? 171 ASN A N   1 
ATOM   111 C  CA  . ASN A 1 23  ? 14.579  2.408   -8.657  1.00 17.67 ? 171 ASN A CA  1 
ATOM   112 C  C   . ASN A 1 23  ? 13.557  2.723   -7.553  1.00 19.02 ? 171 ASN A C   1 
ATOM   113 O  O   . ASN A 1 23  ? 13.310  3.887   -7.237  1.00 17.48 ? 171 ASN A O   1 
ATOM   114 C  CB  . ASN A 1 23  ? 15.377  3.666   -9.023  1.00 20.31 ? 171 ASN A CB  1 
ATOM   115 C  CG  . ASN A 1 23  ? 16.305  3.447   -10.213 1.00 20.51 ? 171 ASN A CG  1 
ATOM   116 O  OD1 . ASN A 1 23  ? 17.317  2.762   -10.104 1.00 22.33 ? 171 ASN A OD1 1 
ATOM   117 N  ND2 . ASN A 1 23  ? 15.964  4.039   -11.351 1.00 23.74 ? 171 ASN A ND2 1 
ATOM   118 N  N   . ALA A 1 24  ? 12.971  1.679   -6.966  1.00 17.86 ? 172 ALA A N   1 
ATOM   119 C  CA  . ALA A 1 24  ? 11.937  1.848   -5.942  1.00 16.00 ? 172 ALA A CA  1 
ATOM   120 C  C   . ALA A 1 24  ? 12.332  2.584   -4.670  1.00 13.08 ? 172 ALA A C   1 
ATOM   121 O  O   . ALA A 1 24  ? 13.352  2.296   -4.066  1.00 14.06 ? 172 ALA A O   1 
ATOM   122 C  CB  . ALA A 1 24  ? 11.344  0.484   -5.589  1.00 14.63 ? 172 ALA A CB  1 
ATOM   123 N  N   . LYS A 1 25  ? 11.495  3.534   -4.267  1.00 12.40 ? 173 LYS A N   1 
ATOM   124 C  CA  . LYS A 1 25  ? 11.702  4.326   -3.057  1.00 14.55 ? 173 LYS A CA  1 
ATOM   125 C  C   . LYS A 1 25  ? 10.369  4.370   -2.321  1.00 12.27 ? 173 LYS A C   1 
ATOM   126 O  O   . LYS A 1 25  ? 9.323   4.282   -2.953  1.00 13.35 ? 173 LYS A O   1 
ATOM   127 C  CB  . LYS A 1 25  ? 12.117  5.760   -3.410  1.00 19.41 ? 173 LYS A CB  1 
ATOM   128 C  CG  . LYS A 1 25  ? 13.568  5.920   -3.839  1.00 25.99 ? 173 LYS A CG  1 
ATOM   129 C  CD  . LYS A 1 25  ? 14.524  5.771   -2.664  1.00 31.55 ? 173 LYS A CD  1 
ATOM   130 C  CE  . LYS A 1 25  ? 15.117  7.113   -2.276  1.00 34.64 ? 173 LYS A CE  1 
ATOM   131 N  NZ  . LYS A 1 25  ? 14.071  8.093   -1.849  1.00 38.10 ? 173 LYS A NZ  1 
ATOM   132 N  N   . VAL A 1 26  ? 10.400  4.501   -0.999  1.00 12.04 ? 174 VAL A N   1 
ATOM   133 C  CA  . VAL A 1 26  ? 9.161   4.568   -0.222  1.00 12.66 ? 174 VAL A CA  1 
ATOM   134 C  C   . VAL A 1 26  ? 9.084   5.861   0.597   1.00 12.84 ? 174 VAL A C   1 
ATOM   135 O  O   . VAL A 1 26  ? 10.086  6.353   1.106   1.00 12.84 ? 174 VAL A O   1 
ATOM   136 C  CB  . VAL A 1 26  ? 9.002   3.334   0.721   1.00 12.22 ? 174 VAL A CB  1 
ATOM   137 C  CG1 . VAL A 1 26  ? 10.160  3.251   1.687   1.00 14.07 ? 174 VAL A CG1 1 
ATOM   138 C  CG2 . VAL A 1 26  ? 7.679   3.418   1.478   1.00 12.70 ? 174 VAL A CG2 1 
ATOM   139 N  N   . ALA A 1 27  ? 7.890   6.425   0.703   1.00 12.13 ? 175 ALA A N   1 
ATOM   140 C  CA  . ALA A 1 27  ? 7.721   7.646   1.465   1.00 13.51 ? 175 ALA A CA  1 
ATOM   141 C  C   . ALA A 1 27  ? 6.272   7.770   1.903   1.00 14.52 ? 175 ALA A C   1 
ATOM   142 O  O   . ALA A 1 27  ? 5.361   7.362   1.179   1.00 13.52 ? 175 ALA A O   1 
ATOM   143 C  CB  . ALA A 1 27  ? 8.112   8.846   0.621   1.00 14.44 ? 175 ALA A CB  1 
ATOM   144 N  N   . GLU A 1 28  ? 6.060   8.332   3.087   1.00 13.82 ? 176 GLU A N   1 
ATOM   145 C  CA  . GLU A 1 28  ? 4.710   8.506   3.581   1.00 12.75 ? 176 GLU A CA  1 
ATOM   146 C  C   . GLU A 1 28  ? 4.019   9.558   2.739   1.00 13.64 ? 176 GLU A C   1 
ATOM   147 O  O   . GLU A 1 28  ? 4.656   10.518  2.302   1.00 14.42 ? 176 GLU A O   1 
ATOM   148 C  CB  . GLU A 1 28  ? 4.736   8.948   5.035   1.00 15.75 ? 176 GLU A CB  1 
ATOM   149 C  CG  . GLU A 1 28  ? 3.347   9.074   5.627   1.00 16.48 ? 176 GLU A CG  1 
ATOM   150 C  CD  . GLU A 1 28  ? 3.358   9.060   7.131   1.00 16.16 ? 176 GLU A CD  1 
ATOM   151 O  OE1 . GLU A 1 28  ? 4.457   9.092   7.714   1.00 17.18 ? 176 GLU A OE1 1 
ATOM   152 O  OE2 . GLU A 1 28  ? 2.267   9.020   7.734   1.00 18.64 ? 176 GLU A OE2 1 
ATOM   153 N  N   . VAL A 1 29  ? 2.722   9.376   2.503   1.00 13.02 ? 177 VAL A N   1 
ATOM   154 C  CA  . VAL A 1 29  ? 1.926   10.323  1.721   1.00 10.44 ? 177 VAL A CA  1 
ATOM   155 C  C   . VAL A 1 29  ? 0.605   10.516  2.472   1.00 10.92 ? 177 VAL A C   1 
ATOM   156 O  O   . VAL A 1 29  ? 0.308   9.769   3.398   1.00 11.75 ? 177 VAL A O   1 
ATOM   157 C  CB  . VAL A 1 29  ? 1.641   9.783   0.304   1.00 10.54 ? 177 VAL A CB  1 
ATOM   158 C  CG1 . VAL A 1 29  ? 2.939   9.708   -0.490  1.00 9.36  ? 177 VAL A CG1 1 
ATOM   159 C  CG2 . VAL A 1 29  ? 0.977   8.404   0.386   1.00 8.62  ? 177 VAL A CG2 1 
ATOM   160 N  N   . PRO A 1 30  ? -0.196  11.523  2.102   1.00 11.53 ? 178 PRO A N   1 
ATOM   161 C  CA  . PRO A 1 30  ? -1.452  11.663  2.859   1.00 11.42 ? 178 PRO A CA  1 
ATOM   162 C  C   . PRO A 1 30  ? -2.361  10.424  2.791   1.00 10.62 ? 178 PRO A C   1 
ATOM   163 O  O   . PRO A 1 30  ? -2.579  9.867   1.719   1.00 12.03 ? 178 PRO A O   1 
ATOM   164 C  CB  . PRO A 1 30  ? -2.109  12.897  2.239   1.00 11.04 ? 178 PRO A CB  1 
ATOM   165 C  CG  . PRO A 1 30  ? -0.975  13.628  1.522   1.00 13.81 ? 178 PRO A CG  1 
ATOM   166 C  CD  . PRO A 1 30  ? -0.035  12.558  1.068   1.00 11.56 ? 178 PRO A CD  1 
ATOM   167 N  N   . LEU A 1 31  ? -2.901  10.005  3.934   1.00 11.62 ? 179 LEU A N   1 
ATOM   168 C  CA  . LEU A 1 31  ? -3.786  8.842   3.984   1.00 10.81 ? 179 LEU A CA  1 
ATOM   169 C  C   . LEU A 1 31  ? -5.144  9.189   3.400   1.00 12.01 ? 179 LEU A C   1 
ATOM   170 O  O   . LEU A 1 31  ? -6.016  9.713   4.102   1.00 13.31 ? 179 LEU A O   1 
ATOM   171 C  CB  . LEU A 1 31  ? -3.960  8.366   5.423   1.00 12.56 ? 179 LEU A CB  1 
ATOM   172 C  CG  . LEU A 1 31  ? -5.000  7.266   5.681   1.00 14.13 ? 179 LEU A CG  1 
ATOM   173 C  CD1 . LEU A 1 31  ? -4.455  5.893   5.242   1.00 15.20 ? 179 LEU A CD1 1 
ATOM   174 C  CD2 . LEU A 1 31  ? -5.338  7.258   7.156   1.00 13.00 ? 179 LEU A CD2 1 
ATOM   175 N  N   . ALA A 1 32  ? -5.307  8.891   2.113   1.00 12.22 ? 180 ALA A N   1 
ATOM   176 C  CA  . ALA A 1 32  ? -6.528  9.149   1.367   1.00 10.66 ? 180 ALA A CA  1 
ATOM   177 C  C   . ALA A 1 32  ? -6.506  8.348   0.077   1.00 13.52 ? 180 ALA A C   1 
ATOM   178 O  O   . ALA A 1 32  ? -5.441  8.051   -0.479  1.00 12.82 ? 180 ALA A O   1 
ATOM   179 C  CB  . ALA A 1 32  ? -6.651  10.630  1.042   1.00 10.59 ? 180 ALA A CB  1 
ATOM   180 N  N   . THR A 1 33  ? -7.691  7.996   -0.397  1.00 13.42 ? 181 THR A N   1 
ATOM   181 C  CA  . THR A 1 33  ? -7.817  7.254   -1.632  1.00 14.94 ? 181 THR A CA  1 
ATOM   182 C  C   . THR A 1 33  ? -7.212  8.087   -2.755  1.00 14.53 ? 181 THR A C   1 
ATOM   183 O  O   . THR A 1 33  ? -6.616  7.553   -3.691  1.00 13.33 ? 181 THR A O   1 
ATOM   184 C  CB  . THR A 1 33  ? -9.296  6.992   -1.961  1.00 16.65 ? 181 THR A CB  1 
ATOM   185 O  OG1 . THR A 1 33  ? -9.909  6.288   -0.871  1.00 17.69 ? 181 THR A OG1 1 
ATOM   186 C  CG2 . THR A 1 33  ? -9.427  6.182   -3.239  1.00 17.16 ? 181 THR A CG2 1 
ATOM   187 N  N   . SER A 1 34  ? -7.360  9.403   -2.651  1.00 14.85 ? 182 SER A N   1 
ATOM   188 C  CA  . SER A 1 34  ? -6.853  10.306  -3.683  1.00 16.32 ? 182 SER A CA  1 
ATOM   189 C  C   . SER A 1 34  ? -5.332  10.378  -3.756  1.00 16.73 ? 182 SER A C   1 
ATOM   190 O  O   . SER A 1 34  ? -4.786  11.035  -4.640  1.00 17.23 ? 182 SER A O   1 
ATOM   191 C  CB  . SER A 1 34  ? -7.428  11.718  -3.502  1.00 15.47 ? 182 SER A CB  1 
ATOM   192 O  OG  . SER A 1 34  ? -7.396  12.123  -2.150  1.00 17.15 ? 182 SER A OG  1 
ATOM   193 N  N   . SER A 1 35  ? -4.650  9.709   -2.829  1.00 16.13 ? 183 SER A N   1 
ATOM   194 C  CA  . SER A 1 35  ? -3.188  9.688   -2.829  1.00 15.15 ? 183 SER A CA  1 
ATOM   195 C  C   . SER A 1 35  ? -2.696  8.548   -3.703  1.00 15.90 ? 183 SER A C   1 
ATOM   196 O  O   . SER A 1 35  ? -1.529  8.513   -4.085  1.00 16.03 ? 183 SER A O   1 
ATOM   197 C  CB  . SER A 1 35  ? -2.637  9.490   -1.417  1.00 13.07 ? 183 SER A CB  1 
ATOM   198 O  OG  . SER A 1 35  ? -2.686  10.691  -0.673  1.00 14.29 ? 183 SER A OG  1 
ATOM   199 N  N   . LEU A 1 36  ? -3.594  7.615   -4.022  1.00 15.06 ? 184 LEU A N   1 
ATOM   200 C  CA  . LEU A 1 36  ? -3.234  6.450   -4.830  1.00 15.57 ? 184 LEU A CA  1 
ATOM   201 C  C   . LEU A 1 36  ? -3.142  6.746   -6.315  1.00 14.66 ? 184 LEU A C   1 
ATOM   202 O  O   . LEU A 1 36  ? -3.678  7.739   -6.799  1.00 14.85 ? 184 LEU A O   1 
ATOM   203 C  CB  . LEU A 1 36  ? -4.262  5.315   -4.641  1.00 14.25 ? 184 LEU A CB  1 
ATOM   204 C  CG  . LEU A 1 36  ? -4.667  4.839   -3.240  1.00 13.45 ? 184 LEU A CG  1 
ATOM   205 C  CD1 . LEU A 1 36  ? -5.842  3.862   -3.361  1.00 12.74 ? 184 LEU A CD1 1 
ATOM   206 C  CD2 . LEU A 1 36  ? -3.481  4.183   -2.549  1.00 11.66 ? 184 LEU A CD2 1 
ATOM   207 N  N   . ASN A 1 37  ? -2.442  5.872   -7.030  1.00 14.49 ? 185 ASN A N   1 
ATOM   208 C  CA  . ASN A 1 37  ? -2.347  5.973   -8.474  1.00 14.43 ? 185 ASN A CA  1 
ATOM   209 C  C   . ASN A 1 37  ? -2.049  4.575   -9.001  1.00 13.15 ? 185 ASN A C   1 
ATOM   210 O  O   . ASN A 1 37  ? -1.458  3.745   -8.307  1.00 12.41 ? 185 ASN A O   1 
ATOM   211 C  CB  . ASN A 1 37  ? -1.326  7.053   -8.908  1.00 15.50 ? 185 ASN A CB  1 
ATOM   212 C  CG  . ASN A 1 37  ? 0.090   6.551   -8.989  1.00 11.92 ? 185 ASN A CG  1 
ATOM   213 O  OD1 . ASN A 1 37  ? 0.435   5.785   -9.883  1.00 16.09 ? 185 ASN A OD1 1 
ATOM   214 N  ND2 . ASN A 1 37  ? 0.926   6.995   -8.065  1.00 11.12 ? 185 ASN A ND2 1 
ATOM   215 N  N   . SER A 1 38  ? -2.504  4.306   -10.215 1.00 14.41 ? 186 SER A N   1 
ATOM   216 C  CA  . SER A 1 38  ? -2.357  2.994   -10.831 1.00 14.77 ? 186 SER A CA  1 
ATOM   217 C  C   . SER A 1 38  ? -0.948  2.536   -11.222 1.00 15.71 ? 186 SER A C   1 
ATOM   218 O  O   . SER A 1 38  ? -0.726  1.346   -11.509 1.00 14.31 ? 186 SER A O   1 
ATOM   219 C  CB  . SER A 1 38  ? -3.261  2.930   -12.057 1.00 17.96 ? 186 SER A CB  1 
ATOM   220 O  OG  . SER A 1 38  ? -4.598  3.236   -11.697 1.00 21.12 ? 186 SER A OG  1 
ATOM   221 N  N   . GLY A 1 39  ? 0.008   3.456   -11.216 1.00 13.13 ? 187 GLY A N   1 
ATOM   222 C  CA  . GLY A 1 39  ? 1.342   3.074   -11.625 1.00 13.24 ? 187 GLY A CA  1 
ATOM   223 C  C   . GLY A 1 39  ? 2.312   2.683   -10.533 1.00 14.06 ? 187 GLY A C   1 
ATOM   224 O  O   . GLY A 1 39  ? 3.388   2.168   -10.835 1.00 13.19 ? 187 GLY A O   1 
ATOM   225 N  N   . ASP A 1 40  ? 1.941   2.902   -9.273  1.00 14.46 ? 188 ASP A N   1 
ATOM   226 C  CA  . ASP A 1 40  ? 2.841   2.588   -8.164  1.00 13.58 ? 188 ASP A CA  1 
ATOM   227 C  C   . ASP A 1 40  ? 2.295   1.541   -7.176  1.00 12.63 ? 188 ASP A C   1 
ATOM   228 O  O   . ASP A 1 40  ? 1.296   0.879   -7.449  1.00 11.97 ? 188 ASP A O   1 
ATOM   229 C  CB  . ASP A 1 40  ? 3.179   3.890   -7.420  1.00 14.07 ? 188 ASP A CB  1 
ATOM   230 C  CG  . ASP A 1 40  ? 3.689   4.984   -8.353  1.00 13.53 ? 188 ASP A CG  1 
ATOM   231 O  OD1 . ASP A 1 40  ? 4.343   4.645   -9.348  1.00 13.86 ? 188 ASP A OD1 1 
ATOM   232 O  OD2 . ASP A 1 40  ? 3.434   6.178   -8.100  1.00 12.68 ? 188 ASP A OD2 1 
ATOM   233 N  N   . CYS A 1 41  ? 2.977   1.379   -6.043  1.00 11.02 ? 189 CYS A N   1 
ATOM   234 C  CA  . CYS A 1 41  ? 2.551   0.445   -4.998  1.00 10.48 ? 189 CYS A CA  1 
ATOM   235 C  C   . CYS A 1 41  ? 2.389   1.246   -3.719  1.00 9.92  ? 189 CYS A C   1 
ATOM   236 O  O   . CYS A 1 41  ? 3.051   2.265   -3.529  1.00 8.95  ? 189 CYS A O   1 
ATOM   237 C  CB  . CYS A 1 41  ? 3.579   -0.668  -4.772  1.00 8.97  ? 189 CYS A CB  1 
ATOM   238 S  SG  . CYS A 1 41  ? 3.622   -1.890  -6.093  1.00 12.62 ? 189 CYS A SG  1 
ATOM   239 N  N   . PHE A 1 42  ? 1.503   0.779   -2.846  1.00 9.01  ? 190 PHE A N   1 
ATOM   240 C  CA  . PHE A 1 42  ? 1.231   1.463   -1.595  1.00 8.64  ? 190 PHE A CA  1 
ATOM   241 C  C   . PHE A 1 42  ? 1.073   0.470   -0.467  1.00 9.61  ? 190 PHE A C   1 
ATOM   242 O  O   . PHE A 1 42  ? 0.692   -0.677  -0.689  1.00 9.14  ? 190 PHE A O   1 
ATOM   243 C  CB  . PHE A 1 42  ? -0.068  2.269   -1.698  1.00 9.03  ? 190 PHE A CB  1 
ATOM   244 C  CG  . PHE A 1 42  ? -0.028  3.343   -2.731  1.00 10.24 ? 190 PHE A CG  1 
ATOM   245 C  CD1 . PHE A 1 42  ? -0.156  3.030   -4.075  1.00 9.52  ? 190 PHE A CD1 1 
ATOM   246 C  CD2 . PHE A 1 42  ? 0.191   4.664   -2.361  1.00 10.24 ? 190 PHE A CD2 1 
ATOM   247 C  CE1 . PHE A 1 42  ? -0.061  4.020   -5.047  1.00 11.52 ? 190 PHE A CE1 1 
ATOM   248 C  CE2 . PHE A 1 42  ? 0.289   5.668   -3.325  1.00 10.17 ? 190 PHE A CE2 1 
ATOM   249 C  CZ  . PHE A 1 42  ? 0.164   5.345   -4.670  1.00 11.05 ? 190 PHE A CZ  1 
ATOM   250 N  N   . LEU A 1 43  ? 1.387   0.923   0.742   1.00 9.37  ? 191 LEU A N   1 
ATOM   251 C  CA  . LEU A 1 43  ? 1.208   0.119   1.932   1.00 9.22  ? 191 LEU A CA  1 
ATOM   252 C  C   . LEU A 1 43  ? 0.319   0.942   2.849   1.00 10.13 ? 191 LEU A C   1 
ATOM   253 O  O   . LEU A 1 43  ? 0.706   2.033   3.282   1.00 11.55 ? 191 LEU A O   1 
ATOM   254 C  CB  . LEU A 1 43  ? 2.537   -0.142  2.639   1.00 10.88 ? 191 LEU A CB  1 
ATOM   255 C  CG  . LEU A 1 43  ? 3.484   -1.153  2.001   1.00 10.38 ? 191 LEU A CG  1 
ATOM   256 C  CD1 . LEU A 1 43  ? 4.749   -1.229  2.840   1.00 11.52 ? 191 LEU A CD1 1 
ATOM   257 C  CD2 . LEU A 1 43  ? 2.811   -2.512  1.900   1.00 11.53 ? 191 LEU A CD2 1 
ATOM   258 N  N   . LEU A 1 44  ? -0.889  0.466   3.113   1.00 9.55  ? 192 LEU A N   1 
ATOM   259 C  CA  . LEU A 1 44  ? -1.741  1.187   4.045   1.00 9.83  ? 192 LEU A CA  1 
ATOM   260 C  C   . LEU A 1 44  ? -1.425  0.484   5.361   1.00 10.76 ? 192 LEU A C   1 
ATOM   261 O  O   . LEU A 1 44  ? -1.870  -0.649  5.594   1.00 9.52  ? 192 LEU A O   1 
ATOM   262 C  CB  . LEU A 1 44  ? -3.217  1.031   3.678   1.00 10.59 ? 192 LEU A CB  1 
ATOM   263 C  CG  . LEU A 1 44  ? -4.168  2.039   4.334   1.00 11.98 ? 192 LEU A CG  1 
ATOM   264 C  CD1 . LEU A 1 44  ? -5.602  1.723   3.935   1.00 10.99 ? 192 LEU A CD1 1 
ATOM   265 C  CD2 . LEU A 1 44  ? -4.004  1.997   5.837   1.00 9.77  ? 192 LEU A CD2 1 
ATOM   266 N  N   . ASP A 1 45  ? -0.610  1.135   6.190   1.00 10.30 ? 193 ASP A N   1 
ATOM   267 C  CA  . ASP A 1 45  ? -0.213  0.584   7.478   1.00 11.26 ? 193 ASP A CA  1 
ATOM   268 C  C   . ASP A 1 45  ? -1.228  0.998   8.526   1.00 12.84 ? 193 ASP A C   1 
ATOM   269 O  O   . ASP A 1 45  ? -1.242  2.140   8.985   1.00 11.91 ? 193 ASP A O   1 
ATOM   270 C  CB  . ASP A 1 45  ? 1.177   1.085   7.868   1.00 12.65 ? 193 ASP A CB  1 
ATOM   271 C  CG  . ASP A 1 45  ? 1.609   0.595   9.234   1.00 13.57 ? 193 ASP A CG  1 
ATOM   272 O  OD1 . ASP A 1 45  ? 0.874   -0.209  9.855   1.00 14.45 ? 193 ASP A OD1 1 
ATOM   273 O  OD2 . ASP A 1 45  ? 2.689   1.018   9.694   1.00 14.74 ? 193 ASP A OD2 1 
ATOM   274 N  N   . ALA A 1 46  ? -2.083  0.055   8.897   1.00 13.38 ? 194 ALA A N   1 
ATOM   275 C  CA  . ALA A 1 46  ? -3.132  0.317   9.864   1.00 14.01 ? 194 ALA A CA  1 
ATOM   276 C  C   . ALA A 1 46  ? -2.808  -0.196  11.261  1.00 15.91 ? 194 ALA A C   1 
ATOM   277 O  O   . ALA A 1 46  ? -3.683  -0.225  12.132  1.00 18.57 ? 194 ALA A O   1 
ATOM   278 C  CB  . ALA A 1 46  ? -4.425  -0.299  9.372   1.00 15.28 ? 194 ALA A CB  1 
ATOM   279 N  N   . GLY A 1 47  ? -1.564  -0.601  11.485  1.00 13.26 ? 195 GLY A N   1 
ATOM   280 C  CA  . GLY A 1 47  ? -1.185  -1.091  12.800  1.00 13.65 ? 195 GLY A CA  1 
ATOM   281 C  C   . GLY A 1 47  ? -1.146  -2.610  12.923  1.00 14.00 ? 195 GLY A C   1 
ATOM   282 O  O   . GLY A 1 47  ? -0.083  -3.227  12.789  1.00 12.11 ? 195 GLY A O   1 
ATOM   283 N  N   . LEU A 1 48  ? -2.305  -3.215  13.178  1.00 13.36 ? 196 LEU A N   1 
ATOM   284 C  CA  . LEU A 1 48  ? -2.402  -4.663  13.330  1.00 13.80 ? 196 LEU A CA  1 
ATOM   285 C  C   . LEU A 1 48  ? -2.537  -5.334  11.976  1.00 12.07 ? 196 LEU A C   1 
ATOM   286 O  O   . LEU A 1 48  ? -2.399  -6.545  11.866  1.00 11.47 ? 196 LEU A O   1 
ATOM   287 C  CB  . LEU A 1 48  ? -3.599  -5.034  14.214  1.00 15.68 ? 196 LEU A CB  1 
ATOM   288 C  CG  . LEU A 1 48  ? -3.531  -4.583  15.676  1.00 17.44 ? 196 LEU A CG  1 
ATOM   289 C  CD1 . LEU A 1 48  ? -4.878  -4.799  16.338  1.00 17.85 ? 196 LEU A CD1 1 
ATOM   290 C  CD2 . LEU A 1 48  ? -2.459  -5.357  16.401  1.00 19.29 ? 196 LEU A CD2 1 
ATOM   291 N  N   . THR A 1 49  ? -2.840  -4.538  10.953  1.00 11.89 ? 197 THR A N   1 
ATOM   292 C  CA  . THR A 1 49  ? -2.965  -5.041  9.587   1.00 12.93 ? 197 THR A CA  1 
ATOM   293 C  C   . THR A 1 49  ? -2.254  -4.095  8.616   1.00 14.26 ? 197 THR A C   1 
ATOM   294 O  O   . THR A 1 49  ? -2.383  -2.874  8.713   1.00 12.39 ? 197 THR A O   1 
ATOM   295 C  CB  . THR A 1 49  ? -4.444  -5.167  9.119   1.00 12.85 ? 197 THR A CB  1 
ATOM   296 O  OG1 . THR A 1 49  ? -5.164  -6.035  10.002  1.00 13.37 ? 197 THR A OG1 1 
ATOM   297 C  CG2 . THR A 1 49  ? -4.501  -5.749  7.713   1.00 10.30 ? 197 THR A CG2 1 
ATOM   298 N  N   . ILE A 1 50  ? -1.491  -4.665  7.690   1.00 13.73 ? 198 ILE A N   1 
ATOM   299 C  CA  . ILE A 1 50  ? -0.796  -3.867  6.684   1.00 12.00 ? 198 ILE A CA  1 
ATOM   300 C  C   . ILE A 1 50  ? -1.367  -4.305  5.349   1.00 11.12 ? 198 ILE A C   1 
ATOM   301 O  O   . ILE A 1 50  ? -1.312  -5.487  5.013   1.00 10.88 ? 198 ILE A O   1 
ATOM   302 C  CB  . ILE A 1 50  ? 0.742   -4.125  6.685   1.00 12.81 ? 198 ILE A CB  1 
ATOM   303 C  CG1 . ILE A 1 50  ? 1.328   -3.786  8.058   1.00 12.72 ? 198 ILE A CG1 1 
ATOM   304 C  CG2 . ILE A 1 50  ? 1.416   -3.285  5.598   1.00 11.10 ? 198 ILE A CG2 1 
ATOM   305 C  CD1 . ILE A 1 50  ? 2.642   -4.469  8.334   1.00 14.16 ? 198 ILE A CD1 1 
ATOM   306 N  N   . TYR A 1 51  ? -1.925  -3.363  4.599   1.00 9.08  ? 199 TYR A N   1 
ATOM   307 C  CA  . TYR A 1 51  ? -2.498  -3.664  3.296   1.00 9.80  ? 199 TYR A CA  1 
ATOM   308 C  C   . TYR A 1 51  ? -1.562  -3.220  2.179   1.00 11.40 ? 199 TYR A C   1 
ATOM   309 O  O   . TYR A 1 51  ? -1.203  -2.044  2.099   1.00 10.84 ? 199 TYR A O   1 
ATOM   310 C  CB  . TYR A 1 51  ? -3.832  -2.939  3.105   1.00 10.54 ? 199 TYR A CB  1 
ATOM   311 C  CG  . TYR A 1 51  ? -4.886  -3.263  4.138   1.00 11.17 ? 199 TYR A CG  1 
ATOM   312 C  CD1 . TYR A 1 51  ? -4.978  -2.525  5.314   1.00 11.05 ? 199 TYR A CD1 1 
ATOM   313 C  CD2 . TYR A 1 51  ? -5.792  -4.306  3.937   1.00 12.25 ? 199 TYR A CD2 1 
ATOM   314 C  CE1 . TYR A 1 51  ? -5.952  -2.814  6.275   1.00 14.12 ? 199 TYR A CE1 1 
ATOM   315 C  CE2 . TYR A 1 51  ? -6.773  -4.604  4.892   1.00 12.91 ? 199 TYR A CE2 1 
ATOM   316 C  CZ  . TYR A 1 51  ? -6.846  -3.858  6.056   1.00 13.45 ? 199 TYR A CZ  1 
ATOM   317 O  OH  . TYR A 1 51  ? -7.804  -4.147  7.010   1.00 14.27 ? 199 TYR A OH  1 
ATOM   318 N  N   . GLN A 1 52  ? -1.160  -4.154  1.325   1.00 10.59 ? 200 GLN A N   1 
ATOM   319 C  CA  . GLN A 1 52  ? -0.301  -3.802  0.208   1.00 10.28 ? 200 GLN A CA  1 
ATOM   320 C  C   . GLN A 1 52  ? -1.115  -3.792  -1.078  1.00 10.90 ? 200 GLN A C   1 
ATOM   321 O  O   . GLN A 1 52  ? -1.663  -4.816  -1.506  1.00 9.98  ? 200 GLN A O   1 
ATOM   322 C  CB  . GLN A 1 52  ? 0.865   -4.778  0.062   1.00 10.54 ? 200 GLN A CB  1 
ATOM   323 C  CG  . GLN A 1 52  ? 1.740   -4.440  -1.146  1.00 12.18 ? 200 GLN A CG  1 
ATOM   324 C  CD  . GLN A 1 52  ? 2.885   -5.404  -1.336  1.00 11.76 ? 200 GLN A CD  1 
ATOM   325 O  OE1 . GLN A 1 52  ? 3.346   -5.624  -2.457  1.00 15.19 ? 200 GLN A OE1 1 
ATOM   326 N  NE2 . GLN A 1 52  ? 3.350   -5.981  -0.249  1.00 10.87 ? 200 GLN A NE2 1 
ATOM   327 N  N   . PHE A 1 53  ? -1.194  -2.611  -1.685  1.00 10.66 ? 201 PHE A N   1 
ATOM   328 C  CA  . PHE A 1 53  ? -1.926  -2.403  -2.924  1.00 11.43 ? 201 PHE A CA  1 
ATOM   329 C  C   . PHE A 1 53  ? -0.925  -2.274  -4.074  1.00 12.55 ? 201 PHE A C   1 
ATOM   330 O  O   . PHE A 1 53  ? -0.081  -1.378  -4.060  1.00 13.03 ? 201 PHE A O   1 
ATOM   331 C  CB  . PHE A 1 53  ? -2.767  -1.129  -2.762  1.00 10.28 ? 201 PHE A CB  1 
ATOM   332 C  CG  . PHE A 1 53  ? -3.373  -0.607  -4.033  1.00 14.08 ? 201 PHE A CG  1 
ATOM   333 C  CD1 . PHE A 1 53  ? -2.639  0.225   -4.889  1.00 16.13 ? 201 PHE A CD1 1 
ATOM   334 C  CD2 . PHE A 1 53  ? -4.704  -0.862  -4.338  1.00 14.48 ? 201 PHE A CD2 1 
ATOM   335 C  CE1 . PHE A 1 53  ? -3.232  0.801   -6.023  1.00 15.94 ? 201 PHE A CE1 1 
ATOM   336 C  CE2 . PHE A 1 53  ? -5.302  -0.291  -5.465  1.00 14.44 ? 201 PHE A CE2 1 
ATOM   337 C  CZ  . PHE A 1 53  ? -4.566  0.540   -6.308  1.00 16.32 ? 201 PHE A CZ  1 
ATOM   338 N  N   . ASN A 1 54  ? -1.000  -3.176  -5.049  1.00 12.68 ? 202 ASN A N   1 
ATOM   339 C  CA  . ASN A 1 54  ? -0.105  -3.111  -6.211  1.00 12.51 ? 202 ASN A CA  1 
ATOM   340 C  C   . ASN A 1 54  ? -0.840  -2.444  -7.364  1.00 13.25 ? 202 ASN A C   1 
ATOM   341 O  O   . ASN A 1 54  ? -1.811  -2.998  -7.874  1.00 13.56 ? 202 ASN A O   1 
ATOM   342 C  CB  . ASN A 1 54  ? 0.300   -4.503  -6.694  1.00 13.22 ? 202 ASN A CB  1 
ATOM   343 C  CG  . ASN A 1 54  ? 1.084   -5.292  -5.674  1.00 15.13 ? 202 ASN A CG  1 
ATOM   344 O  OD1 . ASN A 1 54  ? 0.969   -6.518  -5.624  1.00 20.24 ? 202 ASN A OD1 1 
ATOM   345 N  ND2 . ASN A 1 54  ? 1.892   -4.612  -4.869  1.00 9.92  ? 202 ASN A ND2 1 
ATOM   346 N  N   . GLY A 1 55  ? -0.388  -1.265  -7.780  1.00 12.94 ? 203 GLY A N   1 
ATOM   347 C  CA  . GLY A 1 55  ? -1.027  -0.602  -8.901  1.00 14.26 ? 203 GLY A CA  1 
ATOM   348 C  C   . GLY A 1 55  ? -0.932  -1.537  -10.094 1.00 15.67 ? 203 GLY A C   1 
ATOM   349 O  O   . GLY A 1 55  ? 0.027   -2.308  -10.198 1.00 15.31 ? 203 GLY A O   1 
ATOM   350 N  N   . SER A 1 56  ? -1.911  -1.494  -10.991 1.00 15.19 ? 204 SER A N   1 
ATOM   351 C  CA  . SER A 1 56  ? -1.889  -2.383  -12.146 1.00 16.93 ? 204 SER A CA  1 
ATOM   352 C  C   . SER A 1 56  ? -0.675  -2.144  -13.045 1.00 16.65 ? 204 SER A C   1 
ATOM   353 O  O   . SER A 1 56  ? -0.199  -3.067  -13.701 1.00 16.68 ? 204 SER A O   1 
ATOM   354 C  CB  . SER A 1 56  ? -3.187  -2.250  -12.948 1.00 17.86 ? 204 SER A CB  1 
ATOM   355 O  OG  . SER A 1 56  ? -3.229  -1.029  -13.646 1.00 20.43 ? 204 SER A OG  1 
ATOM   356 N  N   . LYS A 1 57  ? -0.159  -0.919  -13.058 1.00 16.77 ? 205 LYS A N   1 
ATOM   357 C  CA  . LYS A 1 57  ? 1.004   -0.614  -13.881 1.00 17.12 ? 205 LYS A CA  1 
ATOM   358 C  C   . LYS A 1 57  ? 2.302   -0.530  -13.066 1.00 17.43 ? 205 LYS A C   1 
ATOM   359 O  O   . LYS A 1 57  ? 3.330   -0.079  -13.573 1.00 17.07 ? 205 LYS A O   1 
ATOM   360 C  CB  . LYS A 1 57  ? 0.790   0.703   -14.624 1.00 18.81 ? 205 LYS A CB  1 
ATOM   361 C  CG  . LYS A 1 57  ? -0.337  0.673   -15.633 1.00 23.21 ? 205 LYS A CG  1 
ATOM   362 C  CD  . LYS A 1 57  ? -0.135  -0.427  -16.650 1.00 28.20 ? 205 LYS A CD  1 
ATOM   363 C  CE  . LYS A 1 57  ? -1.426  -0.712  -17.428 1.00 32.51 ? 205 LYS A CE  1 
ATOM   364 N  NZ  . LYS A 1 57  ? -2.103  -1.995  -17.019 1.00 32.35 ? 205 LYS A NZ  1 
ATOM   365 N  N   . SER A 1 58  ? 2.265   -0.963  -11.809 1.00 15.29 ? 206 SER A N   1 
ATOM   366 C  CA  . SER A 1 58  ? 3.457   -0.910  -10.966 1.00 13.99 ? 206 SER A CA  1 
ATOM   367 C  C   . SER A 1 58  ? 4.518   -1.889  -11.453 1.00 13.71 ? 206 SER A C   1 
ATOM   368 O  O   . SER A 1 58  ? 4.216   -2.882  -12.110 1.00 12.98 ? 206 SER A O   1 
ATOM   369 C  CB  . SER A 1 58  ? 3.109   -1.213  -9.505  1.00 13.26 ? 206 SER A CB  1 
ATOM   370 O  OG  . SER A 1 58  ? 2.703   -2.559  -9.345  1.00 12.48 ? 206 SER A OG  1 
ATOM   371 N  N   . SER A 1 59  ? 5.766   -1.606  -11.107 1.00 13.40 ? 207 SER A N   1 
ATOM   372 C  CA  . SER A 1 59  ? 6.882   -2.440  -11.531 1.00 13.54 ? 207 SER A CA  1 
ATOM   373 C  C   . SER A 1 59  ? 7.242   -3.531  -10.530 1.00 13.10 ? 207 SER A C   1 
ATOM   374 O  O   . SER A 1 59  ? 6.823   -3.487  -9.368  1.00 12.56 ? 207 SER A O   1 
ATOM   375 C  CB  . SER A 1 59  ? 8.114   -1.562  -11.748 1.00 12.35 ? 207 SER A CB  1 
ATOM   376 O  OG  . SER A 1 59  ? 8.695   -1.257  -10.491 1.00 11.72 ? 207 SER A OG  1 
ATOM   377 N  N   . PRO A 1 60  ? 7.994   -4.555  -10.984 1.00 12.40 ? 208 PRO A N   1 
ATOM   378 C  CA  . PRO A 1 60  ? 8.406   -5.642  -10.090 1.00 11.86 ? 208 PRO A CA  1 
ATOM   379 C  C   . PRO A 1 60  ? 9.255   -5.101  -8.926  1.00 11.63 ? 208 PRO A C   1 
ATOM   380 O  O   . PRO A 1 60  ? 9.137   -5.562  -7.786  1.00 8.77  ? 208 PRO A O   1 
ATOM   381 C  CB  . PRO A 1 60  ? 9.193   -6.583  -11.006 1.00 11.01 ? 208 PRO A CB  1 
ATOM   382 C  CG  . PRO A 1 60  ? 8.699   -6.278  -12.384 1.00 12.45 ? 208 PRO A CG  1 
ATOM   383 C  CD  . PRO A 1 60  ? 8.415   -4.800  -12.375 1.00 12.89 ? 208 PRO A CD  1 
ATOM   384 N  N   . GLN A 1 61  ? 10.108  -4.118  -9.218  1.00 10.70 ? 209 GLN A N   1 
ATOM   385 C  CA  . GLN A 1 61  ? 10.960  -3.515  -8.194  1.00 9.93  ? 209 GLN A CA  1 
ATOM   386 C  C   . GLN A 1 61  ? 10.094  -2.841  -7.134  1.00 8.75  ? 209 GLN A C   1 
ATOM   387 O  O   . GLN A 1 61  ? 10.389  -2.904  -5.947  1.00 9.20  ? 209 GLN A O   1 
ATOM   388 C  CB  . GLN A 1 61  ? 11.896  -2.476  -8.826  1.00 10.74 ? 209 GLN A CB  1 
ATOM   389 C  CG  . GLN A 1 61  ? 13.044  -3.084  -9.621  1.00 12.24 ? 209 GLN A CG  1 
ATOM   390 C  CD  . GLN A 1 61  ? 12.654  -3.430  -11.055 1.00 16.21 ? 209 GLN A CD  1 
ATOM   391 O  OE1 . GLN A 1 61  ? 11.484  -3.328  -11.445 1.00 16.27 ? 209 GLN A OE1 1 
ATOM   392 N  NE2 . GLN A 1 61  ? 13.638  -3.845  -11.851 1.00 16.64 ? 209 GLN A NE2 1 
ATOM   393 N  N   . GLU A 1 62  ? 9.019   -2.196  -7.572  1.00 9.33  ? 210 GLU A N   1 
ATOM   394 C  CA  . GLU A 1 62  ? 8.114   -1.522  -6.648  1.00 9.53  ? 210 GLU A CA  1 
ATOM   395 C  C   . GLU A 1 62  ? 7.367   -2.541  -5.775  1.00 10.73 ? 210 GLU A C   1 
ATOM   396 O  O   . GLU A 1 62  ? 7.211   -2.331  -4.578  1.00 9.39  ? 210 GLU A O   1 
ATOM   397 C  CB  . GLU A 1 62  ? 7.123   -0.661  -7.421  1.00 10.38 ? 210 GLU A CB  1 
ATOM   398 C  CG  . GLU A 1 62  ? 7.664   0.722   -7.749  1.00 10.94 ? 210 GLU A CG  1 
ATOM   399 C  CD  . GLU A 1 62  ? 6.979   1.355   -8.939  1.00 12.93 ? 210 GLU A CD  1 
ATOM   400 O  OE1 . GLU A 1 62  ? 6.033   0.752   -9.499  1.00 15.20 ? 210 GLU A OE1 1 
ATOM   401 O  OE2 . GLU A 1 62  ? 7.389   2.469   -9.316  1.00 14.34 ? 210 GLU A OE2 1 
ATOM   402 N  N   . LYS A 1 63  ? 6.908   -3.642  -6.374  1.00 10.31 ? 211 LYS A N   1 
ATOM   403 C  CA  . LYS A 1 63  ? 6.204   -4.668  -5.605  1.00 10.28 ? 211 LYS A CA  1 
ATOM   404 C  C   . LYS A 1 63  ? 7.149   -5.237  -4.560  1.00 9.79  ? 211 LYS A C   1 
ATOM   405 O  O   . LYS A 1 63  ? 6.770   -5.426  -3.400  1.00 7.63  ? 211 LYS A O   1 
ATOM   406 C  CB  . LYS A 1 63  ? 5.715   -5.794  -6.519  1.00 11.45 ? 211 LYS A CB  1 
ATOM   407 C  CG  . LYS A 1 63  ? 4.547   -5.421  -7.422  1.00 11.17 ? 211 LYS A CG  1 
ATOM   408 C  CD  . LYS A 1 63  ? 4.228   -6.547  -8.412  1.00 10.92 ? 211 LYS A CD  1 
ATOM   409 C  CE  . LYS A 1 63  ? 3.052   -6.188  -9.312  1.00 10.92 ? 211 LYS A CE  1 
ATOM   410 N  NZ  . LYS A 1 63  ? 3.365   -5.086  -10.271 1.00 11.66 ? 211 LYS A NZ  1 
ATOM   411 N  N   . ASN A 1 64  ? 8.388   -5.508  -4.973  1.00 9.52  ? 212 ASN A N   1 
ATOM   412 C  CA  . ASN A 1 64  ? 9.394   -6.051  -4.066  1.00 8.88  ? 212 ASN A CA  1 
ATOM   413 C  C   . ASN A 1 64  ? 9.687   -5.059  -2.946  1.00 9.92  ? 212 ASN A C   1 
ATOM   414 O  O   . ASN A 1 64  ? 9.822   -5.445  -1.792  1.00 8.96  ? 212 ASN A O   1 
ATOM   415 C  CB  . ASN A 1 64  ? 10.706  -6.358  -4.804  1.00 9.42  ? 212 ASN A CB  1 
ATOM   416 C  CG  . ASN A 1 64  ? 10.628  -7.604  -5.666  1.00 10.06 ? 212 ASN A CG  1 
ATOM   417 O  OD1 . ASN A 1 64  ? 9.668   -8.360  -5.613  1.00 14.06 ? 212 ASN A OD1 1 
ATOM   418 N  ND2 . ASN A 1 64  ? 11.647  -7.810  -6.475  1.00 11.48 ? 212 ASN A ND2 1 
ATOM   419 N  N   . LYS A 1 65  ? 9.791   -3.777  -3.289  1.00 10.39 ? 213 LYS A N   1 
ATOM   420 C  CA  . LYS A 1 65  ? 10.072  -2.769  -2.269  1.00 11.25 ? 213 LYS A CA  1 
ATOM   421 C  C   . LYS A 1 65  ? 8.924   -2.717  -1.264  1.00 10.72 ? 213 LYS A C   1 
ATOM   422 O  O   . LYS A 1 65  ? 9.156   -2.707  -0.054  1.00 10.97 ? 213 LYS A O   1 
ATOM   423 C  CB  . LYS A 1 65  ? 10.269  -1.394  -2.915  1.00 10.71 ? 213 LYS A CB  1 
ATOM   424 C  CG  . LYS A 1 65  ? 10.711  -0.296  -1.949  1.00 15.56 ? 213 LYS A CG  1 
ATOM   425 C  CD  . LYS A 1 65  ? 11.862  -0.750  -1.067  1.00 19.85 ? 213 LYS A CD  1 
ATOM   426 C  CE  . LYS A 1 65  ? 13.146  0.026   -1.339  1.00 26.63 ? 213 LYS A CE  1 
ATOM   427 N  NZ  . LYS A 1 65  ? 14.329  -0.521  -0.591  1.00 27.50 ? 213 LYS A NZ  1 
ATOM   428 N  N   . ALA A 1 66  ? 7.689   -2.676  -1.764  1.00 9.72  ? 214 ALA A N   1 
ATOM   429 C  CA  . ALA A 1 66  ? 6.528   -2.641  -0.877  1.00 9.87  ? 214 ALA A CA  1 
ATOM   430 C  C   . ALA A 1 66  ? 6.550   -3.853  0.056   1.00 10.33 ? 214 ALA A C   1 
ATOM   431 O  O   . ALA A 1 66  ? 6.336   -3.724  1.263   1.00 9.79  ? 214 ALA A O   1 
ATOM   432 C  CB  . ALA A 1 66  ? 5.239   -2.625  -1.689  1.00 8.54  ? 214 ALA A CB  1 
ATOM   433 N  N   . ALA A 1 67  ? 6.824   -5.026  -0.504  1.00 10.02 ? 215 ALA A N   1 
ATOM   434 C  CA  . ALA A 1 67  ? 6.868   -6.243  0.297   1.00 10.35 ? 215 ALA A CA  1 
ATOM   435 C  C   . ALA A 1 67  ? 7.977   -6.161  1.338   1.00 10.71 ? 215 ALA A C   1 
ATOM   436 O  O   . ALA A 1 67  ? 7.807   -6.595  2.480   1.00 11.24 ? 215 ALA A O   1 
ATOM   437 C  CB  . ALA A 1 67  ? 7.069   -7.453  -0.604  1.00 9.06  ? 215 ALA A CB  1 
ATOM   438 N  N   . GLU A 1 68  ? 9.112   -5.593  0.950   1.00 10.60 ? 216 GLU A N   1 
ATOM   439 C  CA  . GLU A 1 68  ? 10.253  -5.458  1.846   1.00 11.55 ? 216 GLU A CA  1 
ATOM   440 C  C   . GLU A 1 68  ? 9.926   -4.531  3.015   1.00 9.87  ? 216 GLU A C   1 
ATOM   441 O  O   . GLU A 1 68  ? 10.279  -4.817  4.168   1.00 10.06 ? 216 GLU A O   1 
ATOM   442 C  CB  . GLU A 1 68  ? 11.460  -4.940  1.052   1.00 16.26 ? 216 GLU A CB  1 
ATOM   443 C  CG  . GLU A 1 68  ? 12.615  -4.378  1.877   1.00 23.73 ? 216 GLU A CG  1 
ATOM   444 C  CD  . GLU A 1 68  ? 13.634  -3.603  1.018   1.00 29.65 ? 216 GLU A CD  1 
ATOM   445 O  OE1 . GLU A 1 68  ? 13.555  -3.675  -0.231  1.00 30.18 ? 216 GLU A OE1 1 
ATOM   446 O  OE2 . GLU A 1 68  ? 14.518  -2.921  1.591   1.00 34.68 ? 216 GLU A OE2 1 
ATOM   447 N  N   . VAL A 1 69  ? 9.246   -3.426  2.724   1.00 9.52  ? 217 VAL A N   1 
ATOM   448 C  CA  . VAL A 1 69  ? 8.870   -2.466  3.767   1.00 9.63  ? 217 VAL A CA  1 
ATOM   449 C  C   . VAL A 1 69  ? 7.849   -3.123  4.723   1.00 9.82  ? 217 VAL A C   1 
ATOM   450 O  O   . VAL A 1 69  ? 7.949   -2.990  5.946   1.00 7.92  ? 217 VAL A O   1 
ATOM   451 C  CB  . VAL A 1 69  ? 8.287   -1.185  3.136   1.00 9.69  ? 217 VAL A CB  1 
ATOM   452 C  CG1 . VAL A 1 69  ? 7.809   -0.227  4.213   1.00 8.41  ? 217 VAL A CG1 1 
ATOM   453 C  CG2 . VAL A 1 69  ? 9.356   -0.512  2.291   1.00 11.06 ? 217 VAL A CG2 1 
ATOM   454 N  N   . ALA A 1 70  ? 6.895   -3.859  4.153   1.00 10.34 ? 218 ALA A N   1 
ATOM   455 C  CA  . ALA A 1 70  ? 5.883   -4.556  4.951   1.00 11.81 ? 218 ALA A CA  1 
ATOM   456 C  C   . ALA A 1 70  ? 6.539   -5.567  5.904   1.00 11.44 ? 218 ALA A C   1 
ATOM   457 O  O   . ALA A 1 70  ? 6.171   -5.659  7.073   1.00 11.79 ? 218 ALA A O   1 
ATOM   458 C  CB  . ALA A 1 70  ? 4.881   -5.267  4.030   1.00 10.58 ? 218 ALA A CB  1 
ATOM   459 N  N   . ARG A 1 71  ? 7.516   -6.318  5.413   1.00 11.23 ? 219 ARG A N   1 
ATOM   460 C  CA  . ARG A 1 71  ? 8.191   -7.295  6.268   1.00 14.32 ? 219 ARG A CA  1 
ATOM   461 C  C   . ARG A 1 71  ? 8.961   -6.596  7.370   1.00 13.37 ? 219 ARG A C   1 
ATOM   462 O  O   . ARG A 1 71  ? 9.002   -7.079  8.498   1.00 15.07 ? 219 ARG A O   1 
ATOM   463 C  CB  . ARG A 1 71  ? 9.152   -8.180  5.462   1.00 15.30 ? 219 ARG A CB  1 
ATOM   464 C  CG  . ARG A 1 71  ? 8.475   -9.369  4.804   1.00 23.76 ? 219 ARG A CG  1 
ATOM   465 C  CD  . ARG A 1 71  ? 9.420   -10.104 3.865   1.00 29.42 ? 219 ARG A CD  1 
ATOM   466 N  NE  . ARG A 1 71  ? 8.934   -10.122 2.485   1.00 33.63 ? 219 ARG A NE  1 
ATOM   467 C  CZ  . ARG A 1 71  ? 9.650   -9.719  1.435   1.00 34.42 ? 219 ARG A CZ  1 
ATOM   468 N  NH1 . ARG A 1 71  ? 10.888  -9.265  1.600   1.00 32.41 ? 219 ARG A NH1 1 
ATOM   469 N  NH2 . ARG A 1 71  ? 9.134   -9.789  0.215   1.00 36.12 ? 219 ARG A NH2 1 
ATOM   470 N  N   . ALA A 1 72  ? 9.568   -5.457  7.049   1.00 12.61 ? 220 ALA A N   1 
ATOM   471 C  CA  . ALA A 1 72  ? 10.341  -4.708  8.035   1.00 11.72 ? 220 ALA A CA  1 
ATOM   472 C  C   . ALA A 1 72  ? 9.416   -4.182  9.130   1.00 12.02 ? 220 ALA A C   1 
ATOM   473 O  O   . ALA A 1 72  ? 9.763   -4.207  10.315  1.00 13.07 ? 220 ALA A O   1 
ATOM   474 C  CB  . ALA A 1 72  ? 11.079  -3.547  7.360   1.00 9.96  ? 220 ALA A CB  1 
ATOM   475 N  N   . ILE A 1 73  ? 8.243   -3.695  8.733   1.00 11.80 ? 221 ILE A N   1 
ATOM   476 C  CA  . ILE A 1 73  ? 7.275   -3.185  9.704   1.00 12.36 ? 221 ILE A CA  1 
ATOM   477 C  C   . ILE A 1 73  ? 6.827   -4.362  10.573  1.00 12.75 ? 221 ILE A C   1 
ATOM   478 O  O   . ILE A 1 73  ? 6.783   -4.268  11.805  1.00 12.95 ? 221 ILE A O   1 
ATOM   479 C  CB  . ILE A 1 73  ? 6.049   -2.555  8.995   1.00 11.85 ? 221 ILE A CB  1 
ATOM   480 C  CG1 . ILE A 1 73  ? 6.458   -1.222  8.355   1.00 8.86  ? 221 ILE A CG1 1 
ATOM   481 C  CG2 . ILE A 1 73  ? 4.894   -2.344  10.003  1.00 10.79 ? 221 ILE A CG2 1 
ATOM   482 C  CD1 . ILE A 1 73  ? 5.464   -0.689  7.342   1.00 7.99  ? 221 ILE A CD1 1 
ATOM   483 N  N   . ASP A 1 74  ? 6.506   -5.475  9.924   1.00 12.71 ? 222 ASP A N   1 
ATOM   484 C  CA  . ASP A 1 74  ? 6.083   -6.669  10.643  1.00 14.25 ? 222 ASP A CA  1 
ATOM   485 C  C   . ASP A 1 74  ? 7.149   -7.122  11.643  1.00 15.17 ? 222 ASP A C   1 
ATOM   486 O  O   . ASP A 1 74  ? 6.839   -7.479  12.780  1.00 16.46 ? 222 ASP A O   1 
ATOM   487 C  CB  . ASP A 1 74  ? 5.811   -7.799  9.664   1.00 15.70 ? 222 ASP A CB  1 
ATOM   488 C  CG  . ASP A 1 74  ? 5.343   -9.037  10.365  1.00 17.81 ? 222 ASP A CG  1 
ATOM   489 O  OD1 . ASP A 1 74  ? 4.237   -8.974  10.929  1.00 16.97 ? 222 ASP A OD1 1 
ATOM   490 O  OD2 . ASP A 1 74  ? 6.078   -10.046 10.378  1.00 19.25 ? 222 ASP A OD2 1 
ATOM   491 N  N   . ALA A 1 75  ? 8.407   -7.112  11.211  1.00 15.10 ? 223 ALA A N   1 
ATOM   492 C  CA  . ALA A 1 75  ? 9.508   -7.515  12.071  1.00 15.46 ? 223 ALA A CA  1 
ATOM   493 C  C   . ALA A 1 75  ? 9.599   -6.602  13.280  1.00 16.96 ? 223 ALA A C   1 
ATOM   494 O  O   . ALA A 1 75  ? 9.691   -7.075  14.413  1.00 17.18 ? 223 ALA A O   1 
ATOM   495 C  CB  . ALA A 1 75  ? 10.817  -7.483  11.300  1.00 17.19 ? 223 ALA A CB  1 
ATOM   496 N  N   . GLU A 1 76  ? 9.584   -5.290  13.051  1.00 17.51 ? 224 GLU A N   1 
ATOM   497 C  CA  . GLU A 1 76  ? 9.658   -4.353  14.167  1.00 17.04 ? 224 GLU A CA  1 
ATOM   498 C  C   . GLU A 1 76  ? 8.499   -4.610  15.129  1.00 16.14 ? 224 GLU A C   1 
ATOM   499 O  O   . GLU A 1 76  ? 8.642   -4.462  16.334  1.00 18.03 ? 224 GLU A O   1 
ATOM   500 C  CB  . GLU A 1 76  ? 9.607   -2.904  13.667  1.00 19.71 ? 224 GLU A CB  1 
ATOM   501 C  CG  . GLU A 1 76  ? 10.937  -2.405  13.127  1.00 22.21 ? 224 GLU A CG  1 
ATOM   502 C  CD  . GLU A 1 76  ? 11.132  -0.891  13.256  1.00 25.46 ? 224 GLU A CD  1 
ATOM   503 O  OE1 . GLU A 1 76  ? 10.133  -0.149  13.411  1.00 22.39 ? 224 GLU A OE1 1 
ATOM   504 O  OE2 . GLU A 1 76  ? 12.305  -0.448  13.201  1.00 23.26 ? 224 GLU A OE2 1 
ATOM   505 N  N   . ARG A 1 77  ? 7.353   -5.010  14.595  1.00 14.47 ? 225 ARG A N   1 
ATOM   506 C  CA  . ARG A 1 77  ? 6.191   -5.268  15.433  1.00 13.54 ? 225 ARG A CA  1 
ATOM   507 C  C   . ARG A 1 77  ? 6.097   -6.726  15.856  1.00 13.07 ? 225 ARG A C   1 
ATOM   508 O  O   . ARG A 1 77  ? 5.016   -7.259  16.114  1.00 11.21 ? 225 ARG A O   1 
ATOM   509 C  CB  . ARG A 1 77  ? 4.925   -4.806  14.710  1.00 13.24 ? 225 ARG A CB  1 
ATOM   510 C  CG  . ARG A 1 77  ? 4.764   -3.292  14.790  1.00 14.10 ? 225 ARG A CG  1 
ATOM   511 C  CD  . ARG A 1 77  ? 3.515   -2.762  14.097  1.00 12.99 ? 225 ARG A CD  1 
ATOM   512 N  NE  . ARG A 1 77  ? 3.761   -1.420  13.573  1.00 14.63 ? 225 ARG A NE  1 
ATOM   513 C  CZ  . ARG A 1 77  ? 3.103   -0.878  12.556  1.00 15.23 ? 225 ARG A CZ  1 
ATOM   514 N  NH1 . ARG A 1 77  ? 2.146   -1.567  11.952  1.00 16.89 ? 225 ARG A NH1 1 
ATOM   515 N  NH2 . ARG A 1 77  ? 3.418   0.340   12.123  1.00 15.86 ? 225 ARG A NH2 1 
ATOM   516 N  N   . LYS A 1 78  ? 7.262   -7.357  15.919  1.00 13.65 ? 226 LYS A N   1 
ATOM   517 C  CA  . LYS A 1 78  ? 7.402   -8.736  16.352  1.00 14.07 ? 226 LYS A CA  1 
ATOM   518 C  C   . LYS A 1 78  ? 6.427   -9.742  15.756  1.00 13.86 ? 226 LYS A C   1 
ATOM   519 O  O   . LYS A 1 78  ? 5.985   -10.658 16.437  1.00 13.42 ? 226 LYS A O   1 
ATOM   520 C  CB  . LYS A 1 78  ? 7.347   -8.776  17.880  1.00 15.71 ? 226 LYS A CB  1 
ATOM   521 C  CG  . LYS A 1 78  ? 8.389   -7.846  18.542  1.00 20.85 ? 226 LYS A CG  1 
ATOM   522 C  CD  . LYS A 1 78  ? 9.757   -8.534  18.687  1.00 24.08 ? 226 LYS A CD  1 
ATOM   523 C  CE  . LYS A 1 78  ? 10.906  -7.538  18.888  1.00 25.98 ? 226 LYS A CE  1 
ATOM   524 N  NZ  . LYS A 1 78  ? 11.521  -7.141  17.584  1.00 29.53 ? 226 LYS A NZ  1 
ATOM   525 N  N   . GLY A 1 79  ? 6.099   -9.565  14.480  1.00 12.61 ? 227 GLY A N   1 
ATOM   526 C  CA  . GLY A 1 79  ? 5.207   -10.478 13.795  1.00 11.99 ? 227 GLY A CA  1 
ATOM   527 C  C   . GLY A 1 79  ? 3.724   -10.364 14.081  1.00 12.48 ? 227 GLY A C   1 
ATOM   528 O  O   . GLY A 1 79  ? 2.931   -11.103 13.511  1.00 13.18 ? 227 GLY A O   1 
ATOM   529 N  N   . LEU A 1 80  ? 3.327   -9.433  14.935  1.00 12.26 ? 228 LEU A N   1 
ATOM   530 C  CA  . LEU A 1 80  ? 1.913   -9.290  15.269  1.00 13.28 ? 228 LEU A CA  1 
ATOM   531 C  C   . LEU A 1 80  ? 0.957   -8.924  14.123  1.00 13.92 ? 228 LEU A C   1 
ATOM   532 O  O   . LEU A 1 80  ? -0.141  -9.473  14.027  1.00 13.41 ? 228 LEU A O   1 
ATOM   533 C  CB  . LEU A 1 80  ? 1.751   -8.261  16.392  1.00 14.64 ? 228 LEU A CB  1 
ATOM   534 C  CG  . LEU A 1 80  ? 0.378   -8.222  17.058  1.00 16.17 ? 228 LEU A CG  1 
ATOM   535 C  CD1 . LEU A 1 80  ? -0.011  -9.629  17.537  1.00 16.59 ? 228 LEU A CD1 1 
ATOM   536 C  CD2 . LEU A 1 80  ? 0.424   -7.253  18.223  1.00 16.32 ? 228 LEU A CD2 1 
ATOM   537 N  N   . PRO A 1 81  ? 1.358   -7.995  13.234  1.00 14.26 ? 229 PRO A N   1 
ATOM   538 C  CA  . PRO A 1 81  ? 0.464   -7.610  12.133  1.00 12.89 ? 229 PRO A CA  1 
ATOM   539 C  C   . PRO A 1 81  ? 0.101   -8.669  11.104  1.00 14.03 ? 229 PRO A C   1 
ATOM   540 O  O   . PRO A 1 81  ? 0.845   -9.600  10.866  1.00 13.36 ? 229 PRO A O   1 
ATOM   541 C  CB  . PRO A 1 81  ? 1.181   -6.426  11.461  1.00 15.97 ? 229 PRO A CB  1 
ATOM   542 C  CG  . PRO A 1 81  ? 2.315   -6.036  12.392  1.00 14.86 ? 229 PRO A CG  1 
ATOM   543 C  CD  . PRO A 1 81  ? 2.638   -7.258  13.203  1.00 14.26 ? 229 PRO A CD  1 
ATOM   544 N  N   . LYS A 1 82  ? -1.068  -8.519  10.500  1.00 15.05 ? 230 LYS A N   1 
ATOM   545 C  CA  . LYS A 1 82  ? -1.494  -9.416  9.444   1.00 16.86 ? 230 LYS A CA  1 
ATOM   546 C  C   . LYS A 1 82  ? -1.203  -8.611  8.183   1.00 15.56 ? 230 LYS A C   1 
ATOM   547 O  O   . LYS A 1 82  ? -1.423  -7.398  8.153   1.00 15.48 ? 230 LYS A O   1 
ATOM   548 C  CB  . LYS A 1 82  ? -2.990  -9.716  9.558   1.00 20.72 ? 230 LYS A CB  1 
ATOM   549 C  CG  . LYS A 1 82  ? -3.421  -10.009 10.988  1.00 28.66 ? 230 LYS A CG  1 
ATOM   550 C  CD  . LYS A 1 82  ? -4.251  -11.280 11.099  1.00 33.96 ? 230 LYS A CD  1 
ATOM   551 C  CE  . LYS A 1 82  ? -3.877  -12.084 12.337  1.00 36.54 ? 230 LYS A CE  1 
ATOM   552 N  NZ  . LYS A 1 82  ? -2.698  -12.959 12.078  1.00 38.86 ? 230 LYS A NZ  1 
ATOM   553 N  N   . VAL A 1 83  ? -0.674  -9.262  7.158   1.00 15.14 ? 231 VAL A N   1 
ATOM   554 C  CA  . VAL A 1 83  ? -0.366  -8.562  5.922   1.00 15.45 ? 231 VAL A CA  1 
ATOM   555 C  C   . VAL A 1 83  ? -1.241  -9.078  4.794   1.00 17.74 ? 231 VAL A C   1 
ATOM   556 O  O   . VAL A 1 83  ? -1.331  -10.289 4.559   1.00 17.58 ? 231 VAL A O   1 
ATOM   557 C  CB  . VAL A 1 83  ? 1.122   -8.735  5.527   1.00 15.62 ? 231 VAL A CB  1 
ATOM   558 C  CG1 . VAL A 1 83  ? 1.412   -7.989  4.219   1.00 15.48 ? 231 VAL A CG1 1 
ATOM   559 C  CG2 . VAL A 1 83  ? 2.014   -8.225  6.643   1.00 14.69 ? 231 VAL A CG2 1 
ATOM   560 N  N   . GLU A 1 84  ? -1.897  -8.147  4.111   1.00 17.09 ? 232 GLU A N   1 
ATOM   561 C  CA  . GLU A 1 84  ? -2.760  -8.464  2.992   1.00 17.86 ? 232 GLU A CA  1 
ATOM   562 C  C   . GLU A 1 84  ? -2.157  -7.829  1.756   1.00 17.83 ? 232 GLU A C   1 
ATOM   563 O  O   . GLU A 1 84  ? -1.737  -6.672  1.798   1.00 16.51 ? 232 GLU A O   1 
ATOM   564 C  CB  . GLU A 1 84  ? -4.146  -7.888  3.227   1.00 21.52 ? 232 GLU A CB  1 
ATOM   565 C  CG  . GLU A 1 84  ? -4.782  -8.387  4.495   1.00 27.96 ? 232 GLU A CG  1 
ATOM   566 C  CD  . GLU A 1 84  ? -5.970  -9.251  4.212   1.00 30.96 ? 232 GLU A CD  1 
ATOM   567 O  OE1 . GLU A 1 84  ? -5.826  -10.207 3.419   1.00 29.83 ? 232 GLU A OE1 1 
ATOM   568 O  OE2 . GLU A 1 84  ? -7.046  -8.966  4.778   1.00 35.30 ? 232 GLU A OE2 1 
ATOM   569 N  N   . VAL A 1 85  ? -2.099  -8.591  0.666   1.00 14.13 ? 233 VAL A N   1 
ATOM   570 C  CA  . VAL A 1 85  ? -1.554  -8.088  -0.590  1.00 14.03 ? 233 VAL A CA  1 
ATOM   571 C  C   . VAL A 1 85  ? -2.564  -8.287  -1.703  1.00 15.57 ? 233 VAL A C   1 
ATOM   572 O  O   . VAL A 1 85  ? -3.192  -9.347  -1.804  1.00 16.02 ? 233 VAL A O   1 
ATOM   573 C  CB  . VAL A 1 85  ? -0.261  -8.821  -0.999  1.00 14.91 ? 233 VAL A CB  1 
ATOM   574 C  CG1 . VAL A 1 85  ? 0.363   -8.114  -2.200  1.00 14.84 ? 233 VAL A CG1 1 
ATOM   575 C  CG2 . VAL A 1 85  ? 0.708   -8.881  0.169   1.00 14.57 ? 233 VAL A CG2 1 
ATOM   576 N  N   . PHE A 1 86  ? -2.733  -7.273  -2.538  1.00 13.11 ? 234 PHE A N   1 
ATOM   577 C  CA  . PHE A 1 86  ? -3.666  -7.382  -3.630  1.00 14.87 ? 234 PHE A CA  1 
ATOM   578 C  C   . PHE A 1 86  ? -3.318  -6.458  -4.776  1.00 16.09 ? 234 PHE A C   1 
ATOM   579 O  O   . PHE A 1 86  ? -2.679  -5.415  -4.593  1.00 14.71 ? 234 PHE A O   1 
ATOM   580 C  CB  . PHE A 1 86  ? -5.093  -7.100  -3.151  1.00 15.49 ? 234 PHE A CB  1 
ATOM   581 C  CG  . PHE A 1 86  ? -5.200  -5.976  -2.167  1.00 15.04 ? 234 PHE A CG  1 
ATOM   582 C  CD1 . PHE A 1 86  ? -5.276  -4.656  -2.609  1.00 14.25 ? 234 PHE A CD1 1 
ATOM   583 C  CD2 . PHE A 1 86  ? -5.264  -6.235  -0.800  1.00 14.89 ? 234 PHE A CD2 1 
ATOM   584 C  CE1 . PHE A 1 86  ? -5.410  -3.606  -1.700  1.00 14.48 ? 234 PHE A CE1 1 
ATOM   585 C  CE2 . PHE A 1 86  ? -5.400  -5.185  0.120   1.00 16.15 ? 234 PHE A CE2 1 
ATOM   586 C  CZ  . PHE A 1 86  ? -5.477  -3.874  -0.334  1.00 15.14 ? 234 PHE A CZ  1 
HETATM 587 N  N   . CSO A 1 87  ? -3.739  -6.874  -5.962  1.00 16.07 ? 235 CSO A N   1 
HETATM 588 C  CA  . CSO A 1 87  ? -3.524  -6.122  -7.176  1.00 18.64 ? 235 CSO A CA  1 
HETATM 589 C  CB  . CSO A 1 87  ? -3.500  -7.066  -8.382  1.00 19.32 ? 235 CSO A CB  1 
HETATM 590 S  SG  . CSO A 1 87  ? -1.982  -8.042  -8.474  1.00 25.34 ? 235 CSO A SG  1 
HETATM 591 C  C   . CSO A 1 87  ? -4.665  -5.141  -7.298  1.00 19.01 ? 235 CSO A C   1 
HETATM 592 O  O   . CSO A 1 87  ? -5.776  -5.399  -6.831  1.00 19.02 ? 235 CSO A O   1 
HETATM 593 O  OD  . CSO A 1 87  ? -0.753  -7.085  -8.238  1.00 22.64 ? 235 CSO A OD  1 
ATOM   594 N  N   . GLU A 1 88  ? -4.393  -4.025  -7.952  1.00 19.28 ? 236 GLU A N   1 
ATOM   595 C  CA  . GLU A 1 88  ? -5.389  -2.997  -8.129  1.00 18.61 ? 236 GLU A CA  1 
ATOM   596 C  C   . GLU A 1 88  ? -6.663  -3.518  -8.776  1.00 20.48 ? 236 GLU A C   1 
ATOM   597 O  O   . GLU A 1 88  ? -7.767  -3.100  -8.419  1.00 19.40 ? 236 GLU A O   1 
ATOM   598 C  CB  . GLU A 1 88  ? -4.812  -1.874  -8.970  1.00 18.24 ? 236 GLU A CB  1 
ATOM   599 C  CG  . GLU A 1 88  ? -5.847  -0.960  -9.549  1.00 18.62 ? 236 GLU A CG  1 
ATOM   600 C  CD  . GLU A 1 88  ? -5.247  0.131   -10.405 1.00 22.63 ? 236 GLU A CD  1 
ATOM   601 O  OE1 . GLU A 1 88  ? -4.041  0.056   -10.722 1.00 22.08 ? 236 GLU A OE1 1 
ATOM   602 O  OE2 . GLU A 1 88  ? -5.986  1.068   -10.765 1.00 23.14 ? 236 GLU A OE2 1 
ATOM   603 N  N   . THR A 1 89  ? -6.524  -4.447  -9.712  1.00 20.87 ? 237 THR A N   1 
ATOM   604 C  CA  . THR A 1 89  ? -7.701  -4.961  -10.388 1.00 23.27 ? 237 THR A CA  1 
ATOM   605 C  C   . THR A 1 89  ? -8.369  -6.157  -9.721  1.00 24.26 ? 237 THR A C   1 
ATOM   606 O  O   . THR A 1 89  ? -9.342  -6.696  -10.252 1.00 25.73 ? 237 THR A O   1 
ATOM   607 C  CB  . THR A 1 89  ? -7.380  -5.325  -11.842 1.00 23.36 ? 237 THR A CB  1 
ATOM   608 O  OG1 . THR A 1 89  ? -6.400  -6.369  -11.877 1.00 24.29 ? 237 THR A OG1 1 
ATOM   609 C  CG2 . THR A 1 89  ? -6.851  -4.110  -12.582 1.00 26.33 ? 237 THR A CG2 1 
ATOM   610 N  N   . ASP A 1 90  ? -7.862  -6.570  -8.563  1.00 24.22 ? 238 ASP A N   1 
ATOM   611 C  CA  . ASP A 1 90  ? -8.436  -7.708  -7.848  1.00 24.33 ? 238 ASP A CA  1 
ATOM   612 C  C   . ASP A 1 90  ? -9.906  -7.471  -7.492  1.00 25.96 ? 238 ASP A C   1 
ATOM   613 O  O   . ASP A 1 90  ? -10.322 -6.343  -7.207  1.00 24.50 ? 238 ASP A O   1 
ATOM   614 C  CB  . ASP A 1 90  ? -7.626  -8.002  -6.582  1.00 22.48 ? 238 ASP A CB  1 
ATOM   615 C  CG  . ASP A 1 90  ? -6.374  -8.810  -6.873  1.00 23.09 ? 238 ASP A CG  1 
ATOM   616 O  OD1 . ASP A 1 90  ? -6.182  -9.210  -8.047  1.00 22.89 ? 238 ASP A OD1 1 
ATOM   617 O  OD2 . ASP A 1 90  ? -5.580  -9.051  -5.934  1.00 21.61 ? 238 ASP A OD2 1 
ATOM   618 N  N   . SER A 1 91  ? -10.687 -8.548  -7.514  1.00 27.08 ? 239 SER A N   1 
ATOM   619 C  CA  . SER A 1 91  ? -12.116 -8.474  -7.219  1.00 28.73 ? 239 SER A CA  1 
ATOM   620 C  C   . SER A 1 91  ? -12.443 -8.664  -5.737  1.00 27.80 ? 239 SER A C   1 
ATOM   621 O  O   . SER A 1 91  ? -13.591 -8.488  -5.324  1.00 30.15 ? 239 SER A O   1 
ATOM   622 C  CB  . SER A 1 91  ? -12.864 -9.530  -8.035  1.00 29.70 ? 239 SER A CB  1 
ATOM   623 O  OG  . SER A 1 91  ? -12.711 -10.811 -7.440  1.00 30.99 ? 239 SER A OG  1 
ATOM   624 N  N   . ASP A 1 92  ? -11.445 -9.017  -4.936  1.00 25.45 ? 240 ASP A N   1 
ATOM   625 C  CA  . ASP A 1 92  ? -11.682 -9.232  -3.515  1.00 24.38 ? 240 ASP A CA  1 
ATOM   626 C  C   . ASP A 1 92  ? -10.840 -8.351  -2.585  1.00 21.60 ? 240 ASP A C   1 
ATOM   627 O  O   . ASP A 1 92  ? -10.396 -8.796  -1.523  1.00 19.65 ? 240 ASP A O   1 
ATOM   628 C  CB  . ASP A 1 92  ? -11.454 -10.701 -3.176  1.00 26.80 ? 240 ASP A CB  1 
ATOM   629 C  CG  . ASP A 1 92  ? -10.030 -11.130 -3.425  1.00 31.00 ? 240 ASP A CG  1 
ATOM   630 O  OD1 . ASP A 1 92  ? -9.328  -10.424 -4.189  1.00 31.98 ? 240 ASP A OD1 1 
ATOM   631 O  OD2 . ASP A 1 92  ? -9.609  -12.165 -2.862  1.00 32.50 ? 240 ASP A OD2 1 
ATOM   632 N  N   . ILE A 1 93  ? -10.607 -7.109  -2.989  1.00 19.45 ? 241 ILE A N   1 
ATOM   633 C  CA  . ILE A 1 93  ? -9.848  -6.201  -2.143  1.00 17.34 ? 241 ILE A CA  1 
ATOM   634 C  C   . ILE A 1 93  ? -10.736 -5.968  -0.923  1.00 18.21 ? 241 ILE A C   1 
ATOM   635 O  O   . ILE A 1 93  ? -11.940 -5.720  -1.060  1.00 18.38 ? 241 ILE A O   1 
ATOM   636 C  CB  . ILE A 1 93  ? -9.587  -4.855  -2.853  1.00 16.34 ? 241 ILE A CB  1 
ATOM   637 C  CG1 . ILE A 1 93  ? -8.645  -5.070  -4.035  1.00 15.49 ? 241 ILE A CG1 1 
ATOM   638 C  CG2 . ILE A 1 93  ? -8.994  -3.847  -1.867  1.00 15.91 ? 241 ILE A CG2 1 
ATOM   639 C  CD1 . ILE A 1 93  ? -8.330  -3.814  -4.803  1.00 17.27 ? 241 ILE A CD1 1 
ATOM   640 N  N   . PRO A 1 94  ? -10.173 -6.076  0.285   1.00 18.33 ? 242 PRO A N   1 
ATOM   641 C  CA  . PRO A 1 94  ? -10.985 -5.860  1.488   1.00 18.30 ? 242 PRO A CA  1 
ATOM   642 C  C   . PRO A 1 94  ? -11.607 -4.462  1.622   1.00 19.31 ? 242 PRO A C   1 
ATOM   643 O  O   . PRO A 1 94  ? -10.952 -3.440  1.394   1.00 17.87 ? 242 PRO A O   1 
ATOM   644 C  CB  . PRO A 1 94  ? -10.035 -6.176  2.641   1.00 18.34 ? 242 PRO A CB  1 
ATOM   645 C  CG  . PRO A 1 94  ? -8.668  -6.155  2.062   1.00 19.42 ? 242 PRO A CG  1 
ATOM   646 C  CD  . PRO A 1 94  ? -8.782  -6.441  0.596   1.00 18.27 ? 242 PRO A CD  1 
ATOM   647 N  N   . ALA A 1 95  ? -12.881 -4.433  2.002   1.00 17.17 ? 243 ALA A N   1 
ATOM   648 C  CA  . ALA A 1 95  ? -13.602 -3.184  2.182   1.00 16.57 ? 243 ALA A CA  1 
ATOM   649 C  C   . ALA A 1 95  ? -12.910 -2.259  3.188   1.00 16.90 ? 243 ALA A C   1 
ATOM   650 O  O   . ALA A 1 95  ? -12.947 -1.033  3.048   1.00 18.76 ? 243 ALA A O   1 
ATOM   651 C  CB  . ALA A 1 95  ? -15.025 -3.476  2.644   1.00 17.75 ? 243 ALA A CB  1 
ATOM   652 N  N   . GLU A 1 96  ? -12.279 -2.837  4.204   1.00 14.12 ? 244 GLU A N   1 
ATOM   653 C  CA  . GLU A 1 96  ? -11.620 -2.031  5.215   1.00 14.81 ? 244 GLU A CA  1 
ATOM   654 C  C   . GLU A 1 96  ? -10.499 -1.166  4.638   1.00 13.70 ? 244 GLU A C   1 
ATOM   655 O  O   . GLU A 1 96  ? -10.211 -0.089  5.163   1.00 13.79 ? 244 GLU A O   1 
ATOM   656 C  CB  . GLU A 1 96  ? -11.081 -2.918  6.340   1.00 15.46 ? 244 GLU A CB  1 
ATOM   657 C  CG  . GLU A 1 96  ? -10.653 -2.143  7.578   1.00 20.02 ? 244 GLU A CG  1 
ATOM   658 C  CD  . GLU A 1 96  ? -11.802 -1.383  8.240   1.00 24.49 ? 244 GLU A CD  1 
ATOM   659 O  OE1 . GLU A 1 96  ? -12.973 -1.779  8.068   1.00 24.93 ? 244 GLU A OE1 1 
ATOM   660 O  OE2 . GLU A 1 96  ? -11.531 -0.385  8.941   1.00 26.59 ? 244 GLU A OE2 1 
ATOM   661 N  N   . PHE A 1 97  ? -9.878  -1.633  3.559   1.00 12.05 ? 245 PHE A N   1 
ATOM   662 C  CA  . PHE A 1 97  ? -8.811  -0.880  2.919   1.00 11.85 ? 245 PHE A CA  1 
ATOM   663 C  C   . PHE A 1 97  ? -9.411  0.442   2.426   1.00 12.63 ? 245 PHE A C   1 
ATOM   664 O  O   . PHE A 1 97  ? -8.893  1.524   2.715   1.00 11.85 ? 245 PHE A O   1 
ATOM   665 C  CB  . PHE A 1 97  ? -8.237  -1.703  1.759   1.00 14.55 ? 245 PHE A CB  1 
ATOM   666 C  CG  . PHE A 1 97  ? -7.345  -0.928  0.824   1.00 12.59 ? 245 PHE A CG  1 
ATOM   667 C  CD1 . PHE A 1 97  ? -6.030  -0.633  1.176   1.00 14.18 ? 245 PHE A CD1 1 
ATOM   668 C  CD2 . PHE A 1 97  ? -7.814  -0.523  -0.418  1.00 12.14 ? 245 PHE A CD2 1 
ATOM   669 C  CE1 . PHE A 1 97  ? -5.189  0.060   0.288   1.00 13.41 ? 245 PHE A CE1 1 
ATOM   670 C  CE2 . PHE A 1 97  ? -6.987  0.168   -1.309  1.00 15.56 ? 245 PHE A CE2 1 
ATOM   671 C  CZ  . PHE A 1 97  ? -5.668  0.461   -0.954  1.00 13.08 ? 245 PHE A CZ  1 
ATOM   672 N  N   . TRP A 1 98  ? -10.517 0.356   1.698   1.00 12.59 ? 246 TRP A N   1 
ATOM   673 C  CA  . TRP A 1 98  ? -11.171 1.559   1.193   1.00 12.31 ? 246 TRP A CA  1 
ATOM   674 C  C   . TRP A 1 98  ? -11.733 2.410   2.331   1.00 12.20 ? 246 TRP A C   1 
ATOM   675 O  O   . TRP A 1 98  ? -11.667 3.639   2.289   1.00 12.43 ? 246 TRP A O   1 
ATOM   676 C  CB  . TRP A 1 98  ? -12.286 1.177   0.221   1.00 11.63 ? 246 TRP A CB  1 
ATOM   677 C  CG  . TRP A 1 98  ? -11.782 0.463   -0.985  1.00 14.87 ? 246 TRP A CG  1 
ATOM   678 C  CD1 . TRP A 1 98  ? -12.061 -0.819  -1.355  1.00 13.99 ? 246 TRP A CD1 1 
ATOM   679 C  CD2 . TRP A 1 98  ? -10.892 0.989   -1.979  1.00 15.76 ? 246 TRP A CD2 1 
ATOM   680 N  NE1 . TRP A 1 98  ? -11.402 -1.127  -2.520  1.00 17.27 ? 246 TRP A NE1 1 
ATOM   681 C  CE2 . TRP A 1 98  ? -10.681 -0.041  -2.925  1.00 14.92 ? 246 TRP A CE2 1 
ATOM   682 C  CE3 . TRP A 1 98  ? -10.257 2.223   -2.164  1.00 15.82 ? 246 TRP A CE3 1 
ATOM   683 C  CZ2 . TRP A 1 98  ? -9.855  0.135   -4.040  1.00 16.48 ? 246 TRP A CZ2 1 
ATOM   684 C  CZ3 . TRP A 1 98  ? -9.434  2.395   -3.278  1.00 15.61 ? 246 TRP A CZ3 1 
ATOM   685 C  CH2 . TRP A 1 98  ? -9.243  1.357   -4.199  1.00 14.38 ? 246 TRP A CH2 1 
ATOM   686 N  N   . LYS A 1 99  ? -12.286 1.764   3.352   1.00 12.37 ? 247 LYS A N   1 
ATOM   687 C  CA  . LYS A 1 99  ? -12.851 2.497   4.477   1.00 14.78 ? 247 LYS A CA  1 
ATOM   688 C  C   . LYS A 1 99  ? -11.795 3.376   5.133   1.00 13.93 ? 247 LYS A C   1 
ATOM   689 O  O   . LYS A 1 99  ? -12.039 4.547   5.407   1.00 14.44 ? 247 LYS A O   1 
ATOM   690 C  CB  . LYS A 1 99  ? -13.427 1.529   5.523   1.00 19.26 ? 247 LYS A CB  1 
ATOM   691 C  CG  . LYS A 1 99  ? -13.970 2.220   6.789   1.00 24.72 ? 247 LYS A CG  1 
ATOM   692 C  CD  . LYS A 1 99  ? -14.534 1.213   7.802   1.00 31.44 ? 247 LYS A CD  1 
ATOM   693 C  CE  . LYS A 1 99  ? -15.224 1.903   8.991   1.00 33.94 ? 247 LYS A CE  1 
ATOM   694 N  NZ  . LYS A 1 99  ? -16.023 0.948   9.833   1.00 36.29 ? 247 LYS A NZ  1 
ATOM   695 N  N   . LEU A 1 100 ? -10.622 2.806   5.392   1.00 12.12 ? 248 LEU A N   1 
ATOM   696 C  CA  . LEU A 1 100 ? -9.538  3.543   6.027   1.00 13.83 ? 248 LEU A CA  1 
ATOM   697 C  C   . LEU A 1 100 ? -9.016  4.691   5.147   1.00 12.79 ? 248 LEU A C   1 
ATOM   698 O  O   . LEU A 1 100 ? -8.485  5.680   5.658   1.00 13.07 ? 248 LEU A O   1 
ATOM   699 C  CB  . LEU A 1 100 ? -8.388  2.591   6.376   1.00 13.67 ? 248 LEU A CB  1 
ATOM   700 C  CG  . LEU A 1 100 ? -8.698  1.627   7.521   1.00 16.65 ? 248 LEU A CG  1 
ATOM   701 C  CD1 . LEU A 1 100 ? -7.668  0.501   7.532   1.00 16.31 ? 248 LEU A CD1 1 
ATOM   702 C  CD2 . LEU A 1 100 ? -8.692  2.385   8.841   1.00 15.63 ? 248 LEU A CD2 1 
ATOM   703 N  N   . LEU A 1 101 ? -9.176  4.552   3.836   1.00 10.83 ? 249 LEU A N   1 
ATOM   704 C  CA  . LEU A 1 101 ? -8.733  5.568   2.889   1.00 11.68 ? 249 LEU A CA  1 
ATOM   705 C  C   . LEU A 1 101 ? -9.792  6.661   2.699   1.00 13.83 ? 249 LEU A C   1 
ATOM   706 O  O   . LEU A 1 101 ? -9.608  7.593   1.904   1.00 12.82 ? 249 LEU A O   1 
ATOM   707 C  CB  . LEU A 1 101 ? -8.410  4.918   1.543   1.00 10.90 ? 249 LEU A CB  1 
ATOM   708 C  CG  . LEU A 1 101 ? -7.086  4.149   1.520   1.00 13.25 ? 249 LEU A CG  1 
ATOM   709 C  CD1 . LEU A 1 101 ? -7.013  3.322   0.262   1.00 12.98 ? 249 LEU A CD1 1 
ATOM   710 C  CD2 . LEU A 1 101 ? -5.921  5.123   1.598   1.00 13.73 ? 249 LEU A CD2 1 
ATOM   711 N  N   . GLY A 1 102 ? -10.898 6.534   3.434   1.00 13.21 ? 250 GLY A N   1 
ATOM   712 C  CA  . GLY A 1 102 ? -11.960 7.521   3.355   1.00 16.72 ? 250 GLY A CA  1 
ATOM   713 C  C   . GLY A 1 102 ? -13.025 7.186   2.342   1.00 17.55 ? 250 GLY A C   1 
ATOM   714 O  O   . GLY A 1 102 ? -13.915 7.995   2.096   1.00 20.30 ? 250 GLY A O   1 
ATOM   715 N  N   . GLY A 1 103 ? -12.939 6.004   1.742   1.00 18.05 ? 251 GLY A N   1 
ATOM   716 C  CA  . GLY A 1 103 ? -13.939 5.613   0.767   1.00 19.14 ? 251 GLY A CA  1 
ATOM   717 C  C   . GLY A 1 103 ? -13.398 5.243   -0.597  1.00 22.27 ? 251 GLY A C   1 
ATOM   718 O  O   . GLY A 1 103 ? -12.478 5.878   -1.108  1.00 23.52 ? 251 GLY A O   1 
ATOM   719 N  N   . LYS A 1 104 ? -13.982 4.216   -1.201  1.00 22.55 ? 252 LYS A N   1 
ATOM   720 C  CA  . LYS A 1 104 ? -13.551 3.756   -2.511  1.00 26.74 ? 252 LYS A CA  1 
ATOM   721 C  C   . LYS A 1 104 ? -13.915 4.762   -3.597  1.00 28.53 ? 252 LYS A C   1 
ATOM   722 O  O   . LYS A 1 104 ? -15.003 5.353   -3.577  1.00 29.28 ? 252 LYS A O   1 
ATOM   723 C  CB  . LYS A 1 104 ? -14.179 2.393   -2.808  1.00 29.25 ? 252 LYS A CB  1 
ATOM   724 C  CG  . LYS A 1 104 ? -14.200 2.020   -4.271  1.00 33.01 ? 252 LYS A CG  1 
ATOM   725 C  CD  . LYS A 1 104 ? -13.499 0.701   -4.515  1.00 36.22 ? 252 LYS A CD  1 
ATOM   726 C  CE  . LYS A 1 104 ? -12.598 0.800   -5.733  1.00 39.62 ? 252 LYS A CE  1 
ATOM   727 N  NZ  . LYS A 1 104 ? -12.203 -0.536  -6.258  1.00 42.41 ? 252 LYS A NZ  1 
ATOM   728 N  N   . GLY A 1 105 ? -13.000 4.959   -4.540  1.00 29.65 ? 253 GLY A N   1 
ATOM   729 C  CA  . GLY A 1 105 ? -13.227 5.900   -5.627  1.00 30.62 ? 253 GLY A CA  1 
ATOM   730 C  C   . GLY A 1 105 ? -12.244 5.674   -6.761  1.00 31.56 ? 253 GLY A C   1 
ATOM   731 O  O   . GLY A 1 105 ? -11.383 4.802   -6.665  1.00 32.14 ? 253 GLY A O   1 
ATOM   732 N  N   . ALA A 1 106 ? -12.362 6.455   -7.832  1.00 33.01 ? 254 ALA A N   1 
ATOM   733 C  CA  . ALA A 1 106 ? -11.470 6.320   -8.987  1.00 33.76 ? 254 ALA A CA  1 
ATOM   734 C  C   . ALA A 1 106 ? -10.034 6.721   -8.639  1.00 33.62 ? 254 ALA A C   1 
ATOM   735 O  O   . ALA A 1 106 ? -9.796  7.753   -8.010  1.00 34.62 ? 254 ALA A O   1 
ATOM   736 C  CB  . ALA A 1 106 ? -11.988 7.161   -10.167 1.00 32.72 ? 254 ALA A CB  1 
ATOM   737 N  N   . ILE A 1 107 ? -9.090  5.885   -9.067  1.00 33.04 ? 255 ILE A N   1 
ATOM   738 C  CA  . ILE A 1 107 ? -7.659  6.070   -8.830  1.00 30.90 ? 255 ILE A CA  1 
ATOM   739 C  C   . ILE A 1 107 ? -7.019  6.832   -9.993  1.00 29.84 ? 255 ILE A C   1 
ATOM   740 O  O   . ILE A 1 107 ? -7.336  6.575   -11.148 1.00 29.42 ? 255 ILE A O   1 
ATOM   741 C  CB  . ILE A 1 107 ? -6.975  4.680   -8.691  1.00 30.70 ? 255 ILE A CB  1 
ATOM   742 C  CG1 . ILE A 1 107 ? -7.545  3.951   -7.472  1.00 31.77 ? 255 ILE A CG1 1 
ATOM   743 C  CG2 . ILE A 1 107 ? -5.472  4.824   -8.572  1.00 30.61 ? 255 ILE A CG2 1 
ATOM   744 C  CD1 . ILE A 1 107 ? -7.635  4.821   -6.238  1.00 30.53 ? 255 ILE A CD1 1 
ATOM   745 N  N   . ALA A 1 108 ? -6.127  7.771   -9.697  1.00 29.11 ? 256 ALA A N   1 
ATOM   746 C  CA  . ALA A 1 108 ? -5.463  8.522   -10.760 1.00 29.94 ? 256 ALA A CA  1 
ATOM   747 C  C   . ALA A 1 108 ? -4.574  7.565   -11.552 1.00 30.86 ? 256 ALA A C   1 
ATOM   748 O  O   . ALA A 1 108 ? -4.004  6.625   -10.994 1.00 30.35 ? 256 ALA A O   1 
ATOM   749 C  CB  . ALA A 1 108 ? -4.631  9.653   -10.173 1.00 28.15 ? 256 ALA A CB  1 
ATOM   750 N  N   . ALA A 1 109 ? -4.469  7.792   -12.855 1.00 31.56 ? 257 ALA A N   1 
ATOM   751 C  CA  . ALA A 1 109 ? -3.655  6.938   -13.704 1.00 34.82 ? 257 ALA A CA  1 
ATOM   752 C  C   . ALA A 1 109 ? -2.182  7.079   -13.339 1.00 37.45 ? 257 ALA A C   1 
ATOM   753 O  O   . ALA A 1 109 ? -1.400  6.136   -13.471 1.00 38.22 ? 257 ALA A O   1 
ATOM   754 C  CB  . ALA A 1 109 ? -3.872  7.295   -15.173 1.00 32.42 ? 257 ALA A CB  1 
ATOM   755 N  N   . LYS A 1 110 ? -1.801  8.255   -12.867 1.00 40.47 ? 258 LYS A N   1 
ATOM   756 C  CA  . LYS A 1 110 ? -0.413  8.480   -12.502 1.00 45.46 ? 258 LYS A CA  1 
ATOM   757 C  C   . LYS A 1 110 ? -0.319  9.399   -11.286 1.00 47.00 ? 258 LYS A C   1 
ATOM   758 O  O   . LYS A 1 110 ? -1.289  10.067  -10.931 1.00 48.33 ? 258 LYS A O   1 
ATOM   759 C  CB  . LYS A 1 110 ? 0.340   9.090   -13.694 1.00 46.68 ? 258 LYS A CB  1 
ATOM   760 C  CG  . LYS A 1 110 ? -0.552  9.834   -14.691 1.00 50.27 ? 258 LYS A CG  1 
ATOM   761 C  CD  . LYS A 1 110 ? -0.706  9.065   -16.010 1.00 52.91 ? 258 LYS A CD  1 
ATOM   762 C  CE  . LYS A 1 110 ? -1.926  9.547   -16.807 1.00 53.49 ? 258 LYS A CE  1 
ATOM   763 N  NZ  . LYS A 1 110 ? -2.504  8.474   -17.679 1.00 54.48 ? 258 LYS A NZ  1 
ATOM   764 N  N   . HIS A 1 111 ? 0.842   9.412   -10.636 1.00 48.28 ? 259 HIS A N   1 
ATOM   765 C  CA  . HIS A 1 111 ? 1.049   10.272  -9.479  1.00 50.81 ? 259 HIS A CA  1 
ATOM   766 C  C   . HIS A 1 111 ? 1.366   11.682  -9.975  1.00 52.94 ? 259 HIS A C   1 
ATOM   767 O  O   . HIS A 1 111 ? 0.847   12.652  -9.379  1.00 54.90 ? 259 HIS A O   1 
ATOM   768 C  CB  . HIS A 1 111 ? 2.212   9.762   -8.628  1.00 50.88 ? 259 HIS A CB  1 
ATOM   769 C  CG  . HIS A 1 111 ? 2.565   10.659  -7.478  1.00 51.69 ? 259 HIS A CG  1 
ATOM   770 N  ND1 . HIS A 1 111 ? 3.812   11.227  -7.329  1.00 52.87 ? 259 HIS A ND1 1 
ATOM   771 C  CD2 . HIS A 1 111 ? 1.843   11.058  -6.400  1.00 51.48 ? 259 HIS A CD2 1 
ATOM   772 C  CE1 . HIS A 1 111 ? 3.845   11.935  -6.211  1.00 51.84 ? 259 HIS A CE1 1 
ATOM   773 N  NE2 . HIS A 1 111 ? 2.662   11.846  -5.632  1.00 52.62 ? 259 HIS A NE2 1 
HETATM 774 CA CA  . CA  B 2 .   ? 2.705   -10.853 10.977  1.00 32.33 ? 1   CA  A CA  1 
HETATM 775 NA NA  . NA  C 3 .   ? 5.564   3.154   -10.775 1.00 23.78 ? 2   NA  A NA  1 
HETATM 776 O  O   . HOH D 4 .   ? 7.627   7.249   -3.167  1.00 12.87 ? 3   HOH A O   1 
HETATM 777 O  O   . HOH D 4 .   ? 0.030   8.703   5.947   1.00 13.42 ? 4   HOH A O   1 
HETATM 778 O  O   . HOH D 4 .   ? -6.119  11.381  6.199   1.00 13.53 ? 5   HOH A O   1 
HETATM 779 O  O   . HOH D 4 .   ? 12.940  -3.052  -5.290  1.00 16.73 ? 6   HOH A O   1 
HETATM 780 O  O   . HOH D 4 .   ? 3.539   -11.381 17.809  1.00 17.19 ? 7   HOH A O   1 
HETATM 781 O  O   . HOH D 4 .   ? -0.416  9.144   -6.545  1.00 17.39 ? 8   HOH A O   1 
HETATM 782 O  O   . HOH D 4 .   ? 5.262   7.314   9.618   1.00 17.96 ? 9   HOH A O   1 
HETATM 783 O  O   . HOH D 4 .   ? 4.844   -8.185  -3.336  1.00 18.32 ? 10  HOH A O   1 
HETATM 784 O  O   . HOH D 4 .   ? 12.540  -4.273  10.850  1.00 18.94 ? 11  HOH A O   1 
HETATM 785 O  O   . HOH D 4 .   ? 14.499  -0.848  -6.571  1.00 20.39 ? 12  HOH A O   1 
HETATM 786 O  O   . HOH D 4 .   ? -7.679  8.295   9.599   1.00 20.64 ? 13  HOH A O   1 
HETATM 787 O  O   . HOH D 4 .   ? -7.544  -2.962  9.488   1.00 21.19 ? 14  HOH A O   1 
HETATM 788 O  O   . HOH D 4 .   ? 5.077   -12.408 10.973  1.00 21.37 ? 15  HOH A O   1 
HETATM 789 O  O   . HOH D 4 .   ? 7.359   9.766   7.292   1.00 21.66 ? 16  HOH A O   1 
HETATM 790 O  O   . HOH D 4 .   ? 1.982   -13.445 13.960  1.00 22.09 ? 17  HOH A O   1 
HETATM 791 O  O   . HOH D 4 .   ? -0.237  -12.231 14.465  1.00 22.21 ? 18  HOH A O   1 
HETATM 792 O  O   . HOH D 4 .   ? 0.869   9.731   -3.130  1.00 22.21 ? 19  HOH A O   1 
HETATM 793 O  O   . HOH D 4 .   ? 5.823   -8.764  2.818   1.00 22.60 ? 20  HOH A O   1 
HETATM 794 O  O   . HOH D 4 .   ? 0.888   -5.104  -11.651 1.00 22.66 ? 21  HOH A O   1 
HETATM 795 O  O   . HOH D 4 .   ? -12.032 -5.728  -5.125  1.00 22.75 ? 22  HOH A O   1 
HETATM 796 O  O   . HOH D 4 .   ? 12.227  5.498   2.950   1.00 23.34 ? 23  HOH A O   1 
HETATM 797 O  O   . HOH D 4 .   ? 2.747   -11.391 8.280   1.00 24.00 ? 24  HOH A O   1 
HETATM 798 O  O   . HOH D 4 .   ? 13.125  6.685   -7.436  1.00 24.32 ? 25  HOH A O   1 
HETATM 799 O  O   . HOH D 4 .   ? 10.519  7.673   -6.707  1.00 24.39 ? 26  HOH A O   1 
HETATM 800 O  O   . HOH D 4 .   ? 5.523   9.649   -3.099  1.00 24.44 ? 27  HOH A O   1 
HETATM 801 O  O   . HOH D 4 .   ? 12.355  -6.422  5.239   1.00 24.66 ? 28  HOH A O   1 
HETATM 802 O  O   . HOH D 4 .   ? -9.027  6.415   8.331   1.00 24.77 ? 29  HOH A O   1 
HETATM 803 O  O   . HOH D 4 .   ? 8.331   -9.865  8.864   1.00 24.86 ? 30  HOH A O   1 
HETATM 804 O  O   . HOH D 4 .   ? 9.964   8.673   -2.762  1.00 25.04 ? 31  HOH A O   1 
HETATM 805 O  O   . HOH D 4 .   ? 9.985   2.632   12.913  1.00 25.42 ? 32  HOH A O   1 
HETATM 806 O  O   . HOH D 4 .   ? 3.129   -8.295  -4.790  1.00 25.51 ? 33  HOH A O   1 
HETATM 807 O  O   . HOH D 4 .   ? 5.998   1.520   -12.798 1.00 25.56 ? 34  HOH A O   1 
HETATM 808 O  O   . HOH D 4 .   ? -1.197  -5.016  -9.941  1.00 25.61 ? 35  HOH A O   1 
HETATM 809 O  O   . HOH D 4 .   ? -14.176 9.844   0.418   1.00 26.09 ? 36  HOH A O   1 
HETATM 810 O  O   . HOH D 4 .   ? 0.603   -11.916 7.754   1.00 26.37 ? 37  HOH A O   1 
HETATM 811 O  O   . HOH D 4 .   ? -2.907  -9.451  14.369  1.00 26.87 ? 38  HOH A O   1 
HETATM 812 O  O   . HOH D 4 .   ? 1.625   -13.276 11.417  1.00 26.98 ? 39  HOH A O   1 
HETATM 813 O  O   . HOH D 4 .   ? -2.782  13.274  -1.655  1.00 27.33 ? 40  HOH A O   1 
HETATM 814 O  O   . HOH D 4 .   ? 13.260  -1.975  10.958  1.00 27.50 ? 41  HOH A O   1 
HETATM 815 O  O   . HOH D 4 .   ? -5.806  10.377  8.644   1.00 27.52 ? 42  HOH A O   1 
HETATM 816 O  O   . HOH D 4 .   ? 5.371   -10.547 7.302   1.00 27.53 ? 43  HOH A O   1 
HETATM 817 O  O   . HOH D 4 .   ? 10.880  -2.763  -14.149 1.00 27.87 ? 44  HOH A O   1 
HETATM 818 O  O   . HOH D 4 .   ? 6.635   12.143  3.500   1.00 27.95 ? 45  HOH A O   1 
HETATM 819 O  O   . HOH D 4 .   ? -13.084 -5.149  5.357   1.00 28.05 ? 46  HOH A O   1 
HETATM 820 O  O   . HOH D 4 .   ? 13.430  3.218   -13.686 1.00 28.42 ? 47  HOH A O   1 
HETATM 821 O  O   . HOH D 4 .   ? 10.650  -8.033  -1.133  1.00 28.51 ? 48  HOH A O   1 
HETATM 822 O  O   . HOH D 4 .   ? 3.960   -13.980 13.545  1.00 28.63 ? 49  HOH A O   1 
HETATM 823 O  O   . HOH D 4 .   ? -6.377  4.945   -12.894 1.00 28.88 ? 50  HOH A O   1 
HETATM 824 O  O   . HOH D 4 .   ? -12.181 1.987   10.104  1.00 29.18 ? 51  HOH A O   1 
HETATM 825 O  O   . HOH D 4 .   ? 1.233   9.062   10.394  1.00 30.54 ? 52  HOH A O   1 
HETATM 826 O  O   . HOH D 4 .   ? 5.293   7.841   -9.466  1.00 30.82 ? 53  HOH A O   1 
HETATM 827 O  O   . HOH D 4 .   ? 0.703   2.987   11.554  1.00 30.84 ? 54  HOH A O   1 
HETATM 828 O  O   . HOH D 4 .   ? 7.024   6.062   -9.951  1.00 31.08 ? 55  HOH A O   1 
HETATM 829 O  O   . HOH D 4 .   ? 10.458  -9.628  15.101  1.00 31.20 ? 56  HOH A O   1 
HETATM 830 O  O   . HOH D 4 .   ? -5.176  -11.332 -1.395  1.00 31.21 ? 57  HOH A O   1 
HETATM 831 O  O   . HOH D 4 .   ? -6.542  -10.284 -3.724  1.00 31.69 ? 58  HOH A O   1 
HETATM 832 O  O   . HOH D 4 .   ? -9.445  -1.382  10.407  1.00 31.73 ? 59  HOH A O   1 
HETATM 833 O  O   . HOH D 4 .   ? 3.831   -8.361  0.964   1.00 32.18 ? 60  HOH A O   1 
HETATM 834 O  O   . HOH D 4 .   ? 13.488  6.329   -10.435 1.00 32.93 ? 61  HOH A O   1 
HETATM 835 O  O   . HOH D 4 .   ? -1.047  -13.226 9.784   1.00 32.94 ? 62  HOH A O   1 
HETATM 836 O  O   . HOH D 4 .   ? 0.932   -15.453 13.177  1.00 32.98 ? 63  HOH A O   1 
HETATM 837 O  O   . HOH D 4 .   ? 4.449   -10.343 -1.285  1.00 33.21 ? 64  HOH A O   1 
HETATM 838 O  O   . HOH D 4 .   ? -3.766  -5.200  -10.985 1.00 33.52 ? 65  HOH A O   1 
HETATM 839 O  O   . HOH D 4 .   ? -2.194  11.173  6.388   1.00 33.97 ? 66  HOH A O   1 
HETATM 840 O  O   . HOH D 4 .   ? 7.987   1.886   10.907  1.00 34.01 ? 67  HOH A O   1 
HETATM 841 O  O   . HOH D 4 .   ? 5.043   -10.028 5.118   1.00 34.03 ? 68  HOH A O   1 
HETATM 842 O  O   . HOH D 4 .   ? 7.906   -0.097  11.996  1.00 34.28 ? 69  HOH A O   1 
HETATM 843 O  O   . HOH D 4 .   ? 12.706  -7.134  7.256   1.00 34.29 ? 70  HOH A O   1 
HETATM 844 O  O   . HOH D 4 .   ? 2.746   6.595   -11.204 1.00 34.39 ? 71  HOH A O   1 
HETATM 845 O  O   . HOH D 4 .   ? 13.159  4.976   0.358   1.00 34.64 ? 72  HOH A O   1 
HETATM 846 O  O   . HOH D 4 .   ? -8.717  1.484   -10.464 1.00 34.97 ? 73  HOH A O   1 
HETATM 847 O  O   . HOH D 4 .   ? 13.524  -5.362  13.348  1.00 35.16 ? 74  HOH A O   1 
HETATM 848 O  O   . HOH D 4 .   ? -6.322  1.637   15.473  1.00 35.87 ? 75  HOH A O   1 
HETATM 849 O  O   . HOH D 4 .   ? 11.179  8.932   -5.087  1.00 36.11 ? 76  HOH A O   1 
HETATM 850 O  O   . HOH D 4 .   ? -11.914 -3.058  -4.946  1.00 36.18 ? 77  HOH A O   1 
HETATM 851 O  O   . HOH D 4 .   ? 13.808  -9.122  -4.293  1.00 36.63 ? 78  HOH A O   1 
HETATM 852 O  O   . HOH D 4 .   ? 0.831   12.171  -2.624  1.00 36.65 ? 79  HOH A O   1 
HETATM 853 O  O   . HOH D 4 .   ? -0.387  14.228  -2.292  1.00 36.80 ? 80  HOH A O   1 
HETATM 854 O  O   . HOH D 4 .   ? -16.283 2.940   -0.229  1.00 37.21 ? 81  HOH A O   1 
HETATM 855 O  O   . HOH D 4 .   ? -9.417  -1.413  -6.875  1.00 38.62 ? 82  HOH A O   1 
HETATM 856 O  O   . HOH D 4 .   ? 9.483   9.174   -8.847  1.00 39.43 ? 83  HOH A O   1 
HETATM 857 O  O   . HOH D 4 .   ? 2.482   -3.459  17.403  1.00 39.54 ? 84  HOH A O   1 
HETATM 858 O  O   . HOH D 4 .   ? 16.296  -3.679  -10.576 1.00 40.00 ? 85  HOH A O   1 
HETATM 859 O  O   . HOH D 4 .   ? -16.651 7.612   -4.762  1.00 40.09 ? 86  HOH A O   1 
HETATM 860 O  O   . HOH D 4 .   ? -9.451  7.177   -13.088 1.00 40.11 ? 87  HOH A O   1 
HETATM 861 O  O   . HOH D 4 .   ? 8.417   -10.700 12.174  1.00 40.51 ? 88  HOH A O   1 
HETATM 862 O  O   . HOH D 4 .   ? -5.615  10.173  -13.976 1.00 40.54 ? 89  HOH A O   1 
HETATM 863 O  O   . HOH D 4 .   ? 8.536   -11.591 14.175  1.00 41.32 ? 90  HOH A O   1 
HETATM 864 O  O   . HOH D 4 .   ? -1.701  -11.711 1.411   1.00 42.39 ? 91  HOH A O   1 
HETATM 865 O  O   . HOH D 4 .   ? 9.161   11.564  -1.818  1.00 43.71 ? 92  HOH A O   1 
HETATM 866 O  O   . HOH D 4 .   ? 6.859   9.687   -7.528  1.00 43.88 ? 93  HOH A O   1 
HETATM 867 O  O   . HOH D 4 .   ? -6.337  8.483   -6.467  1.00 44.69 ? 94  HOH A O   1 
HETATM 868 O  O   . HOH D 4 .   ? 9.106   12.522  0.850   1.00 44.81 ? 95  HOH A O   1 
HETATM 869 O  O   . HOH D 4 .   ? 11.437  -3.691  17.044  1.00 45.18 ? 96  HOH A O   1 
HETATM 870 O  O   . HOH D 4 .   ? -8.898  9.362   -6.111  1.00 45.39 ? 97  HOH A O   1 
HETATM 871 O  O   . HOH D 4 .   ? -15.977 4.176   3.541   1.00 45.44 ? 98  HOH A O   1 
HETATM 872 O  O   . HOH D 4 .   ? -9.633  3.660   -11.170 1.00 45.54 ? 99  HOH A O   1 
HETATM 873 O  O   . HOH D 4 .   ? -1.599  -10.844 -4.467  1.00 45.58 ? 100 HOH A O   1 
HETATM 874 O  O   . HOH D 4 .   ? 11.392  -9.822  -2.869  1.00 45.83 ? 101 HOH A O   1 
HETATM 875 O  O   . HOH D 4 .   ? 0.709   6.816   12.560  1.00 46.63 ? 102 HOH A O   1 
HETATM 876 O  O   . HOH D 4 .   ? -9.661  -11.427 -7.924  1.00 47.34 ? 103 HOH A O   1 
HETATM 877 O  O   . HOH D 4 .   ? 2.190   -15.751 9.869   1.00 48.42 ? 104 HOH A O   1 
HETATM 878 O  O   . HOH D 4 .   ? 5.396   -13.501 7.773   1.00 48.57 ? 105 HOH A O   1 
HETATM 879 O  O   . HOH D 4 .   ? 5.679   3.165   13.800  1.00 49.31 ? 106 HOH A O   1 
HETATM 880 O  O   . HOH D 4 .   ? 13.258  -5.860  -1.665  1.00 49.63 ? 107 HOH A O   1 
HETATM 881 O  O   . HOH D 4 .   ? -6.677  1.711   11.538  1.00 49.86 ? 108 HOH A O   1 
HETATM 882 O  O   . HOH D 4 .   ? -16.510 7.042   -1.716  1.00 51.10 ? 109 HOH A O   1 
HETATM 883 O  O   . HOH D 4 .   ? 15.445  0.424   -4.441  1.00 51.63 ? 110 HOH A O   1 
HETATM 884 O  O   . HOH D 4 .   ? -14.523 -3.572  6.852   1.00 51.74 ? 111 HOH A O   1 
HETATM 885 O  O   . HOH D 4 .   ? -1.047  13.366  6.176   1.00 51.84 ? 112 HOH A O   1 
HETATM 886 O  O   . HOH D 4 .   ? -5.392  0.594   -14.114 1.00 52.00 ? 113 HOH A O   1 
HETATM 887 O  O   . HOH D 4 .   ? 2.946   4.194   12.395  1.00 52.12 ? 114 HOH A O   1 
HETATM 888 O  O   . HOH D 4 .   ? -6.488  -8.877  -10.922 1.00 52.62 ? 115 HOH A O   1 
HETATM 889 O  O   . HOH D 4 .   ? -15.393 7.131   -7.864  1.00 55.48 ? 116 HOH A O   1 
# 
